data_4Y4M
#
_entry.id   4Y4M
#
_cell.length_a   180.760
_cell.length_b   180.760
_cell.length_c   73.328
_cell.angle_alpha   90.00
_cell.angle_beta   90.00
_cell.angle_gamma   120.00
#
_symmetry.space_group_name_H-M   'P 32'
#
loop_
_entity.id
_entity.type
_entity.pdbx_description
1 polymer 'Putative ribose 1,5-bisphosphate isomerase'
2 non-polymer '[[(2R,3S,4R,5R)-5-(6-aminopurin-9-yl)-3,4-bis(oxidanyl)oxolan-2-yl]methoxy-oxidanyl-phosphoryl] [(2R,3R)-2,3,5-tris(oxidanyl)-4-oxidanylidene-pentyl] hydrogen phosphate'
3 non-polymer '2-[N-CYCLOHEXYLAMINO]ETHANE SULFONIC ACID'
4 water water
#
_entity_poly.entity_id   1
_entity_poly.type   'polypeptide(L)'
_entity_poly.pdbx_seq_one_letter_code
;MGSDKIHHHHHHSSGENLYFQGHMVNLMNIKDIKLNADETKTTKAILKASFDMWLDIVEADVVIVGAGPSGLTCARYLAK
EGFKVVVLERHLAFGGGTWGGGMGFPYIVVEEPADELLREVGIKLIDMGDGYYVADSVEVPAKLAVAAMDAGAKILTGIV
VEDLILREDGVAGVVINSYAIERAGLHIDPLTIRSKVVVDATGHEASIVNILVKKNKLEADVPGEKSMWAEKGENALLRN
TREVYPNLFVCGMAANASHGGYRMGAIFGGMYLSGKLCAELITEKLKNKE
;
_entity_poly.pdbx_strand_id   A,B,C,D,E,F,G,H
#
# COMPACT_ATOMS: atom_id res chain seq x y z
N MET A 28 -11.80 53.58 4.80
CA MET A 28 -10.47 52.96 4.46
C MET A 28 -10.53 51.84 3.39
N ASN A 29 -9.53 51.84 2.50
CA ASN A 29 -9.51 50.93 1.37
C ASN A 29 -8.89 49.58 1.70
N ILE A 30 -9.58 48.54 1.27
CA ILE A 30 -9.24 47.16 1.61
C ILE A 30 -7.92 46.69 0.98
N LYS A 31 -7.52 47.30 -0.15
CA LYS A 31 -6.18 47.09 -0.73
C LYS A 31 -5.04 47.73 0.11
N ASP A 32 -5.37 48.73 0.94
CA ASP A 32 -4.39 49.59 1.63
C ASP A 32 -4.23 49.28 3.12
N ILE A 33 -4.23 48.00 3.47
CA ILE A 33 -4.18 47.57 4.87
C ILE A 33 -2.80 47.00 5.25
N LYS A 34 -2.23 47.52 6.33
CA LYS A 34 -1.01 46.99 6.94
C LYS A 34 -1.42 45.94 7.97
N LEU A 35 -1.00 44.69 7.77
CA LEU A 35 -1.26 43.60 8.70
C LEU A 35 0.02 43.29 9.48
N ASN A 36 -0.10 43.20 10.81
CA ASN A 36 1.01 42.87 11.68
C ASN A 36 0.91 41.39 12.07
N ALA A 37 1.75 40.57 11.45
CA ALA A 37 1.70 39.13 11.66
C ALA A 37 3.10 38.65 12.01
N ASP A 38 3.20 37.85 13.06
CA ASP A 38 4.48 37.40 13.59
C ASP A 38 4.38 35.91 13.98
N GLU A 39 5.41 35.15 13.59
CA GLU A 39 5.44 33.71 13.81
C GLU A 39 5.33 33.35 15.30
N THR A 40 6.21 33.89 16.14
CA THR A 40 6.19 33.57 17.54
C THR A 40 4.84 33.96 18.18
N LYS A 41 4.35 35.16 17.91
CA LYS A 41 3.08 35.57 18.52
C LYS A 41 1.97 34.63 18.08
N THR A 42 1.98 34.21 16.82
CA THR A 42 0.99 33.27 16.30
C THR A 42 1.09 31.92 17.00
N THR A 43 2.29 31.39 17.06
CA THR A 43 2.53 30.09 17.66
C THR A 43 2.17 30.08 19.15
N LYS A 44 2.59 31.11 19.89
CA LYS A 44 2.29 31.16 21.32
C LYS A 44 0.78 31.32 21.62
N ALA A 45 0.08 32.04 20.76
CA ALA A 45 -1.35 32.23 20.97
C ALA A 45 -2.07 30.89 20.85
N ILE A 46 -1.72 30.13 19.83
CA ILE A 46 -2.33 28.81 19.63
C ILE A 46 -1.95 27.88 20.76
N LEU A 47 -0.69 27.85 21.15
CA LEU A 47 -0.28 27.02 22.26
C LEU A 47 -1.02 27.41 23.52
N LYS A 48 -0.99 28.68 23.88
CA LYS A 48 -1.58 29.14 25.14
C LYS A 48 -3.07 28.76 25.21
N ALA A 49 -3.79 29.00 24.14
CA ALA A 49 -5.22 28.76 24.15
C ALA A 49 -5.56 27.26 24.18
N SER A 50 -4.78 26.48 23.48
CA SER A 50 -4.97 25.05 23.47
C SER A 50 -4.77 24.44 24.81
N PHE A 51 -3.80 24.96 25.56
CA PHE A 51 -3.53 24.53 26.93
C PHE A 51 -4.65 24.80 27.96
N ASP A 52 -5.24 25.99 27.91
CA ASP A 52 -6.25 26.33 28.85
C ASP A 52 -7.40 25.41 28.51
N MET A 53 -7.63 25.22 27.21
CA MET A 53 -8.68 24.33 26.76
C MET A 53 -8.44 22.91 27.26
N TRP A 54 -7.26 22.35 26.99
CA TRP A 54 -6.98 20.98 27.39
C TRP A 54 -7.03 20.73 28.89
N LEU A 55 -6.37 21.58 29.67
CA LEU A 55 -6.38 21.40 31.12
C LEU A 55 -7.78 21.44 31.69
N ASP A 56 -8.64 22.24 31.09
CA ASP A 56 -10.01 22.34 31.52
C ASP A 56 -10.86 21.11 31.09
N ILE A 57 -10.63 20.62 29.87
CA ILE A 57 -11.56 19.72 29.24
C ILE A 57 -11.44 18.28 29.74
N VAL A 58 -10.33 17.92 30.38
CA VAL A 58 -10.07 16.51 30.73
C VAL A 58 -10.91 15.99 31.89
N GLU A 59 -11.74 16.86 32.46
CA GLU A 59 -12.85 16.48 33.33
C GLU A 59 -14.10 17.14 32.81
N ALA A 60 -15.13 16.35 32.59
CA ALA A 60 -16.39 16.85 32.05
C ALA A 60 -17.57 16.04 32.58
N ASP A 61 -18.77 16.56 32.39
CA ASP A 61 -19.96 15.85 32.82
C ASP A 61 -20.23 14.68 31.86
N VAL A 62 -20.30 15.00 30.58
CA VAL A 62 -20.67 14.01 29.56
C VAL A 62 -19.68 14.05 28.40
N VAL A 63 -19.22 12.86 28.00
CA VAL A 63 -18.45 12.73 26.78
C VAL A 63 -19.32 12.03 25.75
N ILE A 64 -19.48 12.66 24.58
CA ILE A 64 -20.18 12.01 23.47
C ILE A 64 -19.18 11.56 22.42
N VAL A 65 -19.18 10.28 22.08
CA VAL A 65 -18.25 9.78 21.06
C VAL A 65 -18.97 9.71 19.72
N GLY A 66 -18.59 10.59 18.81
CA GLY A 66 -19.18 10.63 17.48
C GLY A 66 -19.90 11.92 17.19
N ALA A 67 -19.35 12.70 16.27
CA ALA A 67 -19.98 13.97 15.90
C ALA A 67 -20.91 13.77 14.72
N GLY A 68 -21.68 12.69 14.76
CA GLY A 68 -22.71 12.46 13.76
C GLY A 68 -24.03 13.17 14.10
N PRO A 69 -25.07 12.91 13.30
CA PRO A 69 -26.33 13.59 13.56
C PRO A 69 -26.93 13.30 14.94
N SER A 70 -26.82 12.07 15.44
CA SER A 70 -27.38 11.76 16.75
C SER A 70 -26.53 12.36 17.87
N GLY A 71 -25.22 12.19 17.80
CA GLY A 71 -24.32 12.72 18.81
C GLY A 71 -24.38 14.24 18.92
N LEU A 72 -24.49 14.93 17.81
CA LEU A 72 -24.54 16.39 17.85
C LEU A 72 -25.89 16.90 18.35
N THR A 73 -26.95 16.14 18.09
CA THR A 73 -28.25 16.50 18.61
C THR A 73 -28.24 16.32 20.13
N CYS A 74 -27.81 15.14 20.58
CA CYS A 74 -27.65 14.92 22.01
C CYS A 74 -26.86 16.03 22.67
N ALA A 75 -25.74 16.43 22.05
CA ALA A 75 -24.88 17.47 22.62
C ALA A 75 -25.60 18.83 22.76
N ARG A 76 -26.39 19.19 21.76
CA ARG A 76 -27.21 20.41 21.79
C ARG A 76 -28.06 20.45 23.09
N TYR A 77 -28.83 19.38 23.30
CA TYR A 77 -29.79 19.34 24.38
C TYR A 77 -29.12 19.31 25.74
N LEU A 78 -28.07 18.51 25.90
CA LEU A 78 -27.35 18.46 27.16
C LEU A 78 -26.70 19.80 27.52
N ALA A 79 -26.11 20.46 26.52
CA ALA A 79 -25.49 21.76 26.77
C ALA A 79 -26.50 22.84 27.11
N LYS A 80 -27.66 22.86 26.45
CA LYS A 80 -28.74 23.82 26.79
C LYS A 80 -29.09 23.68 28.28
N GLU A 81 -29.05 22.45 28.76
CA GLU A 81 -29.36 22.13 30.16
C GLU A 81 -28.24 22.52 31.13
N GLY A 82 -27.17 23.12 30.66
CA GLY A 82 -26.09 23.58 31.53
C GLY A 82 -25.03 22.56 31.89
N PHE A 83 -25.09 21.35 31.33
CA PHE A 83 -24.00 20.37 31.51
C PHE A 83 -22.76 20.76 30.71
N LYS A 84 -21.61 20.33 31.21
CA LYS A 84 -20.35 20.46 30.49
C LYS A 84 -20.14 19.23 29.58
N VAL A 85 -20.26 19.46 28.27
CA VAL A 85 -20.26 18.39 27.26
C VAL A 85 -19.07 18.47 26.33
N VAL A 86 -18.43 17.34 26.07
CA VAL A 86 -17.40 17.22 25.03
C VAL A 86 -17.84 16.21 24.00
N VAL A 87 -17.79 16.59 22.73
CA VAL A 87 -17.98 15.65 21.63
C VAL A 87 -16.62 15.32 21.02
N LEU A 88 -16.34 14.05 20.90
CA LEU A 88 -15.06 13.58 20.35
C LEU A 88 -15.31 12.89 19.02
N GLU A 89 -14.53 13.28 18.00
CA GLU A 89 -14.67 12.78 16.65
C GLU A 89 -13.30 12.44 16.09
N ARG A 90 -13.18 11.24 15.50
CA ARG A 90 -11.89 10.77 14.99
C ARG A 90 -11.43 11.62 13.81
N HIS A 91 -12.34 11.89 12.87
CA HIS A 91 -11.98 12.64 11.67
C HIS A 91 -11.78 14.10 11.99
N LEU A 92 -11.05 14.83 11.15
CA LEU A 92 -10.80 16.25 11.36
C LEU A 92 -12.03 17.10 11.22
N ALA A 93 -12.96 16.67 10.37
CA ALA A 93 -14.29 17.28 10.25
C ALA A 93 -15.36 16.49 11.01
N PHE A 94 -16.28 17.22 11.64
CA PHE A 94 -17.47 16.60 12.22
C PHE A 94 -18.38 16.14 11.10
N GLY A 95 -19.51 15.52 11.44
CA GLY A 95 -20.56 15.27 10.48
C GLY A 95 -21.00 13.82 10.33
N GLY A 96 -20.07 12.90 10.58
CA GLY A 96 -20.35 11.49 10.37
C GLY A 96 -20.70 11.19 8.93
N GLY A 97 -21.60 10.24 8.72
CA GLY A 97 -22.02 9.86 7.38
C GLY A 97 -23.28 10.62 7.04
N THR A 98 -23.17 11.93 6.98
CA THR A 98 -24.23 12.76 6.46
C THR A 98 -23.84 13.37 5.11
N TRP A 99 -22.57 13.77 4.97
CA TRP A 99 -22.13 14.64 3.87
C TRP A 99 -22.49 14.09 2.49
N GLY A 100 -22.26 12.80 2.28
CA GLY A 100 -22.49 12.18 0.98
C GLY A 100 -23.96 11.93 0.67
N GLY A 101 -24.82 12.19 1.64
CA GLY A 101 -26.23 11.92 1.48
C GLY A 101 -26.45 10.48 1.08
N GLY A 102 -27.23 10.29 0.02
CA GLY A 102 -27.61 8.96 -0.44
C GLY A 102 -26.81 8.61 -1.67
N MET A 103 -25.90 7.65 -1.53
CA MET A 103 -25.10 7.15 -2.65
C MET A 103 -24.40 8.27 -3.41
N GLY A 104 -24.02 9.32 -2.69
CA GLY A 104 -23.33 10.45 -3.29
C GLY A 104 -24.24 11.62 -3.60
N PHE A 105 -25.54 11.35 -3.73
CA PHE A 105 -26.53 12.39 -4.05
C PHE A 105 -26.77 13.25 -2.81
N PRO A 106 -26.46 14.55 -2.89
CA PRO A 106 -26.28 15.34 -1.65
C PRO A 106 -27.55 15.91 -1.01
N TYR A 107 -28.46 14.99 -0.65
CA TYR A 107 -29.63 15.31 0.14
C TYR A 107 -29.92 14.16 1.09
N ILE A 108 -30.38 14.50 2.29
CA ILE A 108 -30.83 13.50 3.26
C ILE A 108 -32.30 13.77 3.60
N VAL A 109 -32.98 12.74 4.06
CA VAL A 109 -34.41 12.79 4.29
C VAL A 109 -34.71 12.87 5.77
N VAL A 110 -35.78 13.60 6.11
CA VAL A 110 -36.32 13.59 7.47
C VAL A 110 -37.86 13.54 7.41
N GLU A 111 -38.47 12.73 8.27
CA GLU A 111 -39.92 12.53 8.25
C GLU A 111 -40.61 13.19 9.45
N GLU A 112 -41.88 13.60 9.27
CA GLU A 112 -42.68 14.20 10.35
C GLU A 112 -42.71 13.22 11.53
N PRO A 113 -42.60 13.71 12.78
CA PRO A 113 -42.45 15.10 13.24
C PRO A 113 -40.99 15.51 13.53
N ALA A 114 -40.03 14.64 13.19
CA ALA A 114 -38.62 14.92 13.45
C ALA A 114 -38.07 16.09 12.63
N ASP A 115 -38.77 16.48 11.57
CA ASP A 115 -38.42 17.68 10.82
C ASP A 115 -38.31 18.94 11.68
N GLU A 116 -39.09 19.02 12.75
CA GLU A 116 -38.95 20.17 13.68
C GLU A 116 -37.55 20.25 14.27
N LEU A 117 -36.93 19.09 14.52
CA LEU A 117 -35.58 19.07 15.09
C LEU A 117 -34.54 19.68 14.17
N LEU A 118 -34.87 19.80 12.87
CA LEU A 118 -34.02 20.49 11.90
C LEU A 118 -34.38 21.97 11.74
N ARG A 119 -35.65 22.25 11.70
CA ARG A 119 -36.17 23.60 11.55
C ARG A 119 -35.67 24.42 12.69
N GLU A 120 -35.55 23.75 13.82
CA GLU A 120 -35.23 24.28 15.10
C GLU A 120 -33.90 24.97 15.02
N VAL A 121 -33.08 24.49 14.12
CA VAL A 121 -31.66 24.84 14.05
C VAL A 121 -31.34 25.65 12.79
N GLY A 122 -32.39 26.07 12.07
CA GLY A 122 -32.23 26.94 10.91
C GLY A 122 -32.05 26.21 9.60
N ILE A 123 -32.25 24.90 9.59
CA ILE A 123 -32.00 24.13 8.38
C ILE A 123 -33.19 24.25 7.45
N LYS A 124 -32.93 24.61 6.20
CA LYS A 124 -33.98 24.71 5.20
C LYS A 124 -34.37 23.34 4.70
N LEU A 125 -35.67 23.13 4.55
CA LEU A 125 -36.21 21.86 4.13
C LEU A 125 -37.04 22.02 2.89
N ILE A 126 -37.09 20.99 2.07
CA ILE A 126 -37.96 20.96 0.91
C ILE A 126 -39.01 19.88 1.15
N ASP A 127 -40.27 20.23 0.95
CA ASP A 127 -41.39 19.30 1.16
C ASP A 127 -41.50 18.41 -0.07
N MET A 128 -41.35 17.10 0.12
CA MET A 128 -41.44 16.14 -0.98
C MET A 128 -42.75 15.34 -0.93
N GLY A 129 -43.63 15.67 0.02
CA GLY A 129 -44.91 15.01 0.14
C GLY A 129 -44.93 13.93 1.19
N ASP A 130 -46.13 13.60 1.67
CA ASP A 130 -46.37 12.49 2.62
C ASP A 130 -45.58 12.56 3.92
N GLY A 131 -45.22 13.78 4.34
CA GLY A 131 -44.47 13.99 5.57
C GLY A 131 -42.98 13.76 5.40
N TYR A 132 -42.51 13.71 4.15
CA TYR A 132 -41.09 13.55 3.83
C TYR A 132 -40.50 14.89 3.42
N TYR A 133 -39.40 15.26 4.06
CA TYR A 133 -38.63 16.45 3.69
C TYR A 133 -37.16 16.08 3.39
N VAL A 134 -36.53 16.83 2.48
CA VAL A 134 -35.10 16.68 2.26
C VAL A 134 -34.36 17.95 2.67
N ALA A 135 -33.07 17.81 2.92
CA ALA A 135 -32.21 18.94 3.24
C ALA A 135 -30.86 18.70 2.62
N ASP A 136 -30.22 19.78 2.22
CA ASP A 136 -28.88 19.78 1.68
C ASP A 136 -27.94 19.05 2.67
N SER A 137 -27.29 17.98 2.20
CA SER A 137 -26.51 17.10 3.07
C SER A 137 -25.23 17.75 3.60
N VAL A 138 -24.87 18.90 3.05
CA VAL A 138 -23.76 19.71 3.55
C VAL A 138 -24.25 20.71 4.58
N GLU A 139 -25.45 21.27 4.36
CA GLU A 139 -26.05 22.24 5.29
C GLU A 139 -26.34 21.63 6.66
N VAL A 140 -26.78 20.38 6.67
CA VAL A 140 -27.22 19.74 7.90
C VAL A 140 -26.10 19.61 8.93
N PRO A 141 -25.00 18.92 8.59
CA PRO A 141 -23.97 18.76 9.61
C PRO A 141 -23.40 20.09 10.08
N ALA A 142 -23.29 21.05 9.18
CA ALA A 142 -22.81 22.37 9.56
C ALA A 142 -23.70 23.00 10.63
N LYS A 143 -25.00 22.97 10.38
CA LYS A 143 -25.94 23.65 11.28
C LYS A 143 -26.14 22.91 12.61
N LEU A 144 -26.09 21.58 12.57
CA LEU A 144 -26.11 20.79 13.81
C LEU A 144 -24.91 21.09 14.68
N ALA A 145 -23.76 21.28 14.06
CA ALA A 145 -22.52 21.53 14.77
C ALA A 145 -22.57 22.93 15.39
N VAL A 146 -23.03 23.89 14.62
CA VAL A 146 -23.12 25.25 15.12
C VAL A 146 -24.07 25.35 16.31
N ALA A 147 -25.23 24.71 16.19
CA ALA A 147 -26.17 24.64 17.31
C ALA A 147 -25.49 24.08 18.57
N ALA A 148 -24.82 22.95 18.41
CA ALA A 148 -24.16 22.33 19.55
C ALA A 148 -23.14 23.28 20.18
N MET A 149 -22.32 23.88 19.34
CA MET A 149 -21.28 24.75 19.86
C MET A 149 -21.89 26.00 20.52
N ASP A 150 -22.90 26.58 19.89
CA ASP A 150 -23.56 27.76 20.43
C ASP A 150 -24.34 27.44 21.70
N ALA A 151 -24.79 26.19 21.85
CA ALA A 151 -25.41 25.78 23.09
C ALA A 151 -24.41 25.55 24.22
N GLY A 152 -23.12 25.61 23.92
CA GLY A 152 -22.09 25.40 24.94
C GLY A 152 -21.23 24.17 24.77
N ALA A 153 -21.64 23.23 23.94
CA ALA A 153 -20.85 21.99 23.75
C ALA A 153 -19.51 22.23 23.07
N LYS A 154 -18.52 21.48 23.51
CA LYS A 154 -17.20 21.56 22.90
C LYS A 154 -17.04 20.38 21.97
N ILE A 155 -16.54 20.64 20.77
CA ILE A 155 -16.29 19.57 19.80
C ILE A 155 -14.80 19.48 19.55
N LEU A 156 -14.23 18.32 19.79
CA LEU A 156 -12.81 18.09 19.49
C LEU A 156 -12.70 17.06 18.38
N THR A 157 -12.15 17.48 17.25
CA THR A 157 -11.95 16.56 16.14
C THR A 157 -10.50 16.06 16.08
N GLY A 158 -10.27 15.07 15.23
CA GLY A 158 -8.95 14.48 15.14
C GLY A 158 -8.63 13.64 16.36
N ILE A 159 -9.66 13.16 17.04
CA ILE A 159 -9.46 12.49 18.30
C ILE A 159 -10.25 11.21 18.39
N VAL A 160 -9.52 10.15 18.68
CA VAL A 160 -9.99 8.79 18.67
C VAL A 160 -10.20 8.37 20.11
N VAL A 161 -11.33 7.75 20.42
CA VAL A 161 -11.49 7.06 21.71
C VAL A 161 -11.07 5.63 21.48
N GLU A 162 -10.02 5.20 22.19
CA GLU A 162 -9.46 3.86 22.01
C GLU A 162 -9.86 2.89 23.11
N ASP A 163 -10.39 3.42 24.22
CA ASP A 163 -10.74 2.60 25.38
C ASP A 163 -11.61 3.38 26.36
N LEU A 164 -12.11 2.69 27.37
CA LEU A 164 -12.90 3.29 28.41
C LEU A 164 -12.14 3.31 29.72
N ILE A 165 -12.59 4.21 30.60
CA ILE A 165 -12.12 4.24 31.99
C ILE A 165 -13.20 3.61 32.86
N LEU A 166 -12.77 2.76 33.76
CA LEU A 166 -13.70 2.07 34.66
C LEU A 166 -13.49 2.39 36.15
N ARG A 167 -14.59 2.26 36.89
CA ARG A 167 -14.62 2.23 38.35
C ARG A 167 -15.62 1.13 38.72
N GLU A 168 -15.75 0.81 40.01
CA GLU A 168 -16.71 -0.23 40.48
C GLU A 168 -18.15 0.19 40.15
N ASP A 169 -18.40 1.47 40.38
CA ASP A 169 -19.55 2.22 39.91
C ASP A 169 -19.99 1.89 38.47
N GLY A 170 -19.02 1.69 37.57
CA GLY A 170 -19.29 1.56 36.13
C GLY A 170 -18.35 2.42 35.29
N VAL A 171 -18.81 2.85 34.12
CA VAL A 171 -17.95 3.62 33.23
C VAL A 171 -17.65 5.03 33.76
N ALA A 172 -16.38 5.40 33.73
CA ALA A 172 -15.90 6.63 34.38
C ALA A 172 -15.24 7.65 33.43
N GLY A 173 -15.28 7.38 32.13
CA GLY A 173 -14.69 8.27 31.15
C GLY A 173 -14.09 7.50 30.01
N VAL A 174 -13.28 8.19 29.21
CA VAL A 174 -12.74 7.65 27.97
C VAL A 174 -11.23 7.82 27.91
N VAL A 175 -10.61 6.90 27.16
CA VAL A 175 -9.18 6.92 26.89
C VAL A 175 -9.01 7.37 25.45
N ILE A 176 -8.25 8.45 25.25
CA ILE A 176 -8.19 9.14 23.98
C ILE A 176 -6.80 9.15 23.38
N ASN A 177 -6.78 9.24 22.06
CA ASN A 177 -5.57 9.46 21.34
C ASN A 177 -5.86 10.29 20.08
N SER A 178 -4.81 10.62 19.36
CA SER A 178 -4.97 11.38 18.16
C SER A 178 -5.12 10.51 16.94
N TYR A 179 -6.04 10.89 16.07
CA TYR A 179 -6.26 10.26 14.80
C TYR A 179 -4.95 10.13 14.03
N ALA A 180 -4.16 11.20 14.04
CA ALA A 180 -2.90 11.22 13.30
C ALA A 180 -1.98 10.11 13.77
N ILE A 181 -1.89 9.96 15.06
CA ILE A 181 -1.10 8.89 15.63
C ILE A 181 -1.62 7.51 15.22
N GLU A 182 -2.93 7.34 15.26
CA GLU A 182 -3.54 6.08 14.88
C GLU A 182 -3.24 5.74 13.42
N ARG A 183 -3.59 6.64 12.51
CA ARG A 183 -3.33 6.43 11.09
C ARG A 183 -1.88 6.16 10.81
N ALA A 184 -1.01 6.92 11.46
CA ALA A 184 0.44 6.80 11.26
C ALA A 184 1.00 5.48 11.82
N GLY A 185 0.22 4.82 12.66
CA GLY A 185 0.58 3.50 13.17
C GLY A 185 1.61 3.52 14.29
N LEU A 186 1.69 4.61 15.02
CA LEU A 186 2.74 4.74 16.05
C LEU A 186 2.31 4.21 17.40
N HIS A 187 3.25 3.63 18.13
CA HIS A 187 3.00 3.02 19.43
C HIS A 187 3.21 4.10 20.49
N ILE A 188 2.13 4.84 20.78
CA ILE A 188 2.19 5.95 21.71
C ILE A 188 1.03 5.86 22.71
N ASP A 189 1.34 6.04 23.98
CA ASP A 189 0.33 5.98 25.04
C ASP A 189 -0.72 7.09 24.89
N PRO A 190 -1.89 6.90 25.53
CA PRO A 190 -2.98 7.86 25.42
C PRO A 190 -3.06 8.84 26.58
N LEU A 191 -4.07 9.71 26.52
CA LEU A 191 -4.50 10.52 27.66
C LEU A 191 -5.95 10.17 27.99
N THR A 192 -6.55 10.90 28.92
CA THR A 192 -7.86 10.55 29.43
C THR A 192 -8.77 11.77 29.55
N ILE A 193 -10.06 11.51 29.55
CA ILE A 193 -11.07 12.48 29.95
C ILE A 193 -12.02 11.76 30.86
N ARG A 194 -12.12 12.23 32.11
CA ARG A 194 -13.06 11.66 33.08
C ARG A 194 -14.42 12.29 32.88
N SER A 195 -15.46 11.48 33.00
CA SER A 195 -16.81 11.99 32.88
C SER A 195 -17.75 11.16 33.72
N LYS A 196 -18.88 11.76 34.05
CA LYS A 196 -19.96 11.07 34.76
C LYS A 196 -20.67 10.09 33.84
N VAL A 197 -20.77 10.47 32.57
CA VAL A 197 -21.44 9.65 31.57
C VAL A 197 -20.63 9.62 30.26
N VAL A 198 -20.72 8.48 29.55
CA VAL A 198 -20.19 8.35 28.20
C VAL A 198 -21.32 7.94 27.26
N VAL A 199 -21.35 8.52 26.06
CA VAL A 199 -22.35 8.18 25.07
C VAL A 199 -21.66 7.63 23.84
N ASP A 200 -22.10 6.45 23.40
CA ASP A 200 -21.63 5.87 22.15
C ASP A 200 -22.58 6.33 21.06
N ALA A 201 -22.12 7.26 20.24
CA ALA A 201 -22.86 7.75 19.09
C ALA A 201 -22.02 7.56 17.83
N THR A 202 -21.35 6.40 17.74
CA THR A 202 -20.37 6.10 16.68
C THR A 202 -20.93 5.42 15.42
N GLY A 203 -22.24 5.37 15.30
CA GLY A 203 -22.89 4.76 14.14
C GLY A 203 -22.98 3.24 14.24
N HIS A 204 -23.04 2.59 13.09
CA HIS A 204 -23.27 1.15 13.03
C HIS A 204 -22.12 0.36 13.62
N GLU A 205 -20.93 0.97 13.67
CA GLU A 205 -19.78 0.34 14.30
C GLU A 205 -20.09 -0.03 15.77
N ALA A 206 -20.84 0.85 16.47
CA ALA A 206 -21.03 0.75 17.94
C ALA A 206 -19.70 0.46 18.65
N SER A 207 -18.70 1.27 18.33
CA SER A 207 -17.33 0.89 18.63
C SER A 207 -16.97 1.00 20.11
N ILE A 208 -17.63 1.87 20.85
CA ILE A 208 -17.37 2.01 22.29
C ILE A 208 -18.00 0.86 23.09
N VAL A 209 -19.24 0.52 22.76
CA VAL A 209 -19.87 -0.68 23.33
C VAL A 209 -19.05 -1.94 23.03
N ASN A 210 -18.59 -2.09 21.80
CA ASN A 210 -17.75 -3.25 21.44
C ASN A 210 -16.47 -3.34 22.23
N ILE A 211 -15.85 -2.18 22.48
CA ILE A 211 -14.62 -2.13 23.25
C ILE A 211 -14.86 -2.64 24.67
N LEU A 212 -15.91 -2.11 25.29
CA LEU A 212 -16.32 -2.54 26.62
C LEU A 212 -16.46 -4.05 26.70
N VAL A 213 -17.26 -4.63 25.81
CA VAL A 213 -17.52 -6.06 25.80
C VAL A 213 -16.28 -6.88 25.51
N LYS A 214 -15.55 -6.57 24.45
CA LYS A 214 -14.38 -7.35 24.06
C LYS A 214 -13.28 -7.32 25.13
N LYS A 215 -12.85 -6.13 25.51
CA LYS A 215 -11.67 -6.00 26.40
C LYS A 215 -11.93 -6.44 27.83
N ASN A 216 -13.15 -6.23 28.31
CA ASN A 216 -13.50 -6.63 29.67
C ASN A 216 -14.19 -8.00 29.73
N LYS A 217 -14.17 -8.71 28.61
CA LYS A 217 -14.63 -10.09 28.52
C LYS A 217 -16.00 -10.24 29.19
N LEU A 218 -16.93 -9.34 28.88
CA LEU A 218 -18.29 -9.47 29.37
C LEU A 218 -19.01 -10.57 28.61
N GLU A 219 -19.86 -11.30 29.30
CA GLU A 219 -20.66 -12.34 28.67
C GLU A 219 -21.87 -11.63 28.05
N ALA A 220 -21.69 -11.18 26.81
CA ALA A 220 -22.75 -10.54 26.03
C ALA A 220 -22.20 -10.32 24.61
N ASP A 221 -23.08 -10.43 23.63
CA ASP A 221 -22.71 -10.23 22.23
C ASP A 221 -23.27 -8.89 21.78
N VAL A 222 -22.45 -8.10 21.09
CA VAL A 222 -22.96 -6.96 20.34
C VAL A 222 -23.29 -7.52 18.97
N PRO A 223 -24.59 -7.76 18.69
CA PRO A 223 -24.95 -8.48 17.45
C PRO A 223 -24.66 -7.71 16.16
N GLY A 224 -24.79 -6.38 16.20
CA GLY A 224 -24.67 -5.55 15.00
C GLY A 224 -26.01 -5.40 14.29
N GLU A 225 -26.07 -4.41 13.40
CA GLU A 225 -27.29 -4.13 12.65
C GLU A 225 -27.74 -5.33 11.84
N LYS A 226 -29.05 -5.48 11.70
CA LYS A 226 -29.67 -6.39 10.75
C LYS A 226 -29.75 -5.70 9.37
N SER A 227 -30.41 -6.34 8.41
CA SER A 227 -30.61 -5.77 7.09
C SER A 227 -31.58 -4.59 7.11
N MET A 228 -31.92 -4.06 5.95
CA MET A 228 -32.75 -2.87 5.91
C MET A 228 -34.25 -3.18 6.01
N TRP A 229 -34.89 -2.50 6.96
CA TRP A 229 -36.34 -2.44 7.07
C TRP A 229 -36.65 -1.09 7.70
N ALA A 230 -36.77 -0.06 6.88
CA ALA A 230 -36.75 1.31 7.39
C ALA A 230 -37.75 1.58 8.52
N GLU A 231 -38.98 1.10 8.37
CA GLU A 231 -39.99 1.32 9.39
C GLU A 231 -39.67 0.63 10.71
N LYS A 232 -39.49 -0.69 10.70
CA LYS A 232 -39.03 -1.41 11.89
C LYS A 232 -37.78 -0.75 12.52
N GLY A 233 -36.83 -0.36 11.66
CA GLY A 233 -35.59 0.28 12.08
C GLY A 233 -35.75 1.63 12.74
N GLU A 234 -36.49 2.53 12.11
CA GLU A 234 -36.70 3.87 12.68
C GLU A 234 -37.41 3.83 14.02
N ASN A 235 -38.37 2.92 14.18
CA ASN A 235 -39.15 2.86 15.43
C ASN A 235 -38.43 2.15 16.56
N ALA A 236 -37.60 1.16 16.24
CA ALA A 236 -36.81 0.46 17.26
C ALA A 236 -35.79 1.38 17.92
N LEU A 237 -35.35 2.37 17.17
CA LEU A 237 -34.29 3.27 17.58
C LEU A 237 -34.59 3.91 18.92
N LEU A 238 -35.83 4.30 19.13
CA LEU A 238 -36.23 5.01 20.35
C LEU A 238 -36.30 4.07 21.53
N ARG A 239 -36.80 2.87 21.29
CA ARG A 239 -36.78 1.81 22.28
C ARG A 239 -35.33 1.43 22.63
N ASN A 240 -34.46 1.43 21.63
CA ASN A 240 -33.06 0.96 21.80
C ASN A 240 -32.09 2.00 22.33
N THR A 241 -32.55 3.24 22.44
CA THR A 241 -31.75 4.33 22.94
C THR A 241 -31.83 4.34 24.46
N ARG A 242 -30.80 3.83 25.12
CA ARG A 242 -30.85 3.64 26.56
C ARG A 242 -29.47 3.48 27.17
N GLU A 243 -29.44 3.35 28.49
CA GLU A 243 -28.23 3.06 29.22
C GLU A 243 -28.01 1.56 29.16
N VAL A 244 -26.96 1.12 28.49
CA VAL A 244 -26.73 -0.31 28.29
C VAL A 244 -25.81 -0.92 29.31
N TYR A 245 -25.06 -0.09 30.03
CA TYR A 245 -24.16 -0.55 31.06
C TYR A 245 -23.98 0.69 31.93
N PRO A 246 -23.70 0.53 33.22
CA PRO A 246 -23.76 1.74 34.07
C PRO A 246 -22.91 2.92 33.57
N ASN A 247 -23.58 4.05 33.38
CA ASN A 247 -22.97 5.29 32.84
C ASN A 247 -22.65 5.30 31.34
N LEU A 248 -23.02 4.22 30.63
CA LEU A 248 -22.79 4.15 29.19
C LEU A 248 -24.10 4.11 28.42
N PHE A 249 -24.38 5.16 27.66
CA PHE A 249 -25.58 5.25 26.84
C PHE A 249 -25.26 5.03 25.37
N VAL A 250 -26.25 4.62 24.58
CA VAL A 250 -26.12 4.55 23.13
C VAL A 250 -27.22 5.36 22.49
N CYS A 251 -26.91 6.01 21.37
CA CYS A 251 -27.92 6.65 20.54
C CYS A 251 -27.52 6.54 19.09
N GLY A 252 -28.43 6.93 18.20
CA GLY A 252 -28.22 6.77 16.77
C GLY A 252 -28.09 5.30 16.38
N MET A 253 -27.45 5.02 15.24
CA MET A 253 -27.33 3.64 14.76
C MET A 253 -26.58 2.75 15.71
N ALA A 254 -25.73 3.32 16.55
CA ALA A 254 -25.09 2.53 17.61
C ALA A 254 -26.13 1.83 18.49
N ALA A 255 -27.26 2.49 18.75
CA ALA A 255 -28.35 1.88 19.49
C ALA A 255 -28.88 0.64 18.77
N ASN A 256 -29.20 0.74 17.48
CA ASN A 256 -29.72 -0.42 16.76
C ASN A 256 -28.67 -1.51 16.55
N ALA A 257 -27.41 -1.11 16.36
CA ALA A 257 -26.35 -2.09 16.21
C ALA A 257 -26.19 -2.89 17.49
N SER A 258 -26.27 -2.19 18.62
CA SER A 258 -26.14 -2.83 19.93
C SER A 258 -27.28 -3.79 20.26
N HIS A 259 -28.45 -3.57 19.67
CA HIS A 259 -29.63 -4.37 20.02
C HIS A 259 -30.14 -5.20 18.85
N GLY A 260 -29.33 -5.33 17.81
CA GLY A 260 -29.70 -6.12 16.64
C GLY A 260 -30.90 -5.59 15.88
N GLY A 261 -31.08 -4.27 15.87
CA GLY A 261 -32.18 -3.63 15.15
C GLY A 261 -31.91 -3.47 13.66
N TYR A 262 -33.00 -3.33 12.88
CA TYR A 262 -32.92 -3.16 11.43
C TYR A 262 -32.37 -1.80 11.10
N ARG A 263 -31.84 -1.63 9.89
CA ARG A 263 -31.40 -0.28 9.46
C ARG A 263 -32.41 0.41 8.55
N MET A 264 -32.25 1.71 8.36
CA MET A 264 -33.24 2.50 7.62
C MET A 264 -32.69 3.33 6.44
N GLY A 265 -31.38 3.38 6.28
CA GLY A 265 -30.78 4.11 5.19
C GLY A 265 -30.75 5.61 5.43
N ALA A 266 -30.84 6.40 4.36
CA ALA A 266 -30.54 7.82 4.44
C ALA A 266 -31.72 8.67 4.97
N ILE A 267 -32.47 8.13 5.94
CA ILE A 267 -33.54 8.85 6.60
C ILE A 267 -33.14 9.04 8.06
N PHE A 268 -33.26 10.28 8.55
CA PHE A 268 -32.57 10.68 9.77
C PHE A 268 -33.47 11.12 10.94
N GLY A 269 -34.79 11.01 10.78
CA GLY A 269 -35.72 11.44 11.83
C GLY A 269 -35.47 10.73 13.15
N GLY A 270 -35.36 9.42 13.10
CA GLY A 270 -35.04 8.63 14.28
C GLY A 270 -33.68 8.95 14.89
N MET A 271 -32.70 9.32 14.06
CA MET A 271 -31.38 9.70 14.56
C MET A 271 -31.50 10.90 15.46
N TYR A 272 -32.23 11.91 14.99
CA TYR A 272 -32.36 13.16 15.71
C TYR A 272 -33.14 12.92 16.99
N LEU A 273 -34.23 12.18 16.91
CA LEU A 273 -35.02 11.86 18.09
C LEU A 273 -34.23 11.03 19.10
N SER A 274 -33.47 10.06 18.61
CA SER A 274 -32.65 9.24 19.49
C SER A 274 -31.67 10.12 20.27
N GLY A 275 -31.02 11.04 19.59
CA GLY A 275 -30.09 11.95 20.24
C GLY A 275 -30.77 12.75 21.34
N LYS A 276 -31.96 13.26 21.04
CA LYS A 276 -32.73 14.05 21.99
C LYS A 276 -33.16 13.22 23.18
N LEU A 277 -33.77 12.07 22.89
CA LEU A 277 -34.15 11.13 23.95
C LEU A 277 -32.96 10.80 24.85
N CYS A 278 -31.81 10.56 24.23
CA CYS A 278 -30.60 10.21 24.96
C CYS A 278 -30.21 11.34 25.92
N ALA A 279 -30.35 12.58 25.46
CA ALA A 279 -30.10 13.72 26.32
C ALA A 279 -31.08 13.77 27.48
N GLU A 280 -32.35 13.48 27.22
CA GLU A 280 -33.36 13.49 28.29
C GLU A 280 -33.06 12.43 29.35
N LEU A 281 -32.73 11.22 28.92
CA LEU A 281 -32.38 10.15 29.85
C LEU A 281 -31.18 10.51 30.72
N ILE A 282 -30.21 11.20 30.12
CA ILE A 282 -28.98 11.53 30.83
C ILE A 282 -29.26 12.67 31.82
N THR A 283 -29.99 13.67 31.34
CA THR A 283 -30.42 14.78 32.20
C THR A 283 -31.11 14.27 33.48
N GLU A 284 -32.01 13.31 33.31
CA GLU A 284 -32.71 12.73 34.44
C GLU A 284 -31.73 12.08 35.42
N LYS A 285 -30.90 11.17 34.92
CA LYS A 285 -29.93 10.49 35.74
C LYS A 285 -28.99 11.45 36.48
N LEU A 286 -28.60 12.54 35.81
CA LEU A 286 -27.56 13.41 36.35
C LEU A 286 -28.06 14.53 37.26
N LYS A 287 -29.30 14.97 37.09
CA LYS A 287 -29.82 16.01 37.99
C LYS A 287 -29.93 15.36 39.37
N ILE B 33 3.77 -3.01 48.18
CA ILE B 33 3.73 -1.54 47.90
C ILE B 33 2.34 -1.12 47.39
N LYS B 34 1.76 -0.10 48.03
CA LYS B 34 0.54 0.55 47.55
C LYS B 34 0.95 1.73 46.66
N LEU B 35 0.53 1.70 45.39
CA LEU B 35 0.80 2.78 44.44
C LEU B 35 -0.46 3.58 44.22
N ASN B 36 -0.36 4.90 44.32
CA ASN B 36 -1.49 5.80 44.10
C ASN B 36 -1.37 6.39 42.69
N ALA B 37 -2.19 5.87 41.78
CA ALA B 37 -2.16 6.28 40.39
C ALA B 37 -3.58 6.70 39.97
N ASP B 38 -3.67 7.83 39.30
CA ASP B 38 -4.94 8.42 38.91
C ASP B 38 -4.87 9.01 37.47
N GLU B 39 -5.87 8.69 36.68
CA GLU B 39 -5.91 9.11 35.28
C GLU B 39 -5.78 10.62 35.13
N THR B 40 -6.68 11.38 35.76
CA THR B 40 -6.66 12.82 35.64
C THR B 40 -5.34 13.40 36.14
N LYS B 41 -4.86 12.97 37.30
CA LYS B 41 -3.59 13.52 37.77
C LYS B 41 -2.48 13.25 36.77
N THR B 42 -2.48 12.04 36.18
CA THR B 42 -1.47 11.65 35.19
C THR B 42 -1.57 12.55 33.94
N THR B 43 -2.78 12.66 33.42
CA THR B 43 -3.01 13.45 32.22
C THR B 43 -2.63 14.91 32.42
N LYS B 44 -3.06 15.50 33.53
CA LYS B 44 -2.78 16.92 33.77
C LYS B 44 -1.31 17.19 33.99
N ALA B 45 -0.60 16.24 34.58
CA ALA B 45 0.82 16.45 34.82
C ALA B 45 1.53 16.53 33.45
N ILE B 46 1.19 15.59 32.55
CA ILE B 46 1.79 15.57 31.23
C ILE B 46 1.45 16.85 30.50
N LEU B 47 0.17 17.20 30.48
CA LEU B 47 -0.23 18.40 29.78
C LEU B 47 0.52 19.59 30.36
N LYS B 48 0.48 19.77 31.67
CA LYS B 48 1.06 20.96 32.30
C LYS B 48 2.55 21.12 31.93
N ALA B 49 3.32 20.07 32.10
CA ALA B 49 4.73 20.12 31.80
C ALA B 49 5.07 20.37 30.35
N SER B 50 4.34 19.75 29.45
CA SER B 50 4.52 19.92 28.04
C SER B 50 4.19 21.29 27.56
N PHE B 51 3.12 21.81 28.11
CA PHE B 51 2.64 23.12 27.78
C PHE B 51 3.66 24.12 28.19
N ASP B 52 4.25 23.93 29.35
CA ASP B 52 5.35 24.75 29.79
C ASP B 52 6.57 24.63 28.93
N MET B 53 6.92 23.42 28.52
CA MET B 53 8.08 23.24 27.69
C MET B 53 7.91 23.93 26.36
N TRP B 54 6.76 23.75 25.76
CA TRP B 54 6.46 24.32 24.45
C TRP B 54 6.50 25.83 24.41
N LEU B 55 5.84 26.49 25.36
CA LEU B 55 5.84 27.96 25.39
C LEU B 55 7.24 28.50 25.52
N ASP B 56 8.10 27.79 26.23
CA ASP B 56 9.47 28.24 26.37
C ASP B 56 10.31 27.96 25.13
N ILE B 57 10.08 26.83 24.48
CA ILE B 57 11.02 26.34 23.48
C ILE B 57 10.89 27.01 22.11
N VAL B 58 9.77 27.68 21.84
CA VAL B 58 9.54 28.22 20.50
C VAL B 58 10.39 29.44 20.15
N GLU B 59 11.20 29.91 21.11
CA GLU B 59 12.29 30.82 20.85
C GLU B 59 13.56 30.25 21.43
N ALA B 60 14.60 30.14 20.62
CA ALA B 60 15.84 29.52 21.06
C ALA B 60 17.01 30.16 20.36
N ASP B 61 18.22 29.90 20.83
CA ASP B 61 19.40 30.42 20.17
C ASP B 61 19.69 29.62 18.90
N VAL B 62 19.77 28.30 19.03
CA VAL B 62 20.14 27.43 17.94
C VAL B 62 19.16 26.27 17.80
N VAL B 63 18.71 26.02 16.57
CA VAL B 63 17.93 24.84 16.26
C VAL B 63 18.77 23.91 15.40
N ILE B 64 18.95 22.68 15.87
CA ILE B 64 19.69 21.67 15.09
C ILE B 64 18.69 20.66 14.52
N VAL B 65 18.69 20.51 13.21
CA VAL B 65 17.77 19.56 12.57
C VAL B 65 18.46 18.24 12.28
N GLY B 66 18.07 17.22 13.05
CA GLY B 66 18.67 15.89 12.94
C GLY B 66 19.40 15.47 14.18
N ALA B 67 18.89 14.44 14.85
CA ALA B 67 19.50 13.92 16.04
C ALA B 67 20.43 12.77 15.71
N GLY B 68 21.23 12.94 14.65
CA GLY B 68 22.27 11.97 14.29
C GLY B 68 23.56 12.23 15.04
N PRO B 69 24.63 11.50 14.68
CA PRO B 69 25.88 11.66 15.39
C PRO B 69 26.46 13.07 15.28
N SER B 70 26.34 13.73 14.13
CA SER B 70 26.91 15.06 14.00
C SER B 70 26.06 16.09 14.76
N GLY B 71 24.75 16.04 14.59
CA GLY B 71 23.84 16.98 15.23
C GLY B 71 23.91 16.92 16.74
N LEU B 72 24.02 15.71 17.29
CA LEU B 72 24.08 15.56 18.72
C LEU B 72 25.43 15.99 19.27
N THR B 73 26.48 15.86 18.49
CA THR B 73 27.79 16.32 18.93
C THR B 73 27.79 17.87 18.97
N CYS B 74 27.35 18.46 17.87
CA CYS B 74 27.16 19.89 17.82
C CYS B 74 26.35 20.38 19.01
N ALA B 75 25.25 19.71 19.30
CA ALA B 75 24.37 20.10 20.42
C ALA B 75 25.06 20.07 21.79
N ARG B 76 25.89 19.06 22.02
CA ARG B 76 26.70 18.95 23.23
C ARG B 76 27.54 20.22 23.42
N TYR B 77 28.31 20.56 22.40
CA TYR B 77 29.28 21.65 22.50
C TYR B 77 28.60 23.02 22.64
N LEU B 78 27.55 23.26 21.89
CA LEU B 78 26.81 24.52 22.02
C LEU B 78 26.16 24.67 23.39
N ALA B 79 25.59 23.60 23.93
CA ALA B 79 24.95 23.68 25.22
C ALA B 79 25.97 23.89 26.35
N LYS B 80 27.15 23.26 26.26
CA LYS B 80 28.24 23.46 27.25
C LYS B 80 28.57 24.94 27.32
N GLU B 81 28.46 25.60 26.16
CA GLU B 81 28.76 27.01 26.02
C GLU B 81 27.65 27.92 26.52
N GLY B 82 26.60 27.36 27.08
CA GLY B 82 25.51 28.15 27.64
C GLY B 82 24.38 28.54 26.70
N PHE B 83 24.51 28.22 25.42
CA PHE B 83 23.44 28.53 24.49
C PHE B 83 22.20 27.68 24.75
N LYS B 84 21.05 28.22 24.38
CA LYS B 84 19.79 27.49 24.43
C LYS B 84 19.56 26.76 23.09
N VAL B 85 19.71 25.43 23.14
CA VAL B 85 19.73 24.58 21.95
C VAL B 85 18.56 23.60 21.86
N VAL B 86 17.91 23.54 20.72
CA VAL B 86 16.87 22.52 20.48
C VAL B 86 17.31 21.64 19.32
N VAL B 87 17.31 20.33 19.54
CA VAL B 87 17.50 19.36 18.48
C VAL B 87 16.14 18.83 18.07
N LEU B 88 15.88 18.83 16.77
CA LEU B 88 14.61 18.34 16.26
C LEU B 88 14.82 17.13 15.37
N GLU B 89 14.05 16.08 15.64
CA GLU B 89 14.19 14.80 14.97
C GLU B 89 12.83 14.30 14.52
N ARG B 90 12.72 13.89 13.26
CA ARG B 90 11.44 13.40 12.73
C ARG B 90 10.99 12.09 13.37
N HIS B 91 11.90 11.14 13.56
CA HIS B 91 11.54 9.86 14.15
C HIS B 91 11.34 10.01 15.65
N LEU B 92 10.59 9.09 16.25
CA LEU B 92 10.36 9.09 17.70
C LEU B 92 11.61 8.85 18.51
N ALA B 93 12.54 8.08 17.98
CA ALA B 93 13.85 7.88 18.57
C ALA B 93 14.92 8.74 17.87
N PHE B 94 15.86 9.24 18.68
CA PHE B 94 17.05 9.90 18.17
C PHE B 94 17.95 8.85 17.58
N GLY B 95 19.07 9.28 17.02
CA GLY B 95 20.14 8.38 16.62
C GLY B 95 20.56 8.42 15.18
N GLY B 96 19.64 8.81 14.29
CA GLY B 96 19.92 8.78 12.87
C GLY B 96 20.28 7.38 12.39
N GLY B 97 21.17 7.30 11.41
CA GLY B 97 21.61 6.01 10.87
C GLY B 97 22.87 5.58 11.56
N THR B 98 22.76 5.35 12.86
CA THR B 98 23.85 4.74 13.60
C THR B 98 23.46 3.33 14.01
N TRP B 99 22.19 3.11 14.36
CA TRP B 99 21.76 1.91 15.11
C TRP B 99 22.13 0.61 14.40
N GLY B 100 21.87 0.56 13.09
CA GLY B 100 22.12 -0.62 12.30
C GLY B 100 23.57 -0.87 11.96
N GLY B 101 24.44 0.05 12.35
CA GLY B 101 25.87 -0.05 12.09
C GLY B 101 26.13 -0.24 10.62
N GLY B 102 26.91 -1.25 10.30
CA GLY B 102 27.27 -1.56 8.92
C GLY B 102 26.48 -2.76 8.40
N MET B 103 25.56 -2.50 7.49
CA MET B 103 24.76 -3.52 6.85
C MET B 103 24.06 -4.41 7.87
N GLY B 104 23.66 -3.84 9.00
CA GLY B 104 23.01 -4.59 10.06
C GLY B 104 23.95 -5.05 11.17
N PHE B 105 25.24 -5.14 10.86
CA PHE B 105 26.21 -5.61 11.85
C PHE B 105 26.45 -4.51 12.88
N PRO B 106 26.13 -4.73 14.16
CA PRO B 106 25.92 -3.62 15.08
C PRO B 106 27.20 -3.04 15.74
N TYR B 107 28.10 -2.58 14.90
CA TYR B 107 29.28 -1.84 15.31
C TYR B 107 29.56 -0.73 14.30
N ILE B 108 30.03 0.40 14.80
CA ILE B 108 30.45 1.50 13.94
C ILE B 108 31.91 1.82 14.23
N VAL B 109 32.60 2.42 13.29
CA VAL B 109 34.02 2.65 13.35
C VAL B 109 34.33 4.11 13.61
N VAL B 110 35.39 4.37 14.38
CA VAL B 110 35.93 5.70 14.57
C VAL B 110 37.45 5.64 14.54
N GLU B 111 38.06 6.62 13.87
CA GLU B 111 39.51 6.63 13.65
C GLU B 111 40.20 7.74 14.45
N GLU B 112 41.46 7.50 14.85
CA GLU B 112 42.26 8.49 15.63
C GLU B 112 42.29 9.79 14.80
N PRO B 113 42.16 10.97 15.45
CA PRO B 113 41.99 11.24 16.88
C PRO B 113 40.53 11.43 17.33
N ALA B 114 39.58 11.21 16.42
CA ALA B 114 38.17 11.45 16.72
C ALA B 114 37.64 10.49 17.78
N ASP B 115 38.35 9.40 18.02
CA ASP B 115 37.98 8.50 19.10
C ASP B 115 37.85 9.19 20.44
N GLU B 116 38.62 10.25 20.68
CA GLU B 116 38.48 11.00 21.94
C GLU B 116 37.07 11.59 22.09
N LEU B 117 36.46 11.97 20.98
CA LEU B 117 35.13 12.51 21.04
C LEU B 117 34.10 11.51 21.53
N LEU B 118 34.43 10.21 21.47
CA LEU B 118 33.58 9.15 22.01
C LEU B 118 33.92 8.74 23.45
N ARG B 119 35.19 8.66 23.77
CA ARG B 119 35.64 8.35 25.10
C ARG B 119 35.20 9.40 26.08
N GLU B 120 35.17 10.64 25.64
CA GLU B 120 34.84 11.74 26.51
C GLU B 120 33.40 11.71 26.94
N VAL B 121 32.60 10.86 26.31
CA VAL B 121 31.20 10.74 26.63
C VAL B 121 30.88 9.37 27.26
N GLY B 122 31.91 8.58 27.55
CA GLY B 122 31.77 7.32 28.27
C GLY B 122 31.58 6.12 27.38
N ILE B 123 31.78 6.28 26.08
CA ILE B 123 31.56 5.18 25.14
C ILE B 123 32.76 4.25 25.13
N LYS B 124 32.51 2.96 25.33
CA LYS B 124 33.58 1.96 25.33
C LYS B 124 33.96 1.67 23.90
N LEU B 125 35.26 1.56 23.68
CA LEU B 125 35.83 1.31 22.35
C LEU B 125 36.65 0.05 22.36
N ILE B 126 36.68 -0.63 21.22
CA ILE B 126 37.58 -1.77 21.04
C ILE B 126 38.62 -1.37 19.99
N ASP B 127 39.89 -1.60 20.32
CA ASP B 127 41.00 -1.27 19.43
C ASP B 127 41.13 -2.36 18.38
N MET B 128 40.98 -2.00 17.11
CA MET B 128 41.07 -2.98 16.03
C MET B 128 42.36 -2.82 15.22
N GLY B 129 43.25 -1.93 15.68
CA GLY B 129 44.54 -1.72 15.04
C GLY B 129 44.54 -0.53 14.11
N ASP B 130 45.74 0.01 13.87
CA ASP B 130 46.00 1.09 12.91
C ASP B 130 45.23 2.38 13.16
N GLY B 131 44.86 2.62 14.42
CA GLY B 131 44.07 3.80 14.76
C GLY B 131 42.58 3.66 14.50
N TYR B 132 42.13 2.42 14.29
CA TYR B 132 40.71 2.13 14.11
C TYR B 132 40.15 1.55 15.39
N TYR B 133 39.01 2.11 15.81
CA TYR B 133 38.25 1.56 16.93
C TYR B 133 36.81 1.30 16.50
N VAL B 134 36.17 0.34 17.15
CA VAL B 134 34.73 0.13 16.97
C VAL B 134 34.01 0.38 18.28
N ALA B 135 32.71 0.62 18.19
CA ALA B 135 31.84 0.78 19.34
C ALA B 135 30.47 0.18 19.01
N ASP B 136 29.82 -0.34 20.03
CA ASP B 136 28.48 -0.92 19.95
C ASP B 136 27.56 0.16 19.36
N SER B 137 26.90 -0.16 18.24
CA SER B 137 26.12 0.83 17.50
C SER B 137 24.84 1.28 18.22
N VAL B 138 24.49 0.57 19.29
CA VAL B 138 23.36 0.93 20.13
C VAL B 138 23.84 1.80 21.28
N GLU B 139 25.02 1.51 21.79
CA GLU B 139 25.63 2.33 22.86
C GLU B 139 25.92 3.78 22.43
N VAL B 140 26.37 3.95 21.19
CA VAL B 140 26.79 5.25 20.72
C VAL B 140 25.65 6.27 20.74
N PRO B 141 24.57 6.03 20.01
CA PRO B 141 23.54 7.06 20.00
C PRO B 141 23.01 7.35 21.39
N ALA B 142 22.88 6.32 22.22
CA ALA B 142 22.37 6.53 23.56
C ALA B 142 23.24 7.51 24.33
N LYS B 143 24.55 7.29 24.28
CA LYS B 143 25.47 8.09 25.06
C LYS B 143 25.70 9.51 24.50
N LEU B 144 25.64 9.63 23.18
CA LEU B 144 25.66 10.97 22.56
C LEU B 144 24.45 11.81 22.96
N ALA B 145 23.31 11.16 23.08
CA ALA B 145 22.06 11.82 23.42
C ALA B 145 22.11 12.26 24.86
N VAL B 146 22.58 11.37 25.73
CA VAL B 146 22.67 11.68 27.15
C VAL B 146 23.61 12.86 27.39
N ALA B 147 24.78 12.82 26.77
CA ALA B 147 25.72 13.94 26.84
C ALA B 147 25.07 15.26 26.43
N ALA B 148 24.39 15.27 25.30
CA ALA B 148 23.70 16.47 24.86
C ALA B 148 22.69 16.94 25.88
N MET B 149 21.87 16.03 26.39
CA MET B 149 20.80 16.42 27.29
C MET B 149 21.38 16.92 28.60
N ASP B 150 22.43 16.24 29.08
CA ASP B 150 23.07 16.62 30.33
C ASP B 150 23.86 17.92 30.19
N ALA B 151 24.28 18.26 28.98
CA ALA B 151 24.93 19.54 28.76
C ALA B 151 23.94 20.69 28.70
N GLY B 152 22.64 20.39 28.67
CA GLY B 152 21.62 21.41 28.60
C GLY B 152 20.74 21.39 27.36
N ALA B 153 21.13 20.65 26.32
CA ALA B 153 20.36 20.64 25.05
C ALA B 153 19.04 19.95 25.20
N LYS B 154 18.04 20.46 24.50
CA LYS B 154 16.72 19.84 24.50
C LYS B 154 16.57 19.03 23.22
N ILE B 155 16.07 17.82 23.33
CA ILE B 155 15.80 17.01 22.14
C ILE B 155 14.31 16.76 22.01
N LEU B 156 13.72 17.16 20.89
CA LEU B 156 12.33 16.89 20.61
C LEU B 156 12.26 15.92 19.46
N THR B 157 11.70 14.73 19.69
CA THR B 157 11.50 13.77 18.62
C THR B 157 10.07 13.78 18.14
N GLY B 158 9.81 13.07 17.05
CA GLY B 158 8.49 13.05 16.46
C GLY B 158 8.18 14.33 15.78
N ILE B 159 9.21 15.10 15.42
CA ILE B 159 9.00 16.45 14.89
C ILE B 159 9.77 16.68 13.62
N VAL B 160 9.03 17.11 12.62
CA VAL B 160 9.50 17.30 11.26
C VAL B 160 9.70 18.80 11.01
N VAL B 161 10.84 19.19 10.44
CA VAL B 161 11.02 20.53 9.95
C VAL B 161 10.60 20.54 8.51
N GLU B 162 9.55 21.29 8.17
CA GLU B 162 9.00 21.26 6.81
C GLU B 162 9.39 22.48 6.00
N ASP B 163 9.91 23.50 6.67
CA ASP B 163 10.27 24.75 6.01
C ASP B 163 11.15 25.63 6.89
N LEU B 164 11.63 26.72 6.34
CA LEU B 164 12.41 27.69 7.09
C LEU B 164 11.65 29.00 7.31
N ILE B 165 12.09 29.75 8.31
CA ILE B 165 11.60 31.10 8.52
C ILE B 165 12.67 32.04 8.01
N LEU B 166 12.25 33.05 7.26
CA LEU B 166 13.17 34.04 6.71
C LEU B 166 12.95 35.48 7.22
N ARG B 167 14.05 36.24 7.19
CA ARG B 167 14.06 37.68 7.36
C ARG B 167 15.10 38.20 6.34
N GLU B 168 15.22 39.52 6.18
CA GLU B 168 16.16 40.12 5.21
C GLU B 168 17.61 39.75 5.58
N ASP B 169 17.86 39.82 6.88
CA ASP B 169 19.02 39.27 7.58
C ASP B 169 19.46 37.87 7.08
N GLY B 170 18.51 37.00 6.75
CA GLY B 170 18.77 35.60 6.41
C GLY B 170 17.84 34.65 7.16
N VAL B 171 18.29 33.44 7.44
CA VAL B 171 17.42 32.45 8.07
C VAL B 171 17.13 32.82 9.53
N ALA B 172 15.87 32.72 9.91
CA ALA B 172 15.38 33.18 11.20
C ALA B 172 14.70 32.09 12.07
N GLY B 173 14.73 30.85 11.62
CA GLY B 173 14.16 29.75 12.37
C GLY B 173 13.57 28.69 11.46
N VAL B 174 12.75 27.83 12.05
CA VAL B 174 12.22 26.68 11.35
C VAL B 174 10.73 26.60 11.52
N VAL B 175 10.10 25.98 10.52
CA VAL B 175 8.67 25.68 10.48
C VAL B 175 8.48 24.17 10.75
N ILE B 176 7.73 23.86 11.78
CA ILE B 176 7.68 22.51 12.29
C ILE B 176 6.28 21.92 12.21
N ASN B 177 6.27 20.60 12.13
CA ASN B 177 5.06 19.83 12.25
C ASN B 177 5.36 18.49 12.90
N SER B 178 4.31 17.70 13.08
CA SER B 178 4.44 16.42 13.78
C SER B 178 4.67 15.33 12.74
N TYR B 179 5.59 14.43 13.03
CA TYR B 179 5.83 13.26 12.21
C TYR B 179 4.52 12.50 11.98
N ALA B 180 3.74 12.34 13.03
CA ALA B 180 2.49 11.61 12.95
C ALA B 180 1.57 12.21 11.90
N ILE B 181 1.46 13.53 11.91
CA ILE B 181 0.65 14.23 10.92
C ILE B 181 1.16 14.01 9.49
N GLU B 182 2.48 14.10 9.33
CA GLU B 182 3.09 13.87 8.04
C GLU B 182 2.81 12.45 7.52
N ARG B 183 3.16 11.43 8.29
CA ARG B 183 2.91 10.04 7.89
C ARG B 183 1.46 9.79 7.59
N ALA B 184 0.58 10.32 8.43
CA ALA B 184 -0.86 10.15 8.28
C ALA B 184 -1.42 10.85 7.04
N GLY B 185 -0.65 11.77 6.49
CA GLY B 185 -1.01 12.46 5.26
C GLY B 185 -2.03 13.57 5.42
N LEU B 186 -2.14 14.16 6.61
CA LEU B 186 -3.18 15.16 6.88
C LEU B 186 -2.75 16.58 6.50
N HIS B 187 -3.70 17.38 6.04
CA HIS B 187 -3.44 18.74 5.61
C HIS B 187 -3.65 19.66 6.83
N ILE B 188 -2.58 19.87 7.58
CA ILE B 188 -2.64 20.63 8.82
C ILE B 188 -1.50 21.61 8.88
N ASP B 189 -1.80 22.86 9.20
CA ASP B 189 -0.80 23.92 9.28
C ASP B 189 0.24 23.63 10.37
N PRO B 190 1.41 24.27 10.27
CA PRO B 190 2.49 24.06 11.21
C PRO B 190 2.56 25.09 12.33
N LEU B 191 3.55 24.91 13.21
CA LEU B 191 3.99 25.93 14.14
C LEU B 191 5.44 26.32 13.82
N THR B 192 6.04 27.14 14.69
CA THR B 192 7.36 27.69 14.42
C THR B 192 8.26 27.67 15.63
N ILE B 193 9.56 27.67 15.37
CA ILE B 193 10.56 27.95 16.38
C ILE B 193 11.49 28.99 15.80
N ARG B 194 11.58 30.16 16.43
CA ARG B 194 12.51 31.18 16.00
C ARG B 194 13.86 30.88 16.60
N SER B 195 14.91 31.12 15.83
CA SER B 195 16.27 30.96 16.32
C SER B 195 17.22 31.90 15.61
N LYS B 196 18.33 32.16 16.26
CA LYS B 196 19.40 32.97 15.67
C LYS B 196 20.12 32.19 14.58
N VAL B 197 20.22 30.89 14.77
CA VAL B 197 20.91 30.01 13.83
C VAL B 197 20.09 28.75 13.60
N VAL B 198 20.21 28.19 12.40
CA VAL B 198 19.68 26.85 12.08
C VAL B 198 20.83 25.97 11.54
N VAL B 199 20.85 24.71 11.96
CA VAL B 199 21.87 23.77 11.53
C VAL B 199 21.22 22.61 10.80
N ASP B 200 21.63 22.36 9.58
CA ASP B 200 21.16 21.20 8.85
C ASP B 200 22.11 20.06 9.16
N ALA B 201 21.65 19.12 9.98
CA ALA B 201 22.41 17.92 10.31
C ALA B 201 21.59 16.67 9.93
N THR B 202 20.92 16.75 8.78
CA THR B 202 19.93 15.75 8.35
C THR B 202 20.48 14.61 7.51
N GLY B 203 21.81 14.50 7.42
CA GLY B 203 22.46 13.43 6.69
C GLY B 203 22.50 13.72 5.21
N HIS B 204 22.60 12.66 4.40
CA HIS B 204 22.82 12.78 2.97
C HIS B 204 21.67 13.44 2.25
N GLU B 205 20.51 13.42 2.87
CA GLU B 205 19.34 14.13 2.33
C GLU B 205 19.62 15.63 2.16
N ALA B 206 20.37 16.22 3.11
CA ALA B 206 20.58 17.67 3.21
C ALA B 206 19.27 18.41 3.01
N SER B 207 18.25 17.99 3.76
CA SER B 207 16.88 18.31 3.42
C SER B 207 16.50 19.76 3.71
N ILE B 208 17.16 20.40 4.68
CA ILE B 208 16.87 21.80 5.01
C ILE B 208 17.49 22.73 3.95
N VAL B 209 18.75 22.47 3.58
CA VAL B 209 19.41 23.23 2.50
C VAL B 209 18.62 23.09 1.20
N ASN B 210 18.14 21.88 0.89
CA ASN B 210 17.30 21.68 -0.28
C ASN B 210 16.00 22.48 -0.26
N ILE B 211 15.38 22.56 0.91
CA ILE B 211 14.14 23.31 1.03
C ILE B 211 14.40 24.77 0.72
N LEU B 212 15.46 25.31 1.30
CA LEU B 212 15.84 26.68 1.07
C LEU B 212 15.97 26.95 -0.43
N VAL B 213 16.75 26.14 -1.10
CA VAL B 213 17.04 26.35 -2.51
C VAL B 213 15.80 26.19 -3.37
N LYS B 214 15.09 25.07 -3.22
CA LYS B 214 13.93 24.76 -4.05
C LYS B 214 12.85 25.84 -3.85
N LYS B 215 12.41 26.07 -2.62
CA LYS B 215 11.21 26.93 -2.38
C LYS B 215 11.47 28.41 -2.65
N ASN B 216 12.68 28.86 -2.36
CA ASN B 216 13.03 30.26 -2.58
C ASN B 216 13.70 30.51 -3.92
N LYS B 217 13.63 29.50 -4.79
CA LYS B 217 14.10 29.59 -6.14
C LYS B 217 15.48 30.28 -6.20
N LEU B 218 16.42 29.87 -5.35
CA LEU B 218 17.80 30.38 -5.40
C LEU B 218 18.51 29.75 -6.59
N GLU B 219 19.36 30.54 -7.24
CA GLU B 219 20.17 30.04 -8.34
C GLU B 219 21.38 29.35 -7.74
N ALA B 220 21.22 28.05 -7.46
CA ALA B 220 22.28 27.21 -6.91
C ALA B 220 21.76 25.79 -6.89
N ASP B 221 22.64 24.82 -7.09
CA ASP B 221 22.27 23.40 -7.09
C ASP B 221 22.82 22.77 -5.84
N VAL B 222 22.00 21.99 -5.15
CA VAL B 222 22.50 21.09 -4.12
C VAL B 222 22.88 19.81 -4.85
N PRO B 223 24.16 19.57 -5.08
CA PRO B 223 24.53 18.45 -5.94
C PRO B 223 24.24 17.08 -5.37
N GLY B 224 24.37 16.93 -4.05
CA GLY B 224 24.23 15.64 -3.41
C GLY B 224 25.55 14.91 -3.37
N GLU B 225 25.66 13.92 -2.49
CA GLU B 225 26.88 13.13 -2.32
C GLU B 225 27.38 12.48 -3.62
N LYS B 226 28.69 12.39 -3.75
CA LYS B 226 29.31 11.57 -4.78
C LYS B 226 29.43 10.11 -4.27
N SER B 227 30.08 9.26 -5.05
CA SER B 227 30.25 7.86 -4.66
C SER B 227 31.24 7.75 -3.52
N MET B 228 31.56 6.52 -3.12
CA MET B 228 32.39 6.32 -1.93
C MET B 228 33.86 6.50 -2.23
N TRP B 229 34.50 7.34 -1.42
CA TRP B 229 35.95 7.44 -1.34
C TRP B 229 36.26 7.88 0.09
N ALA B 230 36.35 6.93 1.00
CA ALA B 230 36.34 7.26 2.43
C ALA B 230 37.34 8.35 2.82
N GLU B 231 38.57 8.27 2.34
CA GLU B 231 39.59 9.25 2.71
C GLU B 231 39.27 10.66 2.20
N LYS B 232 39.09 10.81 0.89
CA LYS B 232 38.60 12.09 0.33
C LYS B 232 37.36 12.61 1.07
N GLY B 233 36.41 11.70 1.32
CA GLY B 233 35.16 12.03 2.00
C GLY B 233 35.34 12.53 3.42
N GLU B 234 36.09 11.79 4.23
CA GLU B 234 36.29 12.16 5.63
C GLU B 234 36.95 13.52 5.74
N ASN B 235 37.93 13.79 4.89
CA ASN B 235 38.72 15.02 5.02
C ASN B 235 37.97 16.24 4.49
N ALA B 236 37.16 16.04 3.45
CA ALA B 236 36.36 17.14 2.87
C ALA B 236 35.31 17.67 3.85
N LEU B 237 34.87 16.79 4.74
CA LEU B 237 33.81 17.07 5.69
C LEU B 237 34.10 18.31 6.50
N LEU B 238 35.36 18.46 6.93
CA LEU B 238 35.75 19.56 7.79
C LEU B 238 35.81 20.88 7.01
N ARG B 239 36.31 20.79 5.78
CA ARG B 239 36.31 21.94 4.88
C ARG B 239 34.87 22.34 4.52
N ASN B 240 33.99 21.34 4.40
CA ASN B 240 32.60 21.54 3.97
C ASN B 240 31.62 21.92 5.07
N THR B 241 32.08 21.86 6.32
CA THR B 241 31.27 22.22 7.47
C THR B 241 31.34 23.73 7.69
N ARG B 242 30.31 24.44 7.26
CA ARG B 242 30.37 25.88 7.26
C ARG B 242 28.97 26.50 7.20
N GLU B 243 28.92 27.83 7.24
CA GLU B 243 27.71 28.58 7.04
C GLU B 243 27.50 28.71 5.55
N VAL B 244 26.45 28.12 5.00
CA VAL B 244 26.25 28.13 3.55
C VAL B 244 25.33 29.23 3.08
N TYR B 245 24.58 29.82 4.00
CA TYR B 245 23.67 30.90 3.68
C TYR B 245 23.47 31.59 5.01
N PRO B 246 23.22 32.89 5.02
CA PRO B 246 23.24 33.58 6.34
C PRO B 246 22.36 32.94 7.42
N ASN B 247 23.00 32.59 8.53
CA ASN B 247 22.40 31.89 9.68
C ASN B 247 22.08 30.42 9.50
N LEU B 248 22.43 29.84 8.35
CA LEU B 248 22.25 28.40 8.09
C LEU B 248 23.58 27.67 7.96
N PHE B 249 23.85 26.76 8.90
CA PHE B 249 25.08 25.94 8.86
C PHE B 249 24.76 24.51 8.47
N VAL B 250 25.74 23.80 7.92
CA VAL B 250 25.66 22.37 7.67
C VAL B 250 26.77 21.62 8.39
N CYS B 251 26.45 20.43 8.90
CA CYS B 251 27.45 19.53 9.43
C CYS B 251 27.06 18.08 9.12
N GLY B 252 27.99 17.15 9.37
CA GLY B 252 27.77 15.75 9.05
C GLY B 252 27.64 15.57 7.54
N MET B 253 27.02 14.47 7.12
CA MET B 253 26.89 14.20 5.68
C MET B 253 26.15 15.29 4.94
N ALA B 254 25.28 16.01 5.62
CA ALA B 254 24.64 17.15 4.97
C ALA B 254 25.69 18.11 4.38
N ALA B 255 26.81 18.28 5.08
CA ALA B 255 27.89 19.10 4.55
C ALA B 255 28.43 18.57 3.22
N ASN B 256 28.75 17.28 3.16
CA ASN B 256 29.28 16.72 1.91
C ASN B 256 28.22 16.68 0.81
N ALA B 257 26.98 16.42 1.18
CA ALA B 257 25.90 16.39 0.20
C ALA B 257 25.73 17.76 -0.42
N SER B 258 25.82 18.79 0.41
CA SER B 258 25.70 20.18 -0.05
C SER B 258 26.82 20.67 -0.97
N HIS B 259 28.00 20.07 -0.82
CA HIS B 259 29.17 20.51 -1.57
C HIS B 259 29.69 19.46 -2.55
N GLY B 260 28.89 18.44 -2.81
CA GLY B 260 29.28 17.39 -3.75
C GLY B 260 30.52 16.62 -3.31
N GLY B 261 30.69 16.40 -2.01
CA GLY B 261 31.77 15.59 -1.48
C GLY B 261 31.49 14.09 -1.52
N TYR B 262 32.58 13.29 -1.50
CA TYR B 262 32.52 11.82 -1.49
C TYR B 262 31.96 11.29 -0.17
N ARG B 263 31.45 10.06 -0.17
CA ARG B 263 31.02 9.46 1.08
C ARG B 263 32.02 8.48 1.65
N MET B 264 31.87 8.12 2.92
CA MET B 264 32.86 7.30 3.62
C MET B 264 32.32 6.04 4.31
N GLY B 265 31.00 5.86 4.32
CA GLY B 265 30.38 4.66 4.90
C GLY B 265 30.37 4.70 6.42
N ALA B 266 30.52 3.54 7.05
CA ALA B 266 30.21 3.42 8.46
C ALA B 266 31.37 3.83 9.36
N ILE B 267 32.09 4.86 8.95
CA ILE B 267 33.16 5.43 9.77
C ILE B 267 32.76 6.85 10.16
N PHE B 268 32.87 7.18 11.44
CA PHE B 268 32.16 8.34 12.00
C PHE B 268 33.04 9.47 12.58
N GLY B 269 34.36 9.34 12.47
CA GLY B 269 35.28 10.32 13.04
C GLY B 269 34.99 11.71 12.53
N GLY B 270 34.87 11.83 11.22
CA GLY B 270 34.57 13.10 10.59
C GLY B 270 33.21 13.63 10.98
N MET B 271 32.25 12.75 11.21
CA MET B 271 30.93 13.19 11.66
C MET B 271 31.05 13.95 12.96
N TYR B 272 31.79 13.35 13.89
CA TYR B 272 31.92 13.90 15.25
C TYR B 272 32.68 15.22 15.20
N LEU B 273 33.77 15.23 14.46
CA LEU B 273 34.57 16.45 14.30
C LEU B 273 33.78 17.55 13.60
N SER B 274 33.02 17.18 12.58
CA SER B 274 32.18 18.15 11.88
C SER B 274 31.19 18.81 12.84
N GLY B 275 30.57 18.01 13.68
CA GLY B 275 29.63 18.55 14.65
C GLY B 275 30.30 19.54 15.61
N LYS B 276 31.49 19.17 16.06
CA LYS B 276 32.24 20.01 16.97
C LYS B 276 32.66 21.31 16.30
N LEU B 277 33.27 21.19 15.13
CA LEU B 277 33.66 22.36 14.36
C LEU B 277 32.45 23.28 14.17
N CYS B 278 31.31 22.69 13.85
CA CYS B 278 30.10 23.44 13.55
C CYS B 278 29.70 24.23 14.80
N ALA B 279 29.84 23.62 15.95
CA ALA B 279 29.58 24.32 17.21
C ALA B 279 30.58 25.47 17.43
N GLU B 280 31.85 25.24 17.12
CA GLU B 280 32.85 26.30 17.25
C GLU B 280 32.53 27.49 16.36
N LEU B 281 32.18 27.23 15.08
CA LEU B 281 31.81 28.29 14.14
C LEU B 281 30.60 29.10 14.61
N ILE B 282 29.66 28.41 15.24
CA ILE B 282 28.43 29.07 15.65
C ILE B 282 28.67 29.88 16.91
N THR B 283 29.44 29.31 17.84
CA THR B 283 29.85 30.01 19.04
C THR B 283 30.51 31.35 18.70
N GLU B 284 31.41 31.32 17.73
CA GLU B 284 32.12 32.51 17.31
C GLU B 284 31.13 33.55 16.82
N LYS B 285 30.29 33.17 15.87
CA LYS B 285 29.31 34.07 15.28
C LYS B 285 28.32 34.64 16.29
N LEU B 286 28.00 33.84 17.31
CA LEU B 286 26.88 34.08 18.25
C LEU B 286 27.19 34.57 19.67
N LYS B 287 28.42 34.48 20.12
CA LYS B 287 28.75 34.85 21.49
C LYS B 287 28.50 36.32 21.76
N ASN B 288 28.75 37.17 20.79
CA ASN B 288 28.34 38.55 20.91
C ASN B 288 26.86 38.71 20.72
N ILE C 33 -43.77 7.63 19.78
CA ILE C 33 -43.88 8.23 18.41
C ILE C 33 -43.87 7.13 17.33
N LYS C 34 -44.86 7.15 16.45
CA LYS C 34 -44.90 6.29 15.26
C LYS C 34 -44.26 7.06 14.11
N LEU C 35 -43.17 6.53 13.55
CA LEU C 35 -42.49 7.14 12.40
C LEU C 35 -42.82 6.34 11.16
N ASN C 36 -43.22 7.04 10.10
CA ASN C 36 -43.49 6.43 8.79
C ASN C 36 -42.30 6.62 7.88
N ALA C 37 -41.54 5.55 7.70
CA ALA C 37 -40.34 5.59 6.89
C ALA C 37 -40.40 4.48 5.86
N ASP C 38 -40.10 4.82 4.61
CA ASP C 38 -40.20 3.90 3.49
C ASP C 38 -39.02 4.05 2.53
N GLU C 39 -38.43 2.93 2.14
CA GLU C 39 -37.25 2.93 1.28
C GLU C 39 -37.45 3.70 -0.01
N THR C 40 -38.46 3.31 -0.78
CA THR C 40 -38.70 3.95 -2.07
C THR C 40 -38.95 5.45 -1.91
N LYS C 41 -39.82 5.84 -0.97
CA LYS C 41 -40.10 7.27 -0.81
C LYS C 41 -38.83 8.04 -0.47
N THR C 42 -37.98 7.44 0.38
CA THR C 42 -36.70 8.04 0.77
C THR C 42 -35.78 8.18 -0.44
N THR C 43 -35.56 7.09 -1.16
CA THR C 43 -34.71 7.09 -2.33
C THR C 43 -35.17 8.12 -3.37
N LYS C 44 -36.47 8.12 -3.69
CA LYS C 44 -37.00 9.01 -4.73
C LYS C 44 -36.91 10.47 -4.35
N ALA C 45 -37.06 10.76 -3.06
CA ALA C 45 -36.98 12.16 -2.59
C ALA C 45 -35.56 12.67 -2.83
N ILE C 46 -34.58 11.85 -2.45
CA ILE C 46 -33.19 12.21 -2.67
C ILE C 46 -32.89 12.38 -4.15
N LEU C 47 -33.29 11.39 -4.95
CA LEU C 47 -33.07 11.48 -6.39
C LEU C 47 -33.71 12.73 -6.94
N LYS C 48 -34.99 12.92 -6.66
CA LYS C 48 -35.75 14.04 -7.22
C LYS C 48 -35.07 15.38 -6.91
N ALA C 49 -34.72 15.56 -5.66
CA ALA C 49 -34.11 16.78 -5.19
C ALA C 49 -32.76 17.00 -5.77
N SER C 50 -32.00 15.94 -5.90
CA SER C 50 -30.67 16.05 -6.43
C SER C 50 -30.68 16.49 -7.85
N PHE C 51 -31.65 16.00 -8.62
CA PHE C 51 -31.83 16.36 -10.03
C PHE C 51 -32.18 17.84 -10.31
N ASP C 52 -33.07 18.42 -9.51
CA ASP C 52 -33.49 19.77 -9.73
C ASP C 52 -32.25 20.60 -9.42
N MET C 53 -31.52 20.21 -8.39
CA MET C 53 -30.29 20.87 -8.01
C MET C 53 -29.27 20.81 -9.14
N TRP C 54 -28.97 19.60 -9.62
CA TRP C 54 -27.94 19.43 -10.68
C TRP C 54 -28.28 20.14 -11.99
N LEU C 55 -29.50 19.96 -12.48
CA LEU C 55 -29.90 20.62 -13.73
C LEU C 55 -29.79 22.13 -13.61
N ASP C 56 -30.08 22.66 -12.44
CA ASP C 56 -30.00 24.08 -12.23
C ASP C 56 -28.55 24.56 -12.10
N ILE C 57 -27.72 23.77 -11.43
CA ILE C 57 -26.42 24.28 -10.97
C ILE C 57 -25.36 24.33 -12.06
N VAL C 58 -25.55 23.60 -13.16
CA VAL C 58 -24.49 23.46 -14.17
C VAL C 58 -24.25 24.72 -15.02
N GLU C 59 -25.06 25.74 -14.78
CA GLU C 59 -24.76 27.10 -15.24
C GLU C 59 -24.85 28.02 -14.04
N ALA C 60 -23.81 28.83 -13.84
CA ALA C 60 -23.75 29.72 -12.69
C ALA C 60 -22.94 30.97 -13.03
N ASP C 61 -23.03 31.99 -12.17
CA ASP C 61 -22.26 33.21 -12.39
C ASP C 61 -20.80 32.99 -12.01
N VAL C 62 -20.58 32.48 -10.80
CA VAL C 62 -19.25 32.27 -10.29
C VAL C 62 -19.08 30.86 -9.73
N VAL C 63 -17.98 30.21 -10.11
CA VAL C 63 -17.55 28.95 -9.48
C VAL C 63 -16.33 29.24 -8.63
N ILE C 64 -16.40 28.87 -7.34
CA ILE C 64 -15.24 28.97 -6.48
C ILE C 64 -14.71 27.56 -6.22
N VAL C 65 -13.43 27.34 -6.51
CA VAL C 65 -12.82 26.02 -6.26
C VAL C 65 -12.05 26.05 -4.96
N GLY C 66 -12.58 25.34 -3.97
CA GLY C 66 -11.99 25.26 -2.63
C GLY C 66 -12.90 25.86 -1.59
N ALA C 67 -13.35 25.02 -0.66
CA ALA C 67 -14.19 25.49 0.44
C ALA C 67 -13.36 25.79 1.67
N GLY C 68 -12.20 26.42 1.47
CA GLY C 68 -11.37 26.87 2.57
C GLY C 68 -11.81 28.22 3.12
N PRO C 69 -11.01 28.79 4.02
CA PRO C 69 -11.40 30.06 4.60
C PRO C 69 -11.55 31.19 3.56
N SER C 70 -10.67 31.26 2.58
CA SER C 70 -10.73 32.36 1.62
C SER C 70 -11.88 32.13 0.67
N GLY C 71 -12.02 30.91 0.17
CA GLY C 71 -13.10 30.61 -0.78
C GLY C 71 -14.47 30.81 -0.19
N LEU C 72 -14.67 30.41 1.07
CA LEU C 72 -15.98 30.57 1.71
C LEU C 72 -16.29 32.02 2.03
N THR C 73 -15.26 32.81 2.31
CA THR C 73 -15.48 34.23 2.54
C THR C 73 -15.90 34.89 1.23
N CYS C 74 -15.12 34.66 0.19
CA CYS C 74 -15.46 35.15 -1.13
C CYS C 74 -16.90 34.78 -1.43
N ALA C 75 -17.26 33.53 -1.19
CA ALA C 75 -18.62 33.05 -1.52
C ALA C 75 -19.71 33.84 -0.78
N ARG C 76 -19.47 34.13 0.49
CA ARG C 76 -20.38 34.93 1.32
C ARG C 76 -20.69 36.25 0.61
N TYR C 77 -19.65 36.99 0.27
CA TYR C 77 -19.78 38.33 -0.26
C TYR C 77 -20.43 38.34 -1.64
N LEU C 78 -20.04 37.42 -2.51
CA LEU C 78 -20.65 37.35 -3.83
C LEU C 78 -22.13 37.01 -3.78
N ALA C 79 -22.51 36.08 -2.90
CA ALA C 79 -23.92 35.70 -2.77
C ALA C 79 -24.77 36.84 -2.17
N LYS C 80 -24.24 37.57 -1.19
CA LYS C 80 -24.94 38.74 -0.60
C LYS C 80 -25.27 39.71 -1.71
N GLU C 81 -24.39 39.82 -2.68
CA GLU C 81 -24.56 40.71 -3.82
C GLU C 81 -25.54 40.18 -4.86
N GLY C 82 -26.17 39.03 -4.61
CA GLY C 82 -27.18 38.49 -5.53
C GLY C 82 -26.67 37.59 -6.65
N PHE C 83 -25.35 37.37 -6.77
CA PHE C 83 -24.82 36.43 -7.77
C PHE C 83 -25.13 34.99 -7.41
N LYS C 84 -25.25 34.17 -8.44
CA LYS C 84 -25.43 32.73 -8.28
C LYS C 84 -24.06 32.05 -8.18
N VAL C 85 -23.73 31.57 -6.97
CA VAL C 85 -22.39 31.08 -6.63
C VAL C 85 -22.40 29.58 -6.30
N VAL C 86 -21.45 28.85 -6.87
CA VAL C 86 -21.20 27.45 -6.46
C VAL C 86 -19.78 27.34 -5.91
N VAL C 87 -19.67 26.74 -4.75
CA VAL C 87 -18.37 26.36 -4.19
C VAL C 87 -18.18 24.85 -4.37
N LEU C 88 -17.05 24.48 -4.93
CA LEU C 88 -16.74 23.09 -5.18
C LEU C 88 -15.57 22.67 -4.34
N GLU C 89 -15.73 21.54 -3.66
CA GLU C 89 -14.72 21.03 -2.71
C GLU C 89 -14.50 19.52 -2.89
N ARG C 90 -13.24 19.11 -3.00
CA ARG C 90 -12.95 17.71 -3.30
C ARG C 90 -13.36 16.83 -2.15
N HIS C 91 -13.05 17.25 -0.93
CA HIS C 91 -13.35 16.41 0.24
C HIS C 91 -14.83 16.44 0.55
N LEU C 92 -15.32 15.42 1.26
CA LEU C 92 -16.73 15.38 1.64
C LEU C 92 -17.12 16.51 2.59
N ALA C 93 -16.18 16.92 3.45
CA ALA C 93 -16.38 18.05 4.32
C ALA C 93 -15.68 19.27 3.76
N PHE C 94 -16.34 20.42 3.94
CA PHE C 94 -15.73 21.73 3.65
C PHE C 94 -14.65 21.99 4.70
N GLY C 95 -13.99 23.13 4.58
CA GLY C 95 -13.13 23.65 5.65
C GLY C 95 -11.68 23.86 5.30
N GLY C 96 -11.18 23.11 4.33
CA GLY C 96 -9.76 23.20 3.96
C GLY C 96 -8.89 22.86 5.13
N GLY C 97 -7.73 23.51 5.22
CA GLY C 97 -6.79 23.24 6.30
C GLY C 97 -7.00 24.24 7.42
N THR C 98 -8.19 24.19 8.00
CA THR C 98 -8.48 24.96 9.19
C THR C 98 -8.61 24.05 10.38
N TRP C 99 -9.19 22.86 10.18
CA TRP C 99 -9.66 22.02 11.28
C TRP C 99 -8.59 21.70 12.31
N GLY C 100 -7.42 21.31 11.82
CA GLY C 100 -6.30 20.90 12.67
C GLY C 100 -5.58 22.04 13.36
N GLY C 101 -5.97 23.28 13.01
CA GLY C 101 -5.33 24.45 13.57
C GLY C 101 -3.84 24.40 13.34
N GLY C 102 -3.09 24.58 14.41
CA GLY C 102 -1.64 24.66 14.34
C GLY C 102 -1.03 23.40 14.89
N MET C 103 -0.49 22.57 13.99
CA MET C 103 0.19 21.33 14.34
C MET C 103 -0.70 20.47 15.22
N GLY C 104 -2.01 20.49 14.95
CA GLY C 104 -2.96 19.66 15.68
C GLY C 104 -3.67 20.40 16.78
N PHE C 105 -3.05 21.47 17.28
CA PHE C 105 -3.61 22.27 18.38
C PHE C 105 -4.79 23.11 17.86
N PRO C 106 -6.01 22.88 18.39
CA PRO C 106 -7.20 23.28 17.65
C PRO C 106 -7.64 24.72 17.86
N TYR C 107 -6.73 25.65 17.55
CA TYR C 107 -7.04 27.07 17.49
C TYR C 107 -6.31 27.69 16.29
N ILE C 108 -6.96 28.67 15.65
CA ILE C 108 -6.33 29.45 14.60
C ILE C 108 -6.34 30.92 14.98
N VAL C 109 -5.40 31.67 14.42
CA VAL C 109 -5.18 33.06 14.80
C VAL C 109 -5.76 34.01 13.74
N VAL C 110 -6.22 35.17 14.20
CA VAL C 110 -6.62 36.25 13.31
C VAL C 110 -6.18 37.55 13.95
N GLU C 111 -5.70 38.48 13.11
CA GLU C 111 -5.14 39.74 13.61
C GLU C 111 -6.01 40.95 13.21
N GLU C 112 -6.00 42.01 14.03
CA GLU C 112 -6.76 43.24 13.74
C GLU C 112 -6.31 43.78 12.37
N PRO C 113 -7.25 44.26 11.53
CA PRO C 113 -8.69 44.37 11.69
C PRO C 113 -9.49 43.24 11.07
N ALA C 114 -8.82 42.18 10.60
CA ALA C 114 -9.53 41.06 9.97
C ALA C 114 -10.40 40.24 10.94
N ASP C 115 -10.18 40.41 12.26
CA ASP C 115 -11.06 39.83 13.26
C ASP C 115 -12.55 40.17 13.06
N GLU C 116 -12.85 41.37 12.55
CA GLU C 116 -14.24 41.74 12.26
C GLU C 116 -14.87 40.77 11.28
N LEU C 117 -14.09 40.26 10.33
CA LEU C 117 -14.61 39.30 9.35
C LEU C 117 -15.08 37.99 9.98
N LEU C 118 -14.59 37.70 11.19
CA LEU C 118 -15.04 36.55 11.95
C LEU C 118 -16.21 36.87 12.90
N ARG C 119 -16.14 38.03 13.50
CA ARG C 119 -17.12 38.47 14.45
C ARG C 119 -18.41 38.56 13.72
N GLU C 120 -18.34 38.99 12.49
CA GLU C 120 -19.48 39.31 11.69
C GLU C 120 -20.29 38.11 11.33
N VAL C 121 -19.72 36.94 11.57
CA VAL C 121 -20.35 35.66 11.26
C VAL C 121 -20.66 34.86 12.54
N GLY C 122 -20.48 35.48 13.71
CA GLY C 122 -20.85 34.85 14.97
C GLY C 122 -19.76 34.04 15.61
N ILE C 123 -18.53 34.15 15.12
CA ILE C 123 -17.45 33.36 15.65
C ILE C 123 -16.94 34.00 16.94
N LYS C 124 -16.82 33.23 18.00
CA LYS C 124 -16.30 33.73 19.25
C LYS C 124 -14.78 33.77 19.16
N LEU C 125 -14.21 34.84 19.68
CA LEU C 125 -12.79 35.05 19.68
C LEU C 125 -12.27 35.15 21.11
N ILE C 126 -11.00 34.83 21.29
CA ILE C 126 -10.33 35.11 22.54
C ILE C 126 -9.20 36.10 22.28
N ASP C 127 -9.14 37.17 23.08
CA ASP C 127 -8.11 38.20 22.92
C ASP C 127 -6.82 37.69 23.56
N MET C 128 -5.76 37.58 22.76
CA MET C 128 -4.47 37.11 23.27
C MET C 128 -3.45 38.23 23.35
N GLY C 129 -3.86 39.46 23.05
CA GLY C 129 -3.02 40.64 23.15
C GLY C 129 -2.48 41.11 21.80
N ASP C 130 -2.08 42.37 21.75
CA ASP C 130 -1.40 42.96 20.60
C ASP C 130 -2.14 42.81 19.29
N GLY C 131 -3.46 42.76 19.36
CA GLY C 131 -4.29 42.66 18.17
C GLY C 131 -4.40 41.25 17.64
N TYR C 132 -3.98 40.27 18.45
CA TYR C 132 -4.06 38.84 18.08
C TYR C 132 -5.23 38.17 18.78
N TYR C 133 -6.07 37.49 18.00
CA TYR C 133 -7.19 36.73 18.54
C TYR C 133 -7.13 35.29 18.06
N VAL C 134 -7.60 34.35 18.88
CA VAL C 134 -7.74 32.96 18.45
C VAL C 134 -9.22 32.57 18.38
N ALA C 135 -9.50 31.52 17.63
CA ALA C 135 -10.82 30.96 17.54
C ALA C 135 -10.73 29.46 17.42
N ASP C 136 -11.71 28.77 17.98
CA ASP C 136 -11.82 27.32 17.93
C ASP C 136 -11.75 26.90 16.46
N SER C 137 -10.78 26.07 16.11
CA SER C 137 -10.54 25.70 14.71
C SER C 137 -11.63 24.84 14.09
N VAL C 138 -12.54 24.33 14.92
CA VAL C 138 -13.71 23.61 14.45
C VAL C 138 -14.90 24.56 14.27
N GLU C 139 -15.01 25.56 15.13
CA GLU C 139 -16.07 26.56 15.03
C GLU C 139 -15.96 27.42 13.78
N VAL C 140 -14.74 27.76 13.40
CA VAL C 140 -14.53 28.66 12.27
C VAL C 140 -15.10 28.12 10.96
N PRO C 141 -14.64 26.92 10.50
CA PRO C 141 -15.12 26.45 9.21
C PRO C 141 -16.61 26.25 9.18
N ALA C 142 -17.17 25.79 10.30
CA ALA C 142 -18.62 25.60 10.41
C ALA C 142 -19.35 26.92 10.19
N LYS C 143 -18.94 27.96 10.90
CA LYS C 143 -19.65 29.22 10.80
C LYS C 143 -19.41 29.95 9.48
N LEU C 144 -18.23 29.83 8.89
CA LEU C 144 -17.98 30.39 7.54
C LEU C 144 -18.84 29.71 6.47
N ALA C 145 -19.08 28.41 6.65
CA ALA C 145 -19.88 27.65 5.71
C ALA C 145 -21.35 28.04 5.83
N VAL C 146 -21.84 28.16 7.06
CA VAL C 146 -23.21 28.55 7.30
C VAL C 146 -23.49 29.95 6.74
N ALA C 147 -22.59 30.89 7.02
CA ALA C 147 -22.73 32.22 6.46
C ALA C 147 -22.88 32.15 4.95
N ALA C 148 -21.98 31.42 4.30
CA ALA C 148 -22.03 31.32 2.85
C ALA C 148 -23.36 30.77 2.38
N MET C 149 -23.78 29.69 3.01
CA MET C 149 -24.99 29.02 2.56
C MET C 149 -26.20 29.93 2.81
N ASP C 150 -26.24 30.57 3.97
CA ASP C 150 -27.36 31.45 4.32
C ASP C 150 -27.37 32.70 3.47
N ALA C 151 -26.21 33.10 2.94
CA ALA C 151 -26.16 34.22 2.01
C ALA C 151 -26.65 33.84 0.61
N GLY C 152 -26.87 32.54 0.37
CA GLY C 152 -27.31 32.07 -0.94
C GLY C 152 -26.35 31.17 -1.70
N ALA C 153 -25.09 31.09 -1.28
CA ALA C 153 -24.11 30.26 -1.97
C ALA C 153 -24.41 28.78 -1.84
N LYS C 154 -24.11 28.02 -2.89
CA LYS C 154 -24.29 26.58 -2.86
C LYS C 154 -22.93 25.97 -2.68
N ILE C 155 -22.83 24.98 -1.80
CA ILE C 155 -21.58 24.25 -1.60
C ILE C 155 -21.78 22.81 -2.00
N LEU C 156 -20.99 22.35 -2.96
CA LEU C 156 -20.99 20.95 -3.34
C LEU C 156 -19.67 20.31 -2.90
N THR C 157 -19.75 19.32 -2.03
CA THR C 157 -18.54 18.59 -1.63
C THR C 157 -18.47 17.24 -2.34
N GLY C 158 -17.34 16.58 -2.20
CA GLY C 158 -17.11 15.33 -2.90
C GLY C 158 -16.90 15.57 -4.38
N ILE C 159 -16.45 16.77 -4.75
CA ILE C 159 -16.36 17.14 -6.15
C ILE C 159 -15.04 17.80 -6.49
N VAL C 160 -14.39 17.20 -7.48
CA VAL C 160 -13.04 17.54 -7.90
C VAL C 160 -13.15 18.34 -9.18
N VAL C 161 -12.40 19.44 -9.28
CA VAL C 161 -12.26 20.15 -10.55
C VAL C 161 -11.00 19.63 -11.18
N GLU C 162 -11.15 18.96 -12.32
CA GLU C 162 -10.01 18.29 -12.99
C GLU C 162 -9.48 19.13 -14.16
N ASP C 163 -10.27 20.10 -14.63
CA ASP C 163 -9.88 20.91 -15.79
C ASP C 163 -10.74 22.17 -15.89
N LEU C 164 -10.37 23.04 -16.82
CA LEU C 164 -11.12 24.25 -17.12
C LEU C 164 -11.85 24.13 -18.44
N ILE C 165 -12.86 24.99 -18.60
CA ILE C 165 -13.53 25.20 -19.88
C ILE C 165 -13.00 26.50 -20.46
N LEU C 166 -12.68 26.51 -21.76
CA LEU C 166 -12.17 27.71 -22.42
C LEU C 166 -13.06 28.21 -23.55
N ARG C 167 -12.96 29.51 -23.82
CA ARG C 167 -13.49 30.18 -25.00
C ARG C 167 -12.42 31.21 -25.40
N GLU C 168 -12.58 31.88 -26.54
CA GLU C 168 -11.59 32.88 -27.02
C GLU C 168 -11.47 34.04 -26.01
N ASP C 169 -12.65 34.45 -25.54
CA ASP C 169 -12.88 35.30 -24.38
C ASP C 169 -11.93 35.03 -23.18
N GLY C 170 -11.65 33.74 -22.91
CA GLY C 170 -10.92 33.31 -21.72
C GLY C 170 -11.62 32.14 -21.01
N VAL C 171 -11.42 32.02 -19.70
CA VAL C 171 -11.98 30.91 -18.96
C VAL C 171 -13.51 30.99 -18.89
N ALA C 172 -14.17 29.88 -19.15
CA ALA C 172 -15.61 29.82 -19.29
C ALA C 172 -16.31 28.88 -18.32
N GLY C 173 -15.57 28.30 -17.38
CA GLY C 173 -16.15 27.36 -16.43
C GLY C 173 -15.17 26.29 -16.02
N VAL C 174 -15.69 25.20 -15.46
CA VAL C 174 -14.88 24.12 -14.90
C VAL C 174 -15.37 22.76 -15.33
N VAL C 175 -14.43 21.82 -15.35
CA VAL C 175 -14.70 20.43 -15.68
C VAL C 175 -14.61 19.64 -14.40
N ILE C 176 -15.68 18.94 -14.07
CA ILE C 176 -15.81 18.35 -12.73
C ILE C 176 -15.93 16.85 -12.78
N ASN C 177 -15.51 16.26 -11.67
CA ASN C 177 -15.71 14.84 -11.43
C ASN C 177 -15.88 14.57 -9.95
N SER C 178 -16.17 13.32 -9.64
CA SER C 178 -16.43 12.91 -8.27
C SER C 178 -15.12 12.49 -7.60
N TYR C 179 -14.92 12.96 -6.37
CA TYR C 179 -13.80 12.57 -5.54
C TYR C 179 -13.70 11.06 -5.42
N ALA C 180 -14.85 10.41 -5.24
CA ALA C 180 -14.92 8.95 -5.14
C ALA C 180 -14.31 8.29 -6.38
N ILE C 181 -14.69 8.78 -7.54
CA ILE C 181 -14.15 8.28 -8.79
C ILE C 181 -12.64 8.49 -8.86
N GLU C 182 -12.18 9.66 -8.46
CA GLU C 182 -10.76 9.96 -8.48
C GLU C 182 -9.94 9.06 -7.55
N ARG C 183 -10.35 8.98 -6.29
CA ARG C 183 -9.69 8.08 -5.35
C ARG C 183 -9.71 6.62 -5.78
N ALA C 184 -10.84 6.18 -6.30
CA ALA C 184 -11.01 4.81 -6.76
C ALA C 184 -10.12 4.48 -7.99
N GLY C 185 -9.69 5.51 -8.70
CA GLY C 185 -8.80 5.36 -9.84
C GLY C 185 -9.50 4.95 -11.12
N LEU C 186 -10.79 5.26 -11.26
CA LEU C 186 -11.54 4.82 -12.41
C LEU C 186 -11.41 5.79 -13.59
N HIS C 187 -11.42 5.25 -14.81
CA HIS C 187 -11.33 6.04 -16.04
C HIS C 187 -12.77 6.38 -16.48
N ILE C 188 -13.27 7.51 -15.99
CA ILE C 188 -14.62 7.92 -16.25
C ILE C 188 -14.66 9.39 -16.65
N ASP C 189 -15.39 9.69 -17.72
CA ASP C 189 -15.47 11.07 -18.22
C ASP C 189 -16.12 11.99 -17.18
N PRO C 190 -15.88 13.31 -17.31
CA PRO C 190 -16.46 14.29 -16.41
C PRO C 190 -17.79 14.91 -16.87
N LEU C 191 -18.30 15.83 -16.06
CA LEU C 191 -19.33 16.78 -16.47
C LEU C 191 -18.78 18.20 -16.33
N THR C 192 -19.63 19.20 -16.54
CA THR C 192 -19.19 20.58 -16.62
C THR C 192 -20.08 21.51 -15.81
N ILE C 193 -19.53 22.65 -15.45
CA ILE C 193 -20.31 23.78 -14.96
C ILE C 193 -19.80 25.00 -15.67
N ARG C 194 -20.68 25.67 -16.42
CA ARG C 194 -20.30 26.91 -17.08
C ARG C 194 -20.46 28.07 -16.11
N SER C 195 -19.53 29.01 -16.18
CA SER C 195 -19.59 30.19 -15.37
C SER C 195 -18.94 31.38 -16.06
N LYS C 196 -19.35 32.57 -15.64
CA LYS C 196 -18.74 33.79 -16.11
C LYS C 196 -17.34 33.94 -15.52
N VAL C 197 -17.17 33.49 -14.29
CA VAL C 197 -15.90 33.60 -13.60
C VAL C 197 -15.55 32.30 -12.88
N VAL C 198 -14.26 32.04 -12.75
CA VAL C 198 -13.77 30.93 -11.92
C VAL C 198 -12.77 31.50 -10.92
N VAL C 199 -12.83 31.01 -9.68
CA VAL C 199 -11.92 31.43 -8.62
C VAL C 199 -11.10 30.24 -8.11
N ASP C 200 -9.78 30.38 -8.14
CA ASP C 200 -8.92 29.36 -7.59
C ASP C 200 -8.67 29.73 -6.14
N ALA C 201 -9.32 28.98 -5.25
CA ALA C 201 -9.13 29.16 -3.80
C ALA C 201 -8.66 27.84 -3.17
N THR C 202 -7.78 27.13 -3.87
CA THR C 202 -7.37 25.78 -3.53
C THR C 202 -6.13 25.68 -2.62
N GLY C 203 -5.70 26.80 -2.07
CA GLY C 203 -4.58 26.80 -1.14
C GLY C 203 -3.25 26.85 -1.85
N HIS C 204 -2.22 26.34 -1.18
CA HIS C 204 -0.84 26.43 -1.68
C HIS C 204 -0.62 25.63 -2.95
N GLU C 205 -1.48 24.64 -3.18
CA GLU C 205 -1.47 23.87 -4.43
C GLU C 205 -1.64 24.77 -5.67
N ALA C 206 -2.48 25.80 -5.55
CA ALA C 206 -2.91 26.63 -6.69
C ALA C 206 -3.23 25.75 -7.89
N SER C 207 -4.08 24.76 -7.66
CA SER C 207 -4.18 23.65 -8.59
C SER C 207 -4.93 23.99 -9.87
N ILE C 208 -5.82 24.98 -9.83
CA ILE C 208 -6.55 25.40 -11.05
C ILE C 208 -5.64 26.23 -11.98
N VAL C 209 -4.90 27.17 -11.40
CA VAL C 209 -3.94 27.95 -12.15
C VAL C 209 -2.90 27.02 -12.80
N ASN C 210 -2.42 26.03 -12.05
CA ASN C 210 -1.46 25.07 -12.58
C ASN C 210 -2.01 24.28 -13.71
N ILE C 211 -3.28 23.91 -13.65
CA ILE C 211 -3.89 23.17 -14.73
C ILE C 211 -3.89 24.00 -15.99
N LEU C 212 -4.32 25.25 -15.86
CA LEU C 212 -4.36 26.17 -16.98
C LEU C 212 -3.01 26.26 -17.69
N VAL C 213 -1.97 26.52 -16.91
CA VAL C 213 -0.64 26.69 -17.45
C VAL C 213 -0.10 25.40 -18.08
N LYS C 214 -0.15 24.28 -17.34
CA LYS C 214 0.42 23.02 -17.82
C LYS C 214 -0.29 22.54 -19.08
N LYS C 215 -1.61 22.39 -19.03
CA LYS C 215 -2.33 21.74 -20.13
C LYS C 215 -2.40 22.60 -21.39
N ASN C 216 -2.48 23.92 -21.22
CA ASN C 216 -2.57 24.82 -22.36
C ASN C 216 -1.23 25.40 -22.76
N LYS C 217 -0.17 24.81 -22.20
CA LYS C 217 1.22 25.14 -22.56
C LYS C 217 1.45 26.65 -22.63
N LEU C 218 0.97 27.38 -21.64
CA LEU C 218 1.22 28.82 -21.58
C LEU C 218 2.65 29.04 -21.15
N GLU C 219 3.26 30.08 -21.70
CA GLU C 219 4.61 30.44 -21.34
C GLU C 219 4.54 31.28 -20.10
N ALA C 220 4.56 30.59 -18.96
CA ALA C 220 4.55 31.21 -17.63
C ALA C 220 4.77 30.12 -16.62
N ASP C 221 5.45 30.45 -15.52
CA ASP C 221 5.70 29.49 -14.45
C ASP C 221 4.81 29.85 -13.28
N VAL C 222 4.17 28.85 -12.68
CA VAL C 222 3.56 29.01 -11.37
C VAL C 222 4.66 28.68 -10.36
N PRO C 223 5.29 29.69 -9.75
CA PRO C 223 6.49 29.42 -8.94
C PRO C 223 6.23 28.63 -7.66
N GLY C 224 5.06 28.82 -7.06
CA GLY C 224 4.76 28.22 -5.77
C GLY C 224 5.22 29.09 -4.61
N GLU C 225 4.68 28.80 -3.42
CA GLU C 225 5.02 29.54 -2.22
C GLU C 225 6.53 29.53 -1.92
N LYS C 226 7.02 30.64 -1.38
CA LYS C 226 8.35 30.70 -0.79
C LYS C 226 8.28 30.17 0.66
N SER C 227 9.37 30.31 1.39
CA SER C 227 9.40 29.94 2.80
C SER C 227 8.56 30.90 3.68
N MET C 228 8.60 30.70 5.00
CA MET C 228 7.78 31.49 5.87
C MET C 228 8.37 32.86 6.20
N TRP C 229 7.56 33.89 5.99
CA TRP C 229 7.81 35.23 6.48
C TRP C 229 6.44 35.86 6.70
N ALA C 230 5.85 35.62 7.86
CA ALA C 230 4.44 35.92 8.05
C ALA C 230 4.04 37.33 7.61
N GLU C 231 4.82 38.34 8.02
CA GLU C 231 4.49 39.72 7.69
C GLU C 231 4.50 39.97 6.18
N LYS C 232 5.64 39.74 5.53
CA LYS C 232 5.70 39.84 4.07
C LYS C 232 4.56 39.04 3.39
N GLY C 233 4.34 37.83 3.89
CA GLY C 233 3.32 36.95 3.34
C GLY C 233 1.91 37.50 3.47
N GLU C 234 1.54 37.91 4.68
CA GLU C 234 0.18 38.40 4.90
C GLU C 234 -0.11 39.62 4.04
N ASN C 235 0.88 40.51 3.89
CA ASN C 235 0.65 41.77 3.17
C ASN C 235 0.66 41.62 1.66
N ALA C 236 1.45 40.68 1.17
CA ALA C 236 1.49 40.37 -0.27
C ALA C 236 0.17 39.82 -0.77
N LEU C 237 -0.54 39.14 0.12
CA LEU C 237 -1.76 38.44 -0.23
C LEU C 237 -2.78 39.35 -0.93
N LEU C 238 -2.88 40.57 -0.44
CA LEU C 238 -3.88 41.51 -0.95
C LEU C 238 -3.49 42.06 -2.31
N ARG C 239 -2.20 42.35 -2.47
CA ARG C 239 -1.63 42.70 -3.75
C ARG C 239 -1.77 41.55 -4.77
N ASN C 240 -1.60 40.32 -4.30
CA ASN C 240 -1.60 39.12 -5.16
C ASN C 240 -2.97 38.55 -5.47
N THR C 241 -4.00 39.10 -4.83
CA THR C 241 -5.37 38.66 -5.06
C THR C 241 -5.92 39.41 -6.25
N ARG C 242 -5.98 38.76 -7.39
CA ARG C 242 -6.36 39.44 -8.62
C ARG C 242 -6.83 38.48 -9.69
N GLU C 243 -7.19 39.03 -10.84
CA GLU C 243 -7.48 38.25 -12.05
C GLU C 243 -6.18 37.95 -12.75
N VAL C 244 -5.79 36.68 -12.82
CA VAL C 244 -4.49 36.33 -13.38
C VAL C 244 -4.56 35.95 -14.85
N TYR C 245 -5.76 35.66 -15.33
CA TYR C 245 -5.95 35.30 -16.71
C TYR C 245 -7.42 35.58 -16.93
N PRO C 246 -7.82 35.91 -18.16
CA PRO C 246 -9.21 36.39 -18.29
C PRO C 246 -10.27 35.46 -17.68
N ASN C 247 -11.07 36.02 -16.77
CA ASN C 247 -12.11 35.31 -16.00
C ASN C 247 -11.64 34.37 -14.88
N LEU C 248 -10.34 34.31 -14.65
CA LEU C 248 -9.77 33.46 -13.60
C LEU C 248 -9.12 34.31 -12.51
N PHE C 249 -9.71 34.26 -11.31
CA PHE C 249 -9.16 34.97 -10.16
C PHE C 249 -8.50 34.01 -9.19
N VAL C 250 -7.56 34.51 -8.39
CA VAL C 250 -7.00 33.74 -7.28
C VAL C 250 -7.22 34.47 -5.98
N CYS C 251 -7.47 33.71 -4.90
CA CYS C 251 -7.48 34.27 -3.54
C CYS C 251 -6.92 33.24 -2.55
N GLY C 252 -6.69 33.68 -1.32
CA GLY C 252 -6.07 32.83 -0.31
C GLY C 252 -4.66 32.49 -0.69
N MET C 253 -4.12 31.39 -0.16
CA MET C 253 -2.73 31.01 -0.44
C MET C 253 -2.49 30.76 -1.91
N ALA C 254 -3.52 30.35 -2.64
CA ALA C 254 -3.36 30.21 -4.09
C ALA C 254 -2.80 31.50 -4.69
N ALA C 255 -3.21 32.66 -4.17
CA ALA C 255 -2.68 33.93 -4.66
C ALA C 255 -1.17 34.04 -4.43
N ASN C 256 -0.69 33.72 -3.23
CA ASN C 256 0.74 33.81 -2.96
C ASN C 256 1.56 32.71 -3.68
N ALA C 257 0.96 31.53 -3.84
CA ALA C 257 1.62 30.44 -4.56
C ALA C 257 1.81 30.86 -6.02
N SER C 258 0.79 31.47 -6.60
CA SER C 258 0.82 31.91 -7.99
C SER C 258 1.83 33.02 -8.26
N HIS C 259 2.14 33.80 -7.24
CA HIS C 259 3.01 34.97 -7.44
C HIS C 259 4.31 34.86 -6.65
N GLY C 260 4.62 33.66 -6.19
CA GLY C 260 5.87 33.43 -5.46
C GLY C 260 5.98 34.20 -4.15
N GLY C 261 4.85 34.40 -3.47
CA GLY C 261 4.80 35.08 -2.16
C GLY C 261 5.16 34.20 -0.98
N TYR C 262 5.63 34.82 0.10
CA TYR C 262 5.98 34.09 1.33
C TYR C 262 4.74 33.52 2.02
N ARG C 263 4.92 32.51 2.86
CA ARG C 263 3.79 32.00 3.64
C ARG C 263 3.77 32.52 5.07
N MET C 264 2.62 32.35 5.74
CA MET C 264 2.40 32.96 7.07
C MET C 264 1.98 31.99 8.19
N GLY C 265 1.67 30.76 7.84
CA GLY C 265 1.32 29.75 8.83
C GLY C 265 -0.11 29.91 9.25
N ALA C 266 -0.39 29.59 10.51
CA ALA C 266 -1.78 29.45 10.99
C ALA C 266 -2.44 30.77 11.39
N ILE C 267 -2.15 31.83 10.65
CA ILE C 267 -2.78 33.13 10.87
C ILE C 267 -3.61 33.45 9.62
N PHE C 268 -4.85 33.85 9.81
CA PHE C 268 -5.82 33.78 8.73
C PHE C 268 -6.44 35.14 8.33
N GLY C 269 -5.96 36.23 8.91
CA GLY C 269 -6.52 37.54 8.60
C GLY C 269 -6.49 37.88 7.13
N GLY C 270 -5.31 37.70 6.55
CA GLY C 270 -5.13 37.90 5.11
C GLY C 270 -5.94 36.96 4.24
N MET C 271 -6.21 35.75 4.73
CA MET C 271 -7.06 34.82 3.97
C MET C 271 -8.44 35.40 3.82
N TYR C 272 -8.99 35.90 4.93
CA TYR C 272 -10.36 36.39 4.96
C TYR C 272 -10.46 37.66 4.12
N LEU C 273 -9.49 38.55 4.28
CA LEU C 273 -9.45 39.78 3.49
C LEU C 273 -9.31 39.50 1.99
N SER C 274 -8.41 38.57 1.65
CA SER C 274 -8.22 38.16 0.27
C SER C 274 -9.52 37.67 -0.35
N GLY C 275 -10.25 36.84 0.38
CA GLY C 275 -11.54 36.36 -0.11
C GLY C 275 -12.51 37.48 -0.37
N LYS C 276 -12.55 38.45 0.54
CA LYS C 276 -13.45 39.60 0.41
C LYS C 276 -13.05 40.50 -0.75
N LEU C 277 -11.76 40.84 -0.81
CA LEU C 277 -11.24 41.61 -1.93
C LEU C 277 -11.54 40.94 -3.27
N CYS C 278 -11.40 39.61 -3.30
CA CYS C 278 -11.65 38.85 -4.50
C CYS C 278 -13.10 38.99 -4.93
N ALA C 279 -14.00 38.97 -3.95
CA ALA C 279 -15.42 39.18 -4.22
C ALA C 279 -15.70 40.59 -4.74
N GLU C 280 -15.01 41.59 -4.17
CA GLU C 280 -15.18 42.97 -4.66
C GLU C 280 -14.72 43.11 -6.11
N LEU C 281 -13.54 42.59 -6.44
CA LEU C 281 -13.03 42.63 -7.81
C LEU C 281 -13.97 41.97 -8.79
N ILE C 282 -14.57 40.86 -8.38
CA ILE C 282 -15.45 40.10 -9.29
C ILE C 282 -16.77 40.83 -9.47
N THR C 283 -17.32 41.36 -8.37
CA THR C 283 -18.53 42.19 -8.40
C THR C 283 -18.39 43.34 -9.39
N GLU C 284 -17.26 44.02 -9.34
CA GLU C 284 -16.99 45.11 -10.24
C GLU C 284 -17.05 44.63 -11.69
N LYS C 285 -16.23 43.64 -12.02
CA LYS C 285 -16.16 43.10 -13.36
C LYS C 285 -17.52 42.65 -13.87
N LEU C 286 -18.34 42.06 -13.01
CA LEU C 286 -19.58 41.42 -13.44
C LEU C 286 -20.81 42.33 -13.47
N LYS C 287 -20.84 43.39 -12.68
CA LYS C 287 -21.98 44.30 -12.75
C LYS C 287 -21.93 44.97 -14.13
N ILE D 33 -16.60 17.70 -42.12
CA ILE D 33 -17.80 17.66 -41.23
C ILE D 33 -17.70 18.70 -40.11
N LYS D 34 -18.73 19.54 -39.99
CA LYS D 34 -18.86 20.47 -38.87
C LYS D 34 -19.68 19.78 -37.78
N LEU D 35 -19.08 19.60 -36.58
CA LEU D 35 -19.76 18.98 -35.45
C LEU D 35 -20.13 20.05 -34.44
N ASN D 36 -21.39 20.06 -34.01
CA ASN D 36 -21.85 20.99 -32.98
C ASN D 36 -21.87 20.30 -31.64
N ALA D 37 -20.89 20.64 -30.80
CA ALA D 37 -20.74 20.04 -29.50
C ALA D 37 -20.64 21.14 -28.45
N ASP D 38 -21.42 20.99 -27.38
CA ASP D 38 -21.51 22.00 -26.32
C ASP D 38 -21.53 21.35 -24.93
N GLU D 39 -20.72 21.89 -24.03
CA GLU D 39 -20.57 21.34 -22.69
C GLU D 39 -21.92 21.20 -21.97
N THR D 40 -22.63 22.32 -21.81
CA THR D 40 -23.90 22.30 -21.10
C THR D 40 -24.90 21.33 -21.73
N LYS D 41 -25.08 21.37 -23.04
CA LYS D 41 -26.05 20.48 -23.67
C LYS D 41 -25.67 19.02 -23.41
N THR D 42 -24.37 18.72 -23.46
CA THR D 42 -23.86 17.37 -23.19
C THR D 42 -24.16 16.95 -21.75
N THR D 43 -23.75 17.81 -20.80
CA THR D 43 -23.96 17.53 -19.39
C THR D 43 -25.46 17.33 -19.06
N LYS D 44 -26.31 18.23 -19.54
CA LYS D 44 -27.73 18.17 -19.23
C LYS D 44 -28.40 16.94 -19.84
N ALA D 45 -27.94 16.52 -21.00
CA ALA D 45 -28.52 15.34 -21.67
C ALA D 45 -28.26 14.11 -20.81
N ILE D 46 -27.01 13.98 -20.35
CA ILE D 46 -26.63 12.88 -19.49
C ILE D 46 -27.43 12.92 -18.18
N LEU D 47 -27.45 14.10 -17.55
CA LEU D 47 -28.20 14.23 -16.30
C LEU D 47 -29.64 13.85 -16.52
N LYS D 48 -30.28 14.47 -17.51
CA LYS D 48 -31.71 14.27 -17.75
C LYS D 48 -32.05 12.79 -17.93
N ALA D 49 -31.27 12.13 -18.77
CA ALA D 49 -31.47 10.73 -19.07
C ALA D 49 -31.25 9.84 -17.89
N SER D 50 -30.24 10.15 -17.11
CA SER D 50 -29.91 9.33 -15.98
C SER D 50 -30.98 9.38 -14.94
N PHE D 51 -31.53 10.56 -14.79
CA PHE D 51 -32.56 10.94 -13.86
C PHE D 51 -33.85 10.17 -14.07
N ASP D 52 -34.28 10.05 -15.32
CA ASP D 52 -35.46 9.31 -15.71
C ASP D 52 -35.26 7.82 -15.51
N MET D 53 -34.11 7.34 -15.92
CA MET D 53 -33.68 5.98 -15.68
C MET D 53 -33.75 5.64 -14.20
N TRP D 54 -33.08 6.43 -13.36
CA TRP D 54 -33.04 6.15 -11.91
C TRP D 54 -34.40 6.16 -11.23
N LEU D 55 -35.21 7.19 -11.48
CA LEU D 55 -36.54 7.26 -10.87
C LEU D 55 -37.39 6.07 -11.26
N ASP D 56 -37.22 5.59 -12.48
CA ASP D 56 -37.96 4.43 -12.93
C ASP D 56 -37.43 3.12 -12.33
N ILE D 57 -36.13 3.00 -12.21
CA ILE D 57 -35.51 1.69 -11.96
C ILE D 57 -35.61 1.24 -10.51
N VAL D 58 -35.87 2.16 -9.57
CA VAL D 58 -35.79 1.81 -8.14
C VAL D 58 -36.95 0.95 -7.62
N GLU D 59 -37.90 0.68 -8.52
CA GLU D 59 -38.86 -0.41 -8.33
C GLU D 59 -38.84 -1.32 -9.54
N ALA D 60 -38.68 -2.61 -9.29
CA ALA D 60 -38.57 -3.58 -10.38
C ALA D 60 -39.15 -4.93 -9.96
N ASP D 61 -39.34 -5.82 -10.93
CA ASP D 61 -39.85 -7.15 -10.63
C ASP D 61 -38.75 -8.01 -10.05
N VAL D 62 -37.62 -8.06 -10.76
CA VAL D 62 -36.49 -8.90 -10.35
C VAL D 62 -35.19 -8.11 -10.36
N VAL D 63 -34.41 -8.26 -9.29
CA VAL D 63 -33.04 -7.75 -9.25
C VAL D 63 -32.07 -8.94 -9.30
N ILE D 64 -31.18 -8.94 -10.28
CA ILE D 64 -30.13 -9.95 -10.34
C ILE D 64 -28.81 -9.36 -9.92
N VAL D 65 -28.17 -9.92 -8.90
CA VAL D 65 -26.88 -9.42 -8.45
C VAL D 65 -25.75 -10.23 -9.05
N GLY D 66 -25.03 -9.61 -9.97
CA GLY D 66 -23.92 -10.25 -10.66
C GLY D 66 -24.17 -10.35 -12.15
N ALA D 67 -23.35 -9.67 -12.94
CA ALA D 67 -23.47 -9.72 -14.40
C ALA D 67 -22.53 -10.76 -14.97
N GLY D 68 -22.46 -11.91 -14.32
CA GLY D 68 -21.68 -13.03 -14.82
C GLY D 68 -22.47 -13.87 -15.81
N PRO D 69 -21.92 -15.02 -16.22
CA PRO D 69 -22.61 -15.83 -17.20
C PRO D 69 -23.98 -16.31 -16.72
N SER D 70 -24.13 -16.70 -15.47
CA SER D 70 -25.40 -17.24 -15.00
C SER D 70 -26.40 -16.09 -14.84
N GLY D 71 -25.97 -15.00 -14.25
CA GLY D 71 -26.87 -13.88 -14.03
C GLY D 71 -27.38 -13.28 -15.31
N LEU D 72 -26.52 -13.16 -16.32
CA LEU D 72 -26.94 -12.58 -17.61
C LEU D 72 -27.86 -13.52 -18.39
N THR D 73 -27.67 -14.83 -18.21
CA THR D 73 -28.56 -15.79 -18.85
C THR D 73 -29.94 -15.69 -18.21
N CYS D 74 -29.97 -15.77 -16.88
CA CYS D 74 -31.20 -15.59 -16.15
C CYS D 74 -31.89 -14.33 -16.62
N ALA D 75 -31.14 -13.23 -16.72
CA ALA D 75 -31.73 -11.94 -17.13
C ALA D 75 -32.39 -11.99 -18.52
N ARG D 76 -31.73 -12.66 -19.46
CA ARG D 76 -32.25 -12.86 -20.81
C ARG D 76 -33.67 -13.45 -20.74
N TYR D 77 -33.77 -14.59 -20.06
CA TYR D 77 -35.01 -15.35 -20.03
C TYR D 77 -36.13 -14.62 -19.30
N LEU D 78 -35.83 -14.00 -18.18
CA LEU D 78 -36.85 -13.23 -17.46
C LEU D 78 -37.38 -12.06 -18.27
N ALA D 79 -36.48 -11.36 -18.96
CA ALA D 79 -36.89 -10.19 -19.76
C ALA D 79 -37.73 -10.62 -20.96
N LYS D 80 -37.37 -11.73 -21.63
CA LYS D 80 -38.15 -12.27 -22.76
C LYS D 80 -39.58 -12.49 -22.31
N GLU D 81 -39.73 -12.91 -21.06
CA GLU D 81 -41.04 -13.18 -20.46
C GLU D 81 -41.80 -11.93 -20.06
N GLY D 82 -41.26 -10.74 -20.34
CA GLY D 82 -41.94 -9.48 -20.05
C GLY D 82 -41.74 -8.90 -18.66
N PHE D 83 -40.98 -9.55 -17.79
CA PHE D 83 -40.64 -8.96 -16.48
C PHE D 83 -39.70 -7.78 -16.60
N LYS D 84 -39.81 -6.87 -15.65
CA LYS D 84 -38.89 -5.74 -15.53
C LYS D 84 -37.68 -6.16 -14.67
N VAL D 85 -36.52 -6.31 -15.33
CA VAL D 85 -35.31 -6.87 -14.72
C VAL D 85 -34.18 -5.86 -14.64
N VAL D 86 -33.53 -5.79 -13.47
CA VAL D 86 -32.28 -5.04 -13.33
C VAL D 86 -31.15 -6.00 -12.95
N VAL D 87 -30.05 -5.90 -13.66
CA VAL D 87 -28.82 -6.59 -13.29
C VAL D 87 -27.87 -5.57 -12.70
N LEU D 88 -27.34 -5.88 -11.51
CA LEU D 88 -26.44 -5.00 -10.81
C LEU D 88 -25.08 -5.65 -10.73
N GLU D 89 -24.05 -4.88 -11.08
CA GLU D 89 -22.67 -5.37 -11.15
C GLU D 89 -21.70 -4.37 -10.51
N ARG D 90 -20.84 -4.84 -9.60
CA ARG D 90 -19.96 -3.94 -8.87
C ARG D 90 -18.95 -3.31 -9.81
N HIS D 91 -18.37 -4.10 -10.72
CA HIS D 91 -17.33 -3.58 -11.61
C HIS D 91 -17.96 -2.74 -12.70
N LEU D 92 -17.17 -1.85 -13.29
CA LEU D 92 -17.65 -1.00 -14.38
C LEU D 92 -18.04 -1.79 -15.63
N ALA D 93 -17.31 -2.88 -15.87
CA ALA D 93 -17.66 -3.80 -16.94
C ALA D 93 -18.39 -5.02 -16.40
N PHE D 94 -19.38 -5.46 -17.18
CA PHE D 94 -20.06 -6.74 -16.92
C PHE D 94 -19.10 -7.88 -17.21
N GLY D 95 -19.55 -9.11 -17.00
CA GLY D 95 -18.83 -10.28 -17.48
C GLY D 95 -18.40 -11.28 -16.43
N GLY D 96 -18.20 -10.83 -15.20
CA GLY D 96 -17.73 -11.72 -14.15
C GLY D 96 -16.39 -12.30 -14.50
N GLY D 97 -16.15 -13.54 -14.07
CA GLY D 97 -14.87 -14.22 -14.32
C GLY D 97 -15.00 -15.07 -15.57
N THR D 98 -15.27 -14.40 -16.68
CA THR D 98 -15.23 -15.07 -17.98
C THR D 98 -14.02 -14.60 -18.77
N TRP D 99 -13.69 -13.32 -18.67
CA TRP D 99 -12.77 -12.65 -19.61
C TRP D 99 -11.43 -13.34 -19.74
N GLY D 100 -10.85 -13.70 -18.60
CA GLY D 100 -9.52 -14.31 -18.55
C GLY D 100 -9.49 -15.77 -18.95
N GLY D 101 -10.69 -16.34 -19.18
CA GLY D 101 -10.81 -17.75 -19.55
C GLY D 101 -10.12 -18.61 -18.53
N GLY D 102 -9.24 -19.48 -18.99
CA GLY D 102 -8.57 -20.43 -18.14
C GLY D 102 -7.13 -20.04 -17.92
N MET D 103 -6.82 -19.58 -16.70
CA MET D 103 -5.47 -19.19 -16.29
C MET D 103 -4.89 -18.19 -17.27
N GLY D 104 -5.73 -17.29 -17.80
CA GLY D 104 -5.29 -16.27 -18.73
C GLY D 104 -5.50 -16.62 -20.18
N PHE D 105 -5.60 -17.92 -20.48
CA PHE D 105 -5.78 -18.40 -21.86
C PHE D 105 -7.23 -18.13 -22.31
N PRO D 106 -7.41 -17.31 -23.37
CA PRO D 106 -8.72 -16.65 -23.55
C PRO D 106 -9.76 -17.48 -24.30
N TYR D 107 -10.05 -18.66 -23.76
CA TYR D 107 -11.15 -19.49 -24.22
C TYR D 107 -11.85 -20.13 -23.03
N ILE D 108 -13.18 -20.27 -23.12
CA ILE D 108 -13.94 -20.99 -22.11
C ILE D 108 -14.66 -22.15 -22.76
N VAL D 109 -14.95 -23.18 -21.96
CA VAL D 109 -15.52 -24.42 -22.47
C VAL D 109 -17.03 -24.49 -22.19
N VAL D 110 -17.77 -25.12 -23.09
CA VAL D 110 -19.16 -25.47 -22.87
C VAL D 110 -19.39 -26.86 -23.43
N GLU D 111 -20.20 -27.65 -22.72
CA GLU D 111 -20.45 -29.04 -23.09
C GLU D 111 -21.91 -29.25 -23.56
N GLU D 112 -22.12 -30.23 -24.45
CA GLU D 112 -23.46 -30.59 -24.94
C GLU D 112 -24.34 -30.93 -23.73
N PRO D 113 -25.61 -30.48 -23.70
CA PRO D 113 -26.35 -29.70 -24.68
C PRO D 113 -26.39 -28.21 -24.38
N ALA D 114 -25.65 -27.76 -23.38
CA ALA D 114 -25.64 -26.33 -23.01
C ALA D 114 -25.03 -25.42 -24.08
N ASP D 115 -24.28 -26.00 -25.02
CA ASP D 115 -23.80 -25.23 -26.18
C ASP D 115 -24.91 -24.48 -26.94
N GLU D 116 -26.12 -25.03 -26.96
CA GLU D 116 -27.24 -24.35 -27.62
C GLU D 116 -27.51 -23.01 -26.97
N LEU D 117 -27.27 -22.91 -25.69
CA LEU D 117 -27.48 -21.67 -24.99
C LEU D 117 -26.56 -20.59 -25.50
N LEU D 118 -25.34 -20.95 -25.80
CA LEU D 118 -24.43 -20.08 -26.49
C LEU D 118 -24.78 -19.78 -27.92
N ARG D 119 -25.18 -20.78 -28.64
CA ARG D 119 -25.44 -20.68 -30.05
C ARG D 119 -26.56 -19.74 -30.29
N GLU D 120 -27.51 -19.76 -29.41
CA GLU D 120 -28.74 -19.08 -29.55
C GLU D 120 -28.60 -17.59 -29.44
N VAL D 121 -27.42 -17.18 -29.03
CA VAL D 121 -27.11 -15.76 -28.84
C VAL D 121 -26.03 -15.28 -29.83
N GLY D 122 -25.69 -16.12 -30.81
CA GLY D 122 -24.77 -15.73 -31.87
C GLY D 122 -23.31 -15.99 -31.56
N ILE D 123 -23.02 -16.75 -30.51
CA ILE D 123 -21.64 -16.97 -30.14
C ILE D 123 -21.05 -18.08 -31.02
N LYS D 124 -19.91 -17.83 -31.61
CA LYS D 124 -19.25 -18.84 -32.42
C LYS D 124 -18.54 -19.83 -31.49
N LEU D 125 -18.61 -21.10 -31.85
CA LEU D 125 -18.02 -22.17 -31.09
C LEU D 125 -17.01 -22.90 -31.97
N ILE D 126 -16.03 -23.52 -31.33
CA ILE D 126 -15.16 -24.45 -32.00
C ILE D 126 -15.34 -25.83 -31.38
N ASP D 127 -15.55 -26.85 -32.22
CA ASP D 127 -15.77 -28.22 -31.77
C ASP D 127 -14.41 -28.84 -31.42
N MET D 128 -14.24 -29.23 -30.17
CA MET D 128 -12.98 -29.84 -29.74
C MET D 128 -13.11 -31.33 -29.50
N GLY D 129 -14.28 -31.89 -29.78
CA GLY D 129 -14.52 -33.33 -29.66
C GLY D 129 -15.30 -33.69 -28.40
N ASP D 130 -15.94 -34.86 -28.44
CA ASP D 130 -16.62 -35.46 -27.29
C ASP D 130 -17.66 -34.56 -26.64
N GLY D 131 -18.29 -33.70 -27.42
CA GLY D 131 -19.32 -32.82 -26.92
C GLY D 131 -18.76 -31.59 -26.21
N TYR D 132 -17.46 -31.32 -26.40
CA TYR D 132 -16.79 -30.14 -25.83
C TYR D 132 -16.57 -29.06 -26.88
N TYR D 133 -17.04 -27.85 -26.58
CA TYR D 133 -16.82 -26.70 -27.45
C TYR D 133 -16.13 -25.57 -26.69
N VAL D 134 -15.31 -24.78 -27.39
CA VAL D 134 -14.74 -23.58 -26.80
C VAL D 134 -15.30 -22.32 -27.47
N ALA D 135 -15.18 -21.20 -26.78
CA ALA D 135 -15.57 -19.92 -27.32
C ALA D 135 -14.63 -18.87 -26.82
N ASP D 136 -14.39 -17.87 -27.66
CA ASP D 136 -13.55 -16.72 -27.34
C ASP D 136 -14.08 -16.10 -26.03
N SER D 137 -13.23 -16.04 -25.01
CA SER D 137 -13.65 -15.59 -23.67
C SER D 137 -14.02 -14.12 -23.60
N VAL D 138 -13.71 -13.36 -24.65
CA VAL D 138 -14.13 -11.97 -24.77
C VAL D 138 -15.45 -11.84 -25.52
N GLU D 139 -15.66 -12.72 -26.50
CA GLU D 139 -16.91 -12.75 -27.27
C GLU D 139 -18.11 -13.14 -26.40
N VAL D 140 -17.90 -14.09 -25.50
CA VAL D 140 -19.00 -14.62 -24.70
C VAL D 140 -19.70 -13.56 -23.84
N PRO D 141 -18.95 -12.87 -22.95
CA PRO D 141 -19.63 -11.91 -22.08
C PRO D 141 -20.31 -10.81 -22.86
N ALA D 142 -19.67 -10.35 -23.94
CA ALA D 142 -20.25 -9.32 -24.80
C ALA D 142 -21.61 -9.76 -25.36
N LYS D 143 -21.66 -10.95 -25.92
CA LYS D 143 -22.89 -11.40 -26.55
C LYS D 143 -23.98 -11.77 -25.55
N LEU D 144 -23.60 -12.31 -24.38
CA LEU D 144 -24.59 -12.55 -23.30
C LEU D 144 -25.20 -11.26 -22.78
N ALA D 145 -24.40 -10.20 -22.76
CA ALA D 145 -24.86 -8.91 -22.29
C ALA D 145 -25.80 -8.29 -23.30
N VAL D 146 -25.43 -8.35 -24.58
CA VAL D 146 -26.28 -7.79 -25.63
C VAL D 146 -27.64 -8.51 -25.70
N ALA D 147 -27.62 -9.84 -25.64
CA ALA D 147 -28.85 -10.58 -25.57
C ALA D 147 -29.75 -10.07 -24.44
N ALA D 148 -29.17 -9.97 -23.25
CA ALA D 148 -29.95 -9.53 -22.09
C ALA D 148 -30.55 -8.16 -22.34
N MET D 149 -29.73 -7.24 -22.82
CA MET D 149 -30.18 -5.88 -23.00
C MET D 149 -31.25 -5.82 -24.09
N ASP D 150 -31.03 -6.53 -25.18
CA ASP D 150 -31.98 -6.55 -26.30
C ASP D 150 -33.27 -7.25 -25.91
N ALA D 151 -33.21 -8.17 -24.95
CA ALA D 151 -34.42 -8.79 -24.44
C ALA D 151 -35.23 -7.87 -23.54
N GLY D 152 -34.65 -6.73 -23.16
CA GLY D 152 -35.32 -5.80 -22.25
C GLY D 152 -34.66 -5.57 -20.89
N ALA D 153 -33.71 -6.42 -20.51
CA ALA D 153 -33.06 -6.28 -19.20
C ALA D 153 -32.19 -5.03 -19.12
N LYS D 154 -32.15 -4.42 -17.95
CA LYS D 154 -31.31 -3.27 -17.74
C LYS D 154 -30.10 -3.74 -16.95
N ILE D 155 -28.92 -3.28 -17.35
CA ILE D 155 -27.69 -3.60 -16.64
C ILE D 155 -27.08 -2.34 -16.10
N LEU D 156 -26.92 -2.28 -14.78
CA LEU D 156 -26.23 -1.15 -14.15
C LEU D 156 -24.88 -1.61 -13.59
N THR D 157 -23.80 -1.05 -14.11
CA THR D 157 -22.49 -1.38 -13.58
C THR D 157 -21.99 -0.29 -12.64
N GLY D 158 -20.91 -0.58 -11.95
CA GLY D 158 -20.37 0.35 -10.99
C GLY D 158 -21.24 0.41 -9.75
N ILE D 159 -22.00 -0.67 -9.48
CA ILE D 159 -22.98 -0.67 -8.41
C ILE D 159 -22.90 -1.91 -7.55
N VAL D 160 -22.74 -1.66 -6.26
CA VAL D 160 -22.49 -2.67 -5.26
C VAL D 160 -23.78 -2.89 -4.51
N VAL D 161 -24.14 -4.14 -4.25
CA VAL D 161 -25.24 -4.45 -3.34
C VAL D 161 -24.59 -4.72 -2.00
N GLU D 162 -24.90 -3.86 -1.02
CA GLU D 162 -24.26 -3.96 0.30
C GLU D 162 -25.17 -4.64 1.32
N ASP D 163 -26.47 -4.73 1.03
CA ASP D 163 -27.42 -5.28 1.97
C ASP D 163 -28.74 -5.64 1.27
N LEU D 164 -29.63 -6.29 2.01
CA LEU D 164 -30.97 -6.62 1.52
C LEU D 164 -32.01 -5.76 2.20
N ILE D 165 -33.18 -5.71 1.55
CA ILE D 165 -34.39 -5.14 2.14
C ILE D 165 -35.28 -6.30 2.59
N LEU D 166 -35.84 -6.19 3.80
CA LEU D 166 -36.72 -7.23 4.33
C LEU D 166 -38.14 -6.75 4.60
N ARG D 167 -39.05 -7.71 4.57
CA ARG D 167 -40.44 -7.57 5.03
C ARG D 167 -40.76 -8.92 5.72
N GLU D 168 -41.93 -9.03 6.36
CA GLU D 168 -42.32 -10.29 7.06
C GLU D 168 -42.44 -11.44 6.05
N ASP D 169 -43.05 -11.10 4.91
CA ASP D 169 -43.05 -11.85 3.67
C ASP D 169 -41.72 -12.55 3.32
N GLY D 170 -40.60 -11.85 3.56
CA GLY D 170 -39.25 -12.29 3.13
C GLY D 170 -38.49 -11.16 2.45
N VAL D 171 -37.57 -11.51 1.55
CA VAL D 171 -36.72 -10.51 0.92
C VAL D 171 -37.52 -9.61 -0.03
N ALA D 172 -37.31 -8.30 0.08
CA ALA D 172 -38.12 -7.31 -0.59
C ALA D 172 -37.33 -6.38 -1.52
N GLY D 173 -36.04 -6.67 -1.73
CA GLY D 173 -35.20 -5.83 -2.59
C GLY D 173 -33.78 -5.78 -2.10
N VAL D 174 -33.04 -4.77 -2.58
CA VAL D 174 -31.61 -4.64 -2.32
C VAL D 174 -31.23 -3.22 -1.94
N VAL D 175 -30.15 -3.14 -1.17
CA VAL D 175 -29.58 -1.88 -0.71
C VAL D 175 -28.29 -1.67 -1.48
N ILE D 176 -28.22 -0.56 -2.19
CA ILE D 176 -27.17 -0.35 -3.18
C ILE D 176 -26.30 0.84 -2.87
N ASN D 177 -25.07 0.75 -3.36
CA ASN D 177 -24.14 1.85 -3.32
C ASN D 177 -23.23 1.79 -4.53
N SER D 178 -22.40 2.82 -4.65
CA SER D 178 -21.50 2.97 -5.78
C SER D 178 -20.16 2.28 -5.48
N TYR D 179 -19.68 1.53 -6.45
CA TYR D 179 -18.36 0.89 -6.38
C TYR D 179 -17.27 1.91 -6.06
N ALA D 180 -17.35 3.07 -6.70
CA ALA D 180 -16.40 4.15 -6.46
C ALA D 180 -16.36 4.53 -4.98
N ILE D 181 -17.54 4.68 -4.38
CA ILE D 181 -17.63 5.02 -2.97
C ILE D 181 -17.03 3.92 -2.11
N GLU D 182 -17.31 2.67 -2.44
CA GLU D 182 -16.77 1.55 -1.71
C GLU D 182 -15.24 1.48 -1.77
N ARG D 183 -14.69 1.50 -2.97
CA ARG D 183 -13.23 1.50 -3.15
C ARG D 183 -12.54 2.67 -2.48
N ALA D 184 -13.15 3.85 -2.59
CA ALA D 184 -12.62 5.07 -2.00
C ALA D 184 -12.64 5.03 -0.45
N GLY D 185 -13.47 4.16 0.12
CA GLY D 185 -13.55 3.97 1.55
C GLY D 185 -14.38 5.02 2.27
N LEU D 186 -15.33 5.65 1.58
CA LEU D 186 -16.09 6.73 2.17
C LEU D 186 -17.31 6.21 2.95
N HIS D 187 -17.66 6.90 4.04
CA HIS D 187 -18.82 6.57 4.87
C HIS D 187 -20.04 7.34 4.33
N ILE D 188 -20.74 6.71 3.41
CA ILE D 188 -21.86 7.34 2.74
C ILE D 188 -23.05 6.40 2.68
N ASP D 189 -24.22 6.89 3.05
CA ASP D 189 -25.42 6.06 3.08
C ASP D 189 -25.78 5.56 1.67
N PRO D 190 -26.57 4.47 1.60
CA PRO D 190 -27.00 3.91 0.33
C PRO D 190 -28.36 4.40 -0.18
N LEU D 191 -28.74 3.87 -1.33
CA LEU D 191 -30.11 3.94 -1.83
C LEU D 191 -30.67 2.52 -1.97
N THR D 192 -31.87 2.39 -2.53
CA THR D 192 -32.56 1.12 -2.54
C THR D 192 -33.17 0.82 -3.90
N ILE D 193 -33.40 -0.46 -4.15
CA ILE D 193 -34.26 -0.90 -5.24
C ILE D 193 -35.19 -1.96 -4.70
N ARG D 194 -36.49 -1.72 -4.78
CA ARG D 194 -37.46 -2.69 -4.31
C ARG D 194 -37.73 -3.68 -5.43
N SER D 195 -37.88 -4.95 -5.07
CA SER D 195 -38.20 -5.97 -6.04
C SER D 195 -38.99 -7.09 -5.40
N LYS D 196 -39.76 -7.79 -6.23
CA LYS D 196 -40.48 -8.96 -5.82
C LYS D 196 -39.53 -10.10 -5.53
N VAL D 197 -38.46 -10.18 -6.31
CA VAL D 197 -37.47 -11.24 -6.16
C VAL D 197 -36.06 -10.68 -6.23
N VAL D 198 -35.14 -11.35 -5.54
CA VAL D 198 -33.70 -11.06 -5.66
C VAL D 198 -32.99 -12.34 -6.03
N VAL D 199 -32.01 -12.23 -6.92
CA VAL D 199 -31.20 -13.38 -7.34
C VAL D 199 -29.73 -13.15 -7.01
N ASP D 200 -29.14 -14.09 -6.28
CA ASP D 200 -27.72 -14.03 -5.99
C ASP D 200 -27.04 -14.79 -7.09
N ALA D 201 -26.38 -14.05 -7.97
CA ALA D 201 -25.57 -14.64 -9.05
C ALA D 201 -24.12 -14.13 -8.97
N THR D 202 -23.61 -14.02 -7.74
CA THR D 202 -22.34 -13.36 -7.47
C THR D 202 -21.12 -14.28 -7.47
N GLY D 203 -21.29 -15.52 -7.93
CA GLY D 203 -20.18 -16.45 -8.04
C GLY D 203 -19.92 -17.16 -6.74
N HIS D 204 -18.67 -17.61 -6.57
CA HIS D 204 -18.31 -18.44 -5.41
C HIS D 204 -18.40 -17.71 -4.10
N GLU D 205 -18.34 -16.38 -4.16
CA GLU D 205 -18.54 -15.53 -2.98
C GLU D 205 -19.90 -15.79 -2.31
N ALA D 206 -20.94 -16.03 -3.12
CA ALA D 206 -22.33 -16.10 -2.65
C ALA D 206 -22.62 -14.95 -1.69
N SER D 207 -22.28 -13.74 -2.10
CA SER D 207 -22.15 -12.65 -1.16
C SER D 207 -23.50 -12.14 -0.66
N ILE D 208 -24.57 -12.29 -1.43
CA ILE D 208 -25.90 -11.84 -0.98
C ILE D 208 -26.50 -12.79 0.06
N VAL D 209 -26.38 -14.09 -0.19
CA VAL D 209 -26.79 -15.10 0.76
C VAL D 209 -26.02 -14.92 2.09
N ASN D 210 -24.71 -14.68 2.00
CA ASN D 210 -23.89 -14.47 3.19
C ASN D 210 -24.31 -13.28 3.97
N ILE D 211 -24.71 -12.21 3.28
CA ILE D 211 -25.15 -11.02 3.96
C ILE D 211 -26.39 -11.34 4.78
N LEU D 212 -27.34 -12.00 4.13
CA LEU D 212 -28.59 -12.40 4.77
C LEU D 212 -28.35 -13.17 6.07
N VAL D 213 -27.55 -14.21 5.99
CA VAL D 213 -27.25 -15.04 7.12
C VAL D 213 -26.49 -14.29 8.22
N LYS D 214 -25.39 -13.63 7.88
CA LYS D 214 -24.55 -12.97 8.88
C LYS D 214 -25.32 -11.85 9.60
N LYS D 215 -25.89 -10.91 8.84
CA LYS D 215 -26.48 -9.71 9.46
C LYS D 215 -27.78 -10.01 10.22
N ASN D 216 -28.56 -10.95 9.72
CA ASN D 216 -29.83 -11.28 10.36
C ASN D 216 -29.71 -12.49 11.27
N LYS D 217 -28.47 -12.87 11.58
CA LYS D 217 -28.16 -13.89 12.57
C LYS D 217 -29.05 -15.12 12.41
N LEU D 218 -29.20 -15.58 11.17
CA LEU D 218 -29.96 -16.81 10.92
C LEU D 218 -29.12 -18.00 11.33
N GLU D 219 -29.77 -19.00 11.87
CA GLU D 219 -29.10 -20.22 12.28
C GLU D 219 -28.97 -21.09 11.04
N ALA D 220 -27.87 -20.86 10.31
CA ALA D 220 -27.54 -21.61 9.11
C ALA D 220 -26.14 -21.20 8.68
N ASP D 221 -25.39 -22.14 8.13
CA ASP D 221 -24.04 -21.86 7.65
C ASP D 221 -24.09 -21.82 6.15
N VAL D 222 -23.44 -20.82 5.54
CA VAL D 222 -23.12 -20.87 4.11
C VAL D 222 -21.77 -21.56 4.00
N PRO D 223 -21.75 -22.85 3.63
CA PRO D 223 -20.48 -23.61 3.74
C PRO D 223 -19.39 -23.16 2.79
N GLY D 224 -19.77 -22.70 1.60
CA GLY D 224 -18.83 -22.37 0.55
C GLY D 224 -18.49 -23.58 -0.31
N GLU D 225 -17.92 -23.31 -1.48
CA GLU D 225 -17.55 -24.36 -2.43
C GLU D 225 -16.58 -25.39 -1.80
N LYS D 226 -16.75 -26.64 -2.22
CA LYS D 226 -15.75 -27.67 -1.95
C LYS D 226 -14.63 -27.58 -3.02
N SER D 227 -13.73 -28.56 -3.03
CA SER D 227 -12.68 -28.64 -4.04
C SER D 227 -13.24 -29.00 -5.43
N MET D 228 -12.35 -29.22 -6.40
CA MET D 228 -12.79 -29.46 -7.75
C MET D 228 -13.15 -30.93 -8.01
N TRP D 229 -14.36 -31.11 -8.53
CA TRP D 229 -14.81 -32.37 -9.09
C TRP D 229 -15.82 -31.98 -10.17
N ALA D 230 -15.32 -31.72 -11.37
CA ALA D 230 -16.14 -31.08 -12.40
C ALA D 230 -17.51 -31.75 -12.62
N GLU D 231 -17.52 -33.08 -12.72
CA GLU D 231 -18.75 -33.78 -12.99
C GLU D 231 -19.75 -33.63 -11.85
N LYS D 232 -19.39 -34.04 -10.64
CA LYS D 232 -20.23 -33.80 -9.46
C LYS D 232 -20.70 -32.33 -9.38
N GLY D 233 -19.76 -31.42 -9.63
CA GLY D 233 -20.03 -30.00 -9.56
C GLY D 233 -21.06 -29.54 -10.58
N GLU D 234 -20.83 -29.87 -11.84
CA GLU D 234 -21.72 -29.42 -12.89
C GLU D 234 -23.14 -29.93 -12.67
N ASN D 235 -23.28 -31.16 -12.20
CA ASN D 235 -24.60 -31.76 -12.06
C ASN D 235 -25.36 -31.30 -10.82
N ALA D 236 -24.62 -30.99 -9.77
CA ALA D 236 -25.22 -30.46 -8.53
C ALA D 236 -25.82 -29.08 -8.73
N LEU D 237 -25.27 -28.35 -9.67
CA LEU D 237 -25.66 -26.98 -9.93
C LEU D 237 -27.17 -26.83 -10.16
N LEU D 238 -27.73 -27.77 -10.90
CA LEU D 238 -29.14 -27.70 -11.28
C LEU D 238 -30.05 -28.03 -10.12
N ARG D 239 -29.64 -29.02 -9.32
CA ARG D 239 -30.31 -29.35 -8.08
C ARG D 239 -30.22 -28.19 -7.08
N ASN D 240 -29.07 -27.50 -7.06
CA ASN D 240 -28.78 -26.43 -6.09
C ASN D 240 -29.30 -25.06 -6.48
N THR D 241 -29.83 -24.95 -7.69
CA THR D 241 -30.40 -23.70 -8.18
C THR D 241 -31.86 -23.61 -7.74
N ARG D 242 -32.10 -22.83 -6.71
CA ARG D 242 -33.42 -22.78 -6.11
C ARG D 242 -33.64 -21.53 -5.29
N GLU D 243 -34.85 -21.43 -4.72
CA GLU D 243 -35.18 -20.39 -3.75
C GLU D 243 -34.71 -20.85 -2.38
N VAL D 244 -33.74 -20.15 -1.81
CA VAL D 244 -33.14 -20.58 -0.54
C VAL D 244 -33.76 -19.90 0.66
N TYR D 245 -34.45 -18.81 0.43
CA TYR D 245 -35.11 -18.10 1.51
C TYR D 245 -36.19 -17.31 0.78
N PRO D 246 -37.31 -17.00 1.44
CA PRO D 246 -38.41 -16.43 0.65
C PRO D 246 -38.02 -15.23 -0.22
N ASN D 247 -38.29 -15.34 -1.52
CA ASN D 247 -37.93 -14.33 -2.54
C ASN D 247 -36.46 -14.20 -2.94
N LEU D 248 -35.60 -15.06 -2.38
CA LEU D 248 -34.18 -15.05 -2.69
C LEU D 248 -33.77 -16.34 -3.39
N PHE D 249 -33.37 -16.21 -4.65
CA PHE D 249 -32.89 -17.36 -5.43
C PHE D 249 -31.38 -17.31 -5.59
N VAL D 250 -30.76 -18.47 -5.81
CA VAL D 250 -29.35 -18.52 -6.20
C VAL D 250 -29.21 -19.23 -7.53
N CYS D 251 -28.25 -18.77 -8.34
CA CYS D 251 -27.83 -19.48 -9.55
C CYS D 251 -26.32 -19.34 -9.78
N GLY D 252 -25.80 -20.09 -10.73
CA GLY D 252 -24.37 -20.10 -10.98
C GLY D 252 -23.63 -20.65 -9.79
N MET D 253 -22.33 -20.33 -9.65
CA MET D 253 -21.51 -20.87 -8.56
C MET D 253 -22.05 -20.49 -7.19
N ALA D 254 -22.74 -19.37 -7.09
CA ALA D 254 -23.39 -19.03 -5.82
C ALA D 254 -24.27 -20.20 -5.33
N ALA D 255 -24.92 -20.90 -6.25
CA ALA D 255 -25.74 -22.06 -5.88
C ALA D 255 -24.89 -23.16 -5.23
N ASN D 256 -23.77 -23.51 -5.84
CA ASN D 256 -22.93 -24.55 -5.25
C ASN D 256 -22.21 -24.10 -3.97
N ALA D 257 -21.85 -22.82 -3.89
CA ALA D 257 -21.22 -22.28 -2.70
C ALA D 257 -22.19 -22.35 -1.54
N SER D 258 -23.45 -22.00 -1.80
CA SER D 258 -24.50 -22.02 -0.80
C SER D 258 -24.84 -23.41 -0.28
N HIS D 259 -24.60 -24.44 -1.08
CA HIS D 259 -25.01 -25.80 -0.72
C HIS D 259 -23.82 -26.72 -0.58
N GLY D 260 -22.62 -26.16 -0.49
CA GLY D 260 -21.41 -26.96 -0.31
C GLY D 260 -21.10 -27.91 -1.45
N GLY D 261 -21.45 -27.50 -2.69
CA GLY D 261 -21.18 -28.27 -3.90
C GLY D 261 -19.76 -28.12 -4.44
N TYR D 262 -19.29 -29.13 -5.18
CA TYR D 262 -17.95 -29.12 -5.78
C TYR D 262 -17.85 -28.07 -6.89
N ARG D 263 -16.62 -27.66 -7.22
CA ARG D 263 -16.46 -26.74 -8.34
C ARG D 263 -15.99 -27.44 -9.60
N MET D 264 -16.12 -26.76 -10.74
CA MET D 264 -15.86 -27.38 -12.05
C MET D 264 -14.83 -26.67 -12.95
N GLY D 265 -14.41 -25.48 -12.55
CA GLY D 265 -13.40 -24.74 -13.30
C GLY D 265 -14.00 -24.05 -14.51
N ALA D 266 -13.22 -23.93 -15.57
CA ALA D 266 -13.58 -23.06 -16.69
C ALA D 266 -14.56 -23.68 -17.69
N ILE D 267 -15.50 -24.48 -17.18
CA ILE D 267 -16.54 -25.07 -18.01
C ILE D 267 -17.87 -24.48 -17.58
N PHE D 268 -18.67 -24.02 -18.52
CA PHE D 268 -19.75 -23.10 -18.22
C PHE D 268 -21.16 -23.60 -18.57
N GLY D 269 -21.29 -24.85 -19.00
CA GLY D 269 -22.59 -25.36 -19.39
C GLY D 269 -23.62 -25.29 -18.28
N GLY D 270 -23.23 -25.77 -17.12
CA GLY D 270 -24.07 -25.69 -15.92
C GLY D 270 -24.38 -24.28 -15.46
N MET D 271 -23.47 -23.34 -15.72
CA MET D 271 -23.74 -21.94 -15.39
C MET D 271 -24.92 -21.45 -16.18
N TYR D 272 -24.90 -21.74 -17.48
CA TYR D 272 -25.91 -21.21 -18.39
C TYR D 272 -27.24 -21.87 -18.09
N LEU D 273 -27.23 -23.19 -17.88
CA LEU D 273 -28.44 -23.91 -17.52
C LEU D 273 -29.02 -23.44 -16.19
N SER D 274 -28.15 -23.26 -15.19
CA SER D 274 -28.57 -22.76 -13.89
C SER D 274 -29.29 -21.43 -14.03
N GLY D 275 -28.73 -20.53 -14.82
CA GLY D 275 -29.36 -19.23 -15.04
C GLY D 275 -30.73 -19.37 -15.65
N LYS D 276 -30.86 -20.26 -16.63
CA LYS D 276 -32.13 -20.49 -17.31
C LYS D 276 -33.15 -21.12 -16.35
N LEU D 277 -32.74 -22.20 -15.69
CA LEU D 277 -33.58 -22.83 -14.69
C LEU D 277 -34.07 -21.81 -13.66
N CYS D 278 -33.16 -20.95 -13.22
CA CYS D 278 -33.48 -19.95 -12.22
C CYS D 278 -34.56 -19.02 -12.73
N ALA D 279 -34.48 -18.64 -14.00
CA ALA D 279 -35.50 -17.82 -14.64
C ALA D 279 -36.84 -18.55 -14.71
N GLU D 280 -36.82 -19.86 -15.00
CA GLU D 280 -38.05 -20.64 -15.05
C GLU D 280 -38.74 -20.68 -13.68
N LEU D 281 -37.96 -20.98 -12.63
CA LEU D 281 -38.49 -21.02 -11.27
C LEU D 281 -39.11 -19.71 -10.85
N ILE D 282 -38.49 -18.61 -11.26
CA ILE D 282 -38.97 -17.29 -10.88
C ILE D 282 -40.23 -16.94 -11.65
N THR D 283 -40.23 -17.23 -12.95
CA THR D 283 -41.41 -17.04 -13.79
C THR D 283 -42.63 -17.75 -13.21
N GLU D 284 -42.44 -18.98 -12.78
CA GLU D 284 -43.51 -19.73 -12.18
C GLU D 284 -44.06 -19.01 -10.94
N LYS D 285 -43.18 -18.73 -9.99
CA LYS D 285 -43.56 -18.06 -8.75
C LYS D 285 -44.27 -16.73 -9.02
N LEU D 286 -43.82 -15.98 -10.01
CA LEU D 286 -44.31 -14.62 -10.21
C LEU D 286 -45.55 -14.48 -11.09
N LYS D 287 -45.80 -15.43 -11.99
CA LYS D 287 -47.01 -15.35 -12.80
C LYS D 287 -48.20 -15.54 -11.83
N ILE E 33 31.02 -11.64 -35.31
CA ILE E 33 29.92 -12.62 -35.45
C ILE E 33 28.63 -11.93 -35.93
N LYS E 34 28.04 -12.46 -37.00
CA LYS E 34 26.71 -12.04 -37.47
C LYS E 34 25.66 -12.95 -36.81
N LEU E 35 24.76 -12.35 -36.03
CA LEU E 35 23.68 -13.09 -35.38
C LEU E 35 22.37 -12.83 -36.12
N ASN E 36 21.65 -13.89 -36.45
CA ASN E 36 20.35 -13.78 -37.12
C ASN E 36 19.25 -13.95 -36.07
N ALA E 37 18.63 -12.83 -35.69
CA ALA E 37 17.59 -12.81 -34.67
C ALA E 37 16.36 -12.13 -35.24
N ASP E 38 15.21 -12.74 -35.04
CA ASP E 38 13.95 -12.25 -35.58
C ASP E 38 12.81 -12.39 -34.55
N GLU E 39 12.02 -11.33 -34.42
CA GLU E 39 10.96 -11.28 -33.43
C GLU E 39 9.97 -12.43 -33.60
N THR E 40 9.38 -12.55 -34.78
CA THR E 40 8.39 -13.61 -35.00
C THR E 40 8.98 -14.99 -34.77
N LYS E 41 10.16 -15.27 -35.32
CA LYS E 41 10.74 -16.59 -35.12
C LYS E 41 10.94 -16.85 -33.63
N THR E 42 11.38 -15.83 -32.89
CA THR E 42 11.59 -15.95 -31.44
C THR E 42 10.26 -16.25 -30.73
N THR E 43 9.27 -15.43 -31.01
CA THR E 43 7.97 -15.57 -30.39
C THR E 43 7.35 -16.93 -30.68
N LYS E 44 7.37 -17.34 -31.94
CA LYS E 44 6.74 -18.62 -32.32
C LYS E 44 7.44 -19.82 -31.73
N ALA E 45 8.76 -19.73 -31.56
CA ALA E 45 9.50 -20.84 -30.99
C ALA E 45 9.06 -21.03 -29.54
N ILE E 46 8.98 -19.92 -28.79
CA ILE E 46 8.57 -19.98 -27.40
C ILE E 46 7.15 -20.52 -27.30
N LEU E 47 6.25 -19.95 -28.10
CA LEU E 47 4.88 -20.40 -28.06
C LEU E 47 4.85 -21.88 -28.37
N LYS E 48 5.43 -22.30 -29.48
CA LYS E 48 5.34 -23.69 -29.93
C LYS E 48 5.80 -24.68 -28.84
N ALA E 49 6.94 -24.38 -28.24
CA ALA E 49 7.53 -25.26 -27.26
C ALA E 49 6.74 -25.28 -25.96
N SER E 50 6.22 -24.15 -25.57
CA SER E 50 5.41 -24.06 -24.40
C SER E 50 4.10 -24.78 -24.52
N PHE E 51 3.47 -24.70 -25.67
CA PHE E 51 2.24 -25.43 -25.88
C PHE E 51 2.39 -26.90 -25.88
N ASP E 52 3.47 -27.36 -26.47
CA ASP E 52 3.78 -28.75 -26.42
C ASP E 52 4.02 -29.21 -25.03
N MET E 53 4.72 -28.42 -24.23
CA MET E 53 4.97 -28.78 -22.87
C MET E 53 3.67 -28.85 -22.09
N TRP E 54 2.85 -27.84 -22.22
CA TRP E 54 1.60 -27.75 -21.48
C TRP E 54 0.63 -28.87 -21.78
N LEU E 55 0.41 -29.15 -23.06
CA LEU E 55 -0.52 -30.23 -23.43
C LEU E 55 -0.06 -31.55 -22.86
N ASP E 56 1.23 -31.77 -22.79
CA ASP E 56 1.75 -33.00 -22.24
C ASP E 56 1.66 -33.05 -20.70
N ILE E 57 1.90 -31.92 -20.05
CA ILE E 57 2.14 -31.91 -18.62
C ILE E 57 0.88 -32.00 -17.77
N VAL E 58 -0.29 -31.71 -18.34
CA VAL E 58 -1.51 -31.64 -17.53
C VAL E 58 -2.04 -33.01 -17.08
N GLU E 59 -1.37 -34.07 -17.47
CA GLU E 59 -1.54 -35.39 -16.87
C GLU E 59 -0.18 -35.90 -16.48
N ALA E 60 -0.03 -36.31 -15.22
CA ALA E 60 1.27 -36.75 -14.73
C ALA E 60 1.06 -37.79 -13.68
N ASP E 61 2.13 -38.48 -13.29
CA ASP E 61 2.04 -39.48 -12.23
C ASP E 61 1.98 -38.76 -10.89
N VAL E 62 2.96 -37.91 -10.63
CA VAL E 62 3.09 -37.24 -9.35
C VAL E 62 3.25 -35.73 -9.51
N VAL E 63 2.47 -34.97 -8.75
CA VAL E 63 2.64 -33.52 -8.65
C VAL E 63 3.20 -33.17 -7.28
N ILE E 64 4.34 -32.50 -7.26
CA ILE E 64 4.93 -32.05 -6.01
C ILE E 64 4.74 -30.55 -5.88
N VAL E 65 4.10 -30.11 -4.79
CA VAL E 65 3.85 -28.69 -4.59
C VAL E 65 4.90 -28.10 -3.66
N GLY E 66 5.78 -27.29 -4.23
CA GLY E 66 6.86 -26.68 -3.49
C GLY E 66 8.22 -27.13 -3.97
N ALA E 67 8.98 -26.20 -4.54
CA ALA E 67 10.33 -26.49 -5.01
C ALA E 67 11.35 -26.17 -3.94
N GLY E 68 11.06 -26.55 -2.70
CA GLY E 68 12.02 -26.42 -1.59
C GLY E 68 12.96 -27.60 -1.53
N PRO E 69 13.78 -27.66 -0.47
CA PRO E 69 14.73 -28.76 -0.37
C PRO E 69 14.09 -30.14 -0.27
N SER E 70 12.96 -30.27 0.41
CA SER E 70 12.32 -31.59 0.53
C SER E 70 11.65 -31.97 -0.81
N GLY E 71 10.91 -31.04 -1.39
CA GLY E 71 10.20 -31.31 -2.63
C GLY E 71 11.12 -31.66 -3.77
N LEU E 72 12.25 -30.99 -3.85
CA LEU E 72 13.19 -31.23 -4.92
C LEU E 72 13.92 -32.55 -4.72
N THR E 73 14.12 -32.94 -3.46
CA THR E 73 14.75 -34.23 -3.20
C THR E 73 13.78 -35.35 -3.59
N CYS E 74 12.55 -35.25 -3.11
CA CYS E 74 11.51 -36.18 -3.50
C CYS E 74 11.44 -36.30 -5.02
N ALA E 75 11.46 -35.16 -5.71
CA ALA E 75 11.38 -35.16 -7.18
C ALA E 75 12.54 -35.91 -7.86
N ARG E 76 13.76 -35.74 -7.34
CA ARG E 76 14.94 -36.46 -7.82
C ARG E 76 14.67 -37.96 -7.80
N TYR E 77 14.28 -38.48 -6.64
CA TYR E 77 14.14 -39.92 -6.44
C TYR E 77 12.99 -40.52 -7.24
N LEU E 78 11.86 -39.82 -7.31
CA LEU E 78 10.75 -40.31 -8.12
C LEU E 78 11.08 -40.34 -9.61
N ALA E 79 11.75 -39.31 -10.11
CA ALA E 79 12.10 -39.28 -11.52
C ALA E 79 13.13 -40.36 -11.89
N LYS E 80 14.11 -40.62 -11.01
CA LYS E 80 15.11 -41.69 -11.20
C LYS E 80 14.39 -43.01 -11.42
N GLU E 81 13.25 -43.16 -10.72
CA GLU E 81 12.43 -44.36 -10.79
C GLU E 81 11.54 -44.42 -12.03
N GLY E 82 11.67 -43.46 -12.93
CA GLY E 82 10.92 -43.50 -14.18
C GLY E 82 9.56 -42.85 -14.17
N PHE E 83 9.09 -42.38 -13.01
CA PHE E 83 7.79 -41.69 -12.94
C PHE E 83 7.83 -40.34 -13.62
N LYS E 84 6.69 -39.92 -14.12
CA LYS E 84 6.52 -38.60 -14.70
C LYS E 84 6.11 -37.60 -13.58
N VAL E 85 7.06 -36.72 -13.24
CA VAL E 85 6.95 -35.82 -12.09
C VAL E 85 6.93 -34.35 -12.45
N VAL E 86 5.97 -33.62 -11.90
CA VAL E 86 5.96 -32.16 -12.03
C VAL E 86 6.09 -31.52 -10.66
N VAL E 87 7.05 -30.61 -10.53
CA VAL E 87 7.16 -29.78 -9.35
C VAL E 87 6.57 -28.43 -9.68
N LEU E 88 5.69 -27.94 -8.81
CA LEU E 88 5.05 -26.64 -9.00
C LEU E 88 5.46 -25.70 -7.90
N GLU E 89 5.85 -24.49 -8.28
CA GLU E 89 6.37 -23.50 -7.34
C GLU E 89 5.75 -22.15 -7.65
N ARG E 90 5.23 -21.48 -6.62
CA ARG E 90 4.58 -20.17 -6.81
C ARG E 90 5.55 -19.09 -7.28
N HIS E 91 6.74 -19.02 -6.68
CA HIS E 91 7.68 -17.99 -7.03
C HIS E 91 8.33 -18.32 -8.37
N LEU E 92 8.87 -17.31 -9.05
CA LEU E 92 9.56 -17.51 -10.33
C LEU E 92 10.84 -18.33 -10.19
N ALA E 93 11.51 -18.23 -9.06
CA ALA E 93 12.65 -19.05 -8.74
C ALA E 93 12.27 -20.20 -7.80
N PHE E 94 12.88 -21.36 -8.05
CA PHE E 94 12.80 -22.48 -7.14
C PHE E 94 13.62 -22.15 -5.90
N GLY E 95 13.61 -23.04 -4.92
CA GLY E 95 14.53 -22.97 -3.80
C GLY E 95 13.91 -22.93 -2.43
N GLY E 96 12.69 -22.42 -2.33
CA GLY E 96 12.05 -22.24 -1.04
C GLY E 96 12.87 -21.35 -0.13
N GLY E 97 12.83 -21.64 1.17
CA GLY E 97 13.56 -20.83 2.15
C GLY E 97 14.90 -21.47 2.42
N THR E 98 15.71 -21.56 1.38
CA THR E 98 17.08 -21.98 1.54
C THR E 98 18.01 -20.79 1.34
N TRP E 99 17.69 -19.92 0.39
CA TRP E 99 18.66 -18.93 -0.16
C TRP E 99 19.28 -18.03 0.89
N GLY E 100 18.45 -17.53 1.81
CA GLY E 100 18.89 -16.63 2.86
C GLY E 100 19.64 -17.31 4.00
N GLY E 101 19.73 -18.64 3.96
CA GLY E 101 20.38 -19.41 5.02
C GLY E 101 19.80 -19.09 6.38
N GLY E 102 20.67 -18.76 7.31
CA GLY E 102 20.26 -18.44 8.67
C GLY E 102 20.34 -16.94 8.93
N MET E 103 19.16 -16.33 9.05
CA MET E 103 19.04 -14.91 9.36
C MET E 103 19.82 -14.06 8.38
N GLY E 104 19.87 -14.49 7.11
CA GLY E 104 20.60 -13.78 6.08
C GLY E 104 22.01 -14.30 5.86
N PHE E 105 22.57 -14.98 6.84
CA PHE E 105 23.94 -15.50 6.71
C PHE E 105 23.94 -16.70 5.76
N PRO E 106 24.62 -16.62 4.62
CA PRO E 106 24.36 -17.53 3.52
C PRO E 106 25.03 -18.92 3.59
N TYR E 107 24.72 -19.64 4.65
CA TYR E 107 25.10 -21.04 4.81
C TYR E 107 23.98 -21.79 5.52
N ILE E 108 23.76 -23.04 5.11
CA ILE E 108 22.80 -23.91 5.77
C ILE E 108 23.55 -25.14 6.29
N VAL E 109 22.97 -25.80 7.28
CA VAL E 109 23.60 -26.89 7.97
C VAL E 109 22.97 -28.24 7.61
N VAL E 110 23.81 -29.27 7.52
CA VAL E 110 23.34 -30.63 7.35
C VAL E 110 24.16 -31.55 8.24
N GLU E 111 23.47 -32.50 8.89
CA GLU E 111 24.10 -33.39 9.88
C GLU E 111 24.21 -34.83 9.36
N GLU E 112 25.25 -35.55 9.83
CA GLU E 112 25.47 -36.97 9.45
C GLU E 112 24.19 -37.75 9.80
N PRO E 113 23.73 -38.68 8.93
CA PRO E 113 24.28 -39.11 7.63
C PRO E 113 23.62 -38.42 6.42
N ALA E 114 22.77 -37.44 6.65
CA ALA E 114 22.05 -36.77 5.56
C ALA E 114 22.97 -35.98 4.65
N ASP E 115 24.18 -35.70 5.11
CA ASP E 115 25.18 -35.05 4.27
C ASP E 115 25.42 -35.79 2.97
N GLU E 116 25.28 -37.12 2.97
CA GLU E 116 25.44 -37.89 1.72
C GLU E 116 24.41 -37.46 0.66
N LEU E 117 23.23 -37.07 1.10
CA LEU E 117 22.21 -36.63 0.17
C LEU E 117 22.60 -35.36 -0.57
N LEU E 118 23.56 -34.61 -0.02
CA LEU E 118 24.11 -33.41 -0.67
C LEU E 118 25.36 -33.67 -1.52
N ARG E 119 26.25 -34.50 -1.03
CA ARG E 119 27.43 -34.89 -1.77
C ARG E 119 27.07 -35.61 -3.03
N GLU E 120 26.01 -36.40 -3.00
CA GLU E 120 25.64 -37.19 -4.15
C GLU E 120 25.16 -36.33 -5.29
N VAL E 121 24.92 -35.06 -5.03
CA VAL E 121 24.45 -34.13 -6.04
C VAL E 121 25.52 -33.09 -6.38
N GLY E 122 26.72 -33.25 -5.86
CA GLY E 122 27.85 -32.40 -6.22
C GLY E 122 28.02 -31.18 -5.32
N ILE E 123 27.28 -31.12 -4.22
CA ILE E 123 27.35 -29.96 -3.35
C ILE E 123 28.57 -30.04 -2.45
N LYS E 124 29.37 -28.99 -2.43
CA LYS E 124 30.57 -28.94 -1.59
C LYS E 124 30.15 -28.64 -0.18
N LEU E 125 30.77 -29.35 0.75
CA LEU E 125 30.49 -29.20 2.18
C LEU E 125 31.72 -28.81 2.95
N ILE E 126 31.53 -28.06 4.04
CA ILE E 126 32.62 -27.75 4.94
C ILE E 126 32.33 -28.46 6.26
N ASP E 127 33.33 -29.17 6.77
CA ASP E 127 33.19 -29.91 8.02
C ASP E 127 33.38 -28.96 9.19
N MET E 128 32.34 -28.82 10.01
CA MET E 128 32.40 -27.90 11.15
C MET E 128 32.52 -28.65 12.48
N GLY E 129 32.67 -29.98 12.42
CA GLY E 129 32.85 -30.81 13.61
C GLY E 129 31.58 -31.46 14.07
N ASP E 130 31.73 -32.57 14.79
CA ASP E 130 30.63 -33.31 15.45
C ASP E 130 29.53 -33.81 14.51
N GLY E 131 29.90 -34.05 13.25
CA GLY E 131 28.93 -34.49 12.25
C GLY E 131 28.09 -33.37 11.64
N TYR E 132 28.53 -32.12 11.85
CA TYR E 132 27.87 -30.97 11.27
C TYR E 132 28.67 -30.47 10.06
N TYR E 133 27.95 -30.25 8.96
CA TYR E 133 28.52 -29.63 7.78
C TYR E 133 27.70 -28.42 7.36
N VAL E 134 28.34 -27.46 6.72
CA VAL E 134 27.62 -26.36 6.10
C VAL E 134 27.85 -26.38 4.61
N ALA E 135 26.95 -25.71 3.88
CA ALA E 135 27.05 -25.54 2.45
C ALA E 135 26.52 -24.16 2.08
N ASP E 136 27.10 -23.59 1.03
CA ASP E 136 26.71 -22.30 0.48
C ASP E 136 25.21 -22.34 0.14
N SER E 137 24.44 -21.44 0.75
CA SER E 137 22.98 -21.49 0.67
C SER E 137 22.43 -21.18 -0.72
N VAL E 138 23.29 -20.67 -1.60
CA VAL E 138 22.95 -20.42 -3.00
C VAL E 138 23.30 -21.63 -3.85
N GLU E 139 24.39 -22.30 -3.52
CA GLU E 139 24.79 -23.54 -4.20
C GLU E 139 23.77 -24.69 -4.06
N VAL E 140 23.20 -24.81 -2.85
CA VAL E 140 22.32 -25.92 -2.55
C VAL E 140 21.07 -25.94 -3.46
N PRO E 141 20.25 -24.90 -3.42
CA PRO E 141 19.03 -25.00 -4.23
C PRO E 141 19.36 -25.20 -5.71
N ALA E 142 20.42 -24.56 -6.20
CA ALA E 142 20.78 -24.69 -7.60
C ALA E 142 21.05 -26.15 -7.95
N LYS E 143 21.85 -26.81 -7.12
CA LYS E 143 22.26 -28.18 -7.41
C LYS E 143 21.16 -29.23 -7.17
N LEU E 144 20.29 -28.97 -6.19
CA LEU E 144 19.10 -29.80 -6.00
C LEU E 144 18.15 -29.74 -7.19
N ALA E 145 18.06 -28.57 -7.78
CA ALA E 145 17.17 -28.34 -8.91
C ALA E 145 17.73 -29.02 -10.14
N VAL E 146 19.03 -28.87 -10.33
CA VAL E 146 19.67 -29.50 -11.48
C VAL E 146 19.53 -31.02 -11.42
N ALA E 147 19.83 -31.59 -10.26
CA ALA E 147 19.64 -33.03 -10.05
C ALA E 147 18.22 -33.47 -10.41
N ALA E 148 17.23 -32.77 -9.90
CA ALA E 148 15.86 -33.11 -10.21
C ALA E 148 15.61 -33.04 -11.71
N MET E 149 16.05 -31.97 -12.35
CA MET E 149 15.76 -31.79 -13.77
C MET E 149 16.48 -32.83 -14.58
N ASP E 150 17.72 -33.11 -14.22
CA ASP E 150 18.53 -34.10 -14.93
C ASP E 150 18.01 -35.52 -14.71
N ALA E 151 17.34 -35.76 -13.59
CA ALA E 151 16.74 -37.07 -13.35
C ALA E 151 15.46 -37.27 -14.15
N GLY E 152 14.95 -36.22 -14.76
CA GLY E 152 13.71 -36.29 -15.53
C GLY E 152 12.57 -35.43 -15.02
N ALA E 153 12.67 -34.89 -13.81
CA ALA E 153 11.56 -34.08 -13.24
C ALA E 153 11.40 -32.76 -13.94
N LYS E 154 10.16 -32.33 -14.07
CA LYS E 154 9.87 -31.04 -14.67
C LYS E 154 9.57 -30.05 -13.56
N ILE E 155 10.15 -28.87 -13.63
CA ILE E 155 9.85 -27.83 -12.66
C ILE E 155 9.16 -26.67 -13.35
N LEU E 156 7.97 -26.32 -12.88
CA LEU E 156 7.25 -25.17 -13.38
C LEU E 156 7.18 -24.13 -12.27
N THR E 157 7.78 -22.96 -12.48
CA THR E 157 7.70 -21.87 -11.52
C THR E 157 6.68 -20.86 -11.96
N GLY E 158 6.38 -19.91 -11.08
CA GLY E 158 5.36 -18.91 -11.35
C GLY E 158 4.00 -19.50 -11.29
N ILE E 159 3.84 -20.62 -10.60
CA ILE E 159 2.58 -21.36 -10.61
C ILE E 159 2.10 -21.73 -9.23
N VAL E 160 0.87 -21.33 -8.97
CA VAL E 160 0.24 -21.44 -7.67
C VAL E 160 -0.74 -22.61 -7.71
N VAL E 161 -0.74 -23.46 -6.70
CA VAL E 161 -1.78 -24.46 -6.53
C VAL E 161 -2.81 -23.86 -5.62
N GLU E 162 -4.02 -23.65 -6.13
CA GLU E 162 -5.06 -22.95 -5.35
C GLU E 162 -6.09 -23.91 -4.77
N ASP E 163 -6.09 -25.15 -5.27
CA ASP E 163 -7.09 -26.14 -4.83
C ASP E 163 -6.69 -27.55 -5.26
N LEU E 164 -7.45 -28.53 -4.79
CA LEU E 164 -7.23 -29.92 -5.18
C LEU E 164 -8.34 -30.43 -6.10
N ILE E 165 -8.03 -31.50 -6.82
CA ILE E 165 -9.03 -32.23 -7.58
C ILE E 165 -9.36 -33.49 -6.78
N LEU E 166 -10.65 -33.78 -6.66
CA LEU E 166 -11.11 -34.96 -5.94
C LEU E 166 -11.87 -36.00 -6.81
N ARG E 167 -11.78 -37.25 -6.37
CA ARG E 167 -12.60 -38.34 -6.84
C ARG E 167 -12.98 -39.14 -5.57
N GLU E 168 -13.85 -40.15 -5.68
CA GLU E 168 -14.28 -40.97 -4.52
C GLU E 168 -13.08 -41.71 -3.92
N ASP E 169 -12.26 -42.22 -4.82
CA ASP E 169 -10.91 -42.71 -4.58
C ASP E 169 -10.06 -41.87 -3.59
N GLY E 170 -10.20 -40.54 -3.67
CA GLY E 170 -9.36 -39.61 -2.92
C GLY E 170 -8.83 -38.48 -3.82
N VAL E 171 -7.65 -37.95 -3.50
CA VAL E 171 -7.11 -36.83 -4.25
C VAL E 171 -6.67 -37.27 -5.65
N ALA E 172 -7.06 -36.47 -6.66
CA ALA E 172 -6.87 -36.82 -8.06
C ALA E 172 -6.01 -35.81 -8.87
N GLY E 173 -5.48 -34.80 -8.20
CA GLY E 173 -4.66 -33.81 -8.87
C GLY E 173 -4.79 -32.43 -8.22
N VAL E 174 -4.34 -31.41 -8.95
CA VAL E 174 -4.28 -30.07 -8.42
C VAL E 174 -4.94 -29.09 -9.38
N VAL E 175 -5.42 -28.00 -8.79
CA VAL E 175 -5.99 -26.88 -9.51
C VAL E 175 -4.97 -25.73 -9.46
N ILE E 176 -4.58 -25.24 -10.63
CA ILE E 176 -3.47 -24.34 -10.74
C ILE E 176 -3.86 -23.00 -11.31
N ASN E 177 -3.07 -21.99 -10.94
CA ASN E 177 -3.14 -20.68 -11.53
C ASN E 177 -1.77 -20.05 -11.57
N SER E 178 -1.70 -18.85 -12.13
CA SER E 178 -0.43 -18.16 -12.30
C SER E 178 -0.20 -17.26 -11.08
N TYR E 179 1.02 -17.26 -10.58
CA TYR E 179 1.44 -16.35 -9.53
C TYR E 179 1.11 -14.92 -9.89
N ALA E 180 1.40 -14.54 -11.14
CA ALA E 180 1.16 -13.18 -11.60
C ALA E 180 -0.30 -12.79 -11.43
N ILE E 181 -1.18 -13.69 -11.81
CA ILE E 181 -2.61 -13.44 -11.65
C ILE E 181 -3.00 -13.29 -10.18
N GLU E 182 -2.47 -14.16 -9.35
CA GLU E 182 -2.74 -14.08 -7.92
C GLU E 182 -2.26 -12.74 -7.33
N ARG E 183 -0.99 -12.40 -7.50
CA ARG E 183 -0.46 -11.12 -7.00
C ARG E 183 -1.23 -9.93 -7.53
N ALA E 184 -1.56 -9.96 -8.81
CA ALA E 184 -2.29 -8.88 -9.45
C ALA E 184 -3.73 -8.74 -8.95
N GLY E 185 -4.22 -9.78 -8.31
CA GLY E 185 -5.55 -9.76 -7.68
C GLY E 185 -6.69 -9.94 -8.63
N LEU E 186 -6.46 -10.59 -9.78
CA LEU E 186 -7.50 -10.72 -10.82
C LEU E 186 -8.40 -11.96 -10.62
N HIS E 187 -9.66 -11.81 -10.97
CA HIS E 187 -10.64 -12.88 -10.81
C HIS E 187 -10.64 -13.70 -12.11
N ILE E 188 -9.79 -14.71 -12.15
CA ILE E 188 -9.62 -15.52 -13.35
C ILE E 188 -9.63 -16.99 -12.98
N ASP E 189 -10.38 -17.80 -13.71
CA ASP E 189 -10.50 -19.23 -13.47
C ASP E 189 -9.16 -19.93 -13.66
N PRO E 190 -9.01 -21.13 -13.09
CA PRO E 190 -7.78 -21.89 -13.19
C PRO E 190 -7.78 -22.96 -14.27
N LEU E 191 -6.64 -23.66 -14.36
CA LEU E 191 -6.55 -24.91 -15.09
C LEU E 191 -6.21 -26.04 -14.11
N THR E 192 -5.92 -27.24 -14.64
CA THR E 192 -5.73 -28.42 -13.81
C THR E 192 -4.56 -29.25 -14.25
N ILE E 193 -4.04 -30.02 -13.32
CA ILE E 193 -3.13 -31.11 -13.63
C ILE E 193 -3.62 -32.33 -12.90
N ARG E 194 -3.97 -33.39 -13.62
CA ARG E 194 -4.39 -34.65 -13.00
C ARG E 194 -3.16 -35.44 -12.64
N SER E 195 -3.20 -36.09 -11.50
CA SER E 195 -2.10 -36.94 -11.07
C SER E 195 -2.60 -38.06 -10.19
N LYS E 196 -1.84 -39.14 -10.15
CA LYS E 196 -2.13 -40.27 -9.28
C LYS E 196 -1.88 -39.91 -7.83
N VAL E 197 -0.87 -39.06 -7.62
CA VAL E 197 -0.49 -38.64 -6.27
C VAL E 197 -0.21 -37.13 -6.25
N VAL E 198 -0.47 -36.51 -5.11
CA VAL E 198 -0.08 -35.12 -4.83
C VAL E 198 0.77 -35.09 -3.55
N VAL E 199 1.82 -34.28 -3.57
CA VAL E 199 2.71 -34.15 -2.43
C VAL E 199 2.72 -32.72 -1.95
N ASP E 200 2.41 -32.50 -0.68
CA ASP E 200 2.48 -31.17 -0.11
C ASP E 200 3.86 -31.00 0.47
N ALA E 201 4.69 -30.23 -0.23
CA ALA E 201 6.05 -29.92 0.23
C ALA E 201 6.20 -28.41 0.36
N THR E 202 5.17 -27.75 0.87
CA THR E 202 5.04 -26.29 0.88
C THR E 202 5.57 -25.61 2.15
N GLY E 203 6.28 -26.36 2.97
CA GLY E 203 6.90 -25.82 4.18
C GLY E 203 5.90 -25.70 5.31
N HIS E 204 6.17 -24.79 6.23
CA HIS E 204 5.42 -24.69 7.48
C HIS E 204 3.99 -24.27 7.25
N GLU E 205 3.74 -23.65 6.11
CA GLU E 205 2.37 -23.29 5.71
C GLU E 205 1.48 -24.53 5.64
N ALA E 206 2.04 -25.66 5.18
CA ALA E 206 1.26 -26.89 4.86
C ALA E 206 -0.02 -26.55 4.09
N SER E 207 0.14 -25.76 3.04
CA SER E 207 -0.98 -25.04 2.47
C SER E 207 -1.93 -25.94 1.68
N ILE E 208 -1.44 -27.05 1.14
CA ILE E 208 -2.30 -27.96 0.38
C ILE E 208 -3.17 -28.80 1.33
N VAL E 209 -2.56 -29.32 2.40
CA VAL E 209 -3.31 -30.04 3.45
C VAL E 209 -4.37 -29.12 4.07
N ASN E 210 -4.02 -27.87 4.31
CA ASN E 210 -4.99 -26.89 4.82
C ASN E 210 -6.16 -26.66 3.90
N ILE E 211 -5.88 -26.59 2.60
CA ILE E 211 -6.93 -26.38 1.63
C ILE E 211 -7.91 -27.54 1.67
N LEU E 212 -7.38 -28.75 1.67
CA LEU E 212 -8.18 -29.95 1.75
C LEU E 212 -9.14 -29.87 2.94
N VAL E 213 -8.59 -29.61 4.12
CA VAL E 213 -9.37 -29.63 5.34
C VAL E 213 -10.41 -28.50 5.37
N LYS E 214 -9.97 -27.27 5.10
CA LYS E 214 -10.88 -26.11 5.17
C LYS E 214 -12.02 -26.26 4.15
N LYS E 215 -11.69 -26.45 2.87
CA LYS E 215 -12.72 -26.35 1.82
C LYS E 215 -13.67 -27.56 1.82
N ASN E 216 -13.15 -28.72 2.18
CA ASN E 216 -14.00 -29.90 2.22
C ASN E 216 -14.54 -30.20 3.59
N LYS E 217 -14.42 -29.24 4.49
CA LYS E 217 -15.01 -29.31 5.81
C LYS E 217 -14.75 -30.66 6.47
N LEU E 218 -13.52 -31.14 6.40
CA LEU E 218 -13.17 -32.37 7.10
C LEU E 218 -13.06 -32.08 8.60
N GLU E 219 -13.48 -33.05 9.41
CA GLU E 219 -13.36 -32.94 10.86
C GLU E 219 -11.96 -33.35 11.22
N ALA E 220 -11.06 -32.36 11.22
CA ALA E 220 -9.65 -32.56 11.58
C ALA E 220 -9.00 -31.19 11.59
N ASP E 221 -8.05 -31.01 12.49
CA ASP E 221 -7.33 -29.73 12.62
C ASP E 221 -5.94 -29.92 12.09
N VAL E 222 -5.48 -28.99 11.26
CA VAL E 222 -4.05 -28.90 10.94
C VAL E 222 -3.47 -28.01 12.04
N PRO E 223 -2.75 -28.61 12.99
CA PRO E 223 -2.33 -27.81 14.16
C PRO E 223 -1.28 -26.78 13.87
N GLY E 224 -0.38 -27.06 12.94
CA GLY E 224 0.74 -26.18 12.66
C GLY E 224 1.94 -26.50 13.53
N GLU E 225 3.10 -26.04 13.11
CA GLU E 225 4.34 -26.30 13.85
C GLU E 225 4.28 -25.81 15.31
N LYS E 226 4.95 -26.56 16.18
CA LYS E 226 5.22 -26.12 17.55
C LYS E 226 6.49 -25.23 17.56
N SER E 227 6.94 -24.84 18.75
CA SER E 227 8.16 -24.04 18.88
C SER E 227 9.38 -24.88 18.56
N MET E 228 10.56 -24.28 18.71
CA MET E 228 11.79 -24.93 18.28
C MET E 228 12.29 -25.93 19.30
N TRP E 229 12.54 -27.14 18.83
CA TRP E 229 13.28 -28.15 19.56
C TRP E 229 13.96 -29.00 18.49
N ALA E 230 15.14 -28.58 18.05
CA ALA E 230 15.72 -29.16 16.85
C ALA E 230 15.75 -30.68 16.83
N GLU E 231 16.18 -31.31 17.92
CA GLU E 231 16.30 -32.78 17.96
C GLU E 231 14.94 -33.46 17.85
N LYS E 232 14.01 -33.14 18.76
CA LYS E 232 12.64 -33.65 18.62
C LYS E 232 12.08 -33.41 17.21
N GLY E 233 12.29 -32.21 16.69
CA GLY E 233 11.81 -31.80 15.38
C GLY E 233 12.38 -32.62 14.23
N GLU E 234 13.70 -32.74 14.18
CA GLU E 234 14.35 -33.47 13.09
C GLU E 234 13.91 -34.93 13.07
N ASN E 235 13.76 -35.55 14.23
CA ASN E 235 13.45 -36.98 14.28
C ASN E 235 11.98 -37.28 14.00
N ALA E 236 11.09 -36.37 14.42
CA ALA E 236 9.66 -36.52 14.16
C ALA E 236 9.33 -36.46 12.67
N LEU E 237 10.16 -35.75 11.92
CA LEU E 237 9.97 -35.50 10.50
C LEU E 237 9.78 -36.79 9.72
N LEU E 238 10.58 -37.81 10.07
CA LEU E 238 10.56 -39.05 9.35
C LEU E 238 9.32 -39.87 9.69
N ARG E 239 8.96 -39.86 10.97
CA ARG E 239 7.72 -40.47 11.41
C ARG E 239 6.50 -39.76 10.80
N ASN E 240 6.60 -38.44 10.62
CA ASN E 240 5.51 -37.59 10.13
C ASN E 240 5.38 -37.49 8.61
N THR E 241 6.36 -38.03 7.90
CA THR E 241 6.35 -38.06 6.44
C THR E 241 5.55 -39.25 5.95
N ARG E 242 4.31 -39.02 5.55
CA ARG E 242 3.42 -40.11 5.24
C ARG E 242 2.26 -39.66 4.34
N GLU E 243 1.39 -40.61 3.98
CA GLU E 243 0.16 -40.34 3.27
C GLU E 243 -0.88 -39.94 4.30
N VAL E 244 -1.35 -38.71 4.27
CA VAL E 244 -2.28 -38.23 5.31
C VAL E 244 -3.73 -38.37 4.91
N TYR E 245 -3.98 -38.53 3.61
CA TYR E 245 -5.32 -38.65 3.10
C TYR E 245 -5.11 -39.35 1.78
N PRO E 246 -6.09 -40.12 1.31
CA PRO E 246 -5.76 -40.95 0.13
C PRO E 246 -5.20 -40.18 -1.07
N ASN E 247 -4.01 -40.61 -1.50
CA ASN E 247 -3.23 -39.98 -2.58
C ASN E 247 -2.54 -38.67 -2.25
N LEU E 248 -2.65 -38.20 -1.01
CA LEU E 248 -1.98 -36.96 -0.58
C LEU E 248 -0.88 -37.23 0.43
N PHE E 249 0.36 -36.97 0.05
CA PHE E 249 1.50 -37.16 0.97
C PHE E 249 2.02 -35.81 1.45
N VAL E 250 2.69 -35.79 2.60
CA VAL E 250 3.42 -34.63 3.09
C VAL E 250 4.89 -34.96 3.30
N CYS E 251 5.76 -34.01 3.01
CA CYS E 251 7.17 -34.12 3.37
C CYS E 251 7.71 -32.74 3.75
N GLY E 252 8.94 -32.71 4.28
CA GLY E 252 9.54 -31.47 4.76
C GLY E 252 8.74 -30.89 5.93
N MET E 253 8.88 -29.59 6.17
CA MET E 253 8.18 -28.97 7.30
C MET E 253 6.68 -29.12 7.21
N ALA E 254 6.14 -29.25 6.01
CA ALA E 254 4.70 -29.50 5.90
C ALA E 254 4.30 -30.73 6.73
N ALA E 255 5.17 -31.75 6.76
CA ALA E 255 4.91 -32.93 7.59
C ALA E 255 4.78 -32.57 9.07
N ASN E 256 5.75 -31.83 9.61
CA ASN E 256 5.69 -31.45 11.02
C ASN E 256 4.55 -30.48 11.31
N ALA E 257 4.28 -29.58 10.38
CA ALA E 257 3.18 -28.65 10.56
C ALA E 257 1.87 -29.39 10.63
N SER E 258 1.71 -30.40 9.78
CA SER E 258 0.48 -31.23 9.75
C SER E 258 0.26 -32.07 10.99
N HIS E 259 1.33 -32.44 11.68
CA HIS E 259 1.24 -33.32 12.82
C HIS E 259 1.64 -32.66 14.13
N GLY E 260 1.72 -31.33 14.14
CA GLY E 260 2.06 -30.59 15.35
C GLY E 260 3.47 -30.90 15.88
N GLY E 261 4.42 -31.15 14.99
CA GLY E 261 5.81 -31.40 15.37
C GLY E 261 6.61 -30.12 15.59
N TYR E 262 7.68 -30.25 16.39
CA TYR E 262 8.59 -29.13 16.69
C TYR E 262 9.37 -28.70 15.46
N ARG E 263 9.89 -27.47 15.47
CA ARG E 263 10.77 -27.05 14.37
C ARG E 263 12.24 -27.14 14.72
N MET E 264 13.11 -27.06 13.72
CA MET E 264 14.55 -27.25 13.91
C MET E 264 15.45 -26.14 13.35
N GLY E 265 14.87 -25.17 12.65
CA GLY E 265 15.65 -24.06 12.12
C GLY E 265 16.49 -24.45 10.91
N ALA E 266 17.65 -23.83 10.76
CA ALA E 266 18.36 -23.87 9.50
C ALA E 266 19.20 -25.12 9.35
N ILE E 267 18.69 -26.24 9.84
CA ILE E 267 19.36 -27.54 9.67
C ILE E 267 18.45 -28.40 8.80
N PHE E 268 19.02 -29.02 7.78
CA PHE E 268 18.22 -29.54 6.65
C PHE E 268 18.29 -31.08 6.42
N GLY E 269 19.02 -31.79 7.28
CA GLY E 269 19.18 -33.24 7.12
C GLY E 269 17.84 -33.95 7.03
N GLY E 270 16.98 -33.64 7.97
CA GLY E 270 15.65 -34.23 8.00
C GLY E 270 14.82 -33.85 6.80
N MET E 271 15.01 -32.65 6.28
CA MET E 271 14.29 -32.23 5.07
C MET E 271 14.61 -33.16 3.92
N TYR E 272 15.91 -33.42 3.74
CA TYR E 272 16.37 -34.23 2.62
C TYR E 272 15.90 -35.67 2.77
N LEU E 273 16.04 -36.22 3.98
CA LEU E 273 15.61 -37.57 4.25
C LEU E 273 14.09 -37.71 4.12
N SER E 274 13.35 -36.71 4.58
CA SER E 274 11.90 -36.72 4.43
C SER E 274 11.51 -36.78 2.95
N GLY E 275 12.18 -36.01 2.13
CA GLY E 275 11.88 -36.03 0.71
C GLY E 275 12.13 -37.40 0.09
N LYS E 276 13.24 -38.01 0.50
CA LYS E 276 13.61 -39.32 -0.01
C LYS E 276 12.62 -40.36 0.46
N LEU E 277 12.36 -40.39 1.76
CA LEU E 277 11.38 -41.31 2.30
C LEU E 277 10.04 -41.18 1.56
N CYS E 278 9.64 -39.94 1.32
CA CYS E 278 8.36 -39.66 0.68
C CYS E 278 8.34 -40.27 -0.72
N ALA E 279 9.47 -40.18 -1.42
CA ALA E 279 9.60 -40.82 -2.71
C ALA E 279 9.52 -42.35 -2.59
N GLU E 280 10.15 -42.92 -1.57
CA GLU E 280 10.06 -44.36 -1.36
C GLU E 280 8.63 -44.81 -1.12
N LEU E 281 7.91 -44.09 -0.26
CA LEU E 281 6.50 -44.42 0.01
C LEU E 281 5.63 -44.33 -1.21
N ILE E 282 5.93 -43.39 -2.06
CA ILE E 282 5.09 -43.19 -3.23
C ILE E 282 5.41 -44.24 -4.29
N THR E 283 6.70 -44.53 -4.46
CA THR E 283 7.14 -45.60 -5.35
C THR E 283 6.42 -46.90 -5.02
N GLU E 284 6.37 -47.23 -3.73
CA GLU E 284 5.74 -48.46 -3.29
C GLU E 284 4.28 -48.48 -3.70
N LYS E 285 3.56 -47.43 -3.33
CA LYS E 285 2.14 -47.33 -3.66
C LYS E 285 1.84 -47.36 -5.14
N LEU E 286 2.74 -46.76 -5.94
CA LEU E 286 2.53 -46.45 -7.35
C LEU E 286 3.17 -47.35 -8.42
N LYS E 287 4.11 -48.19 -8.05
CA LYS E 287 4.80 -49.02 -9.02
C LYS E 287 3.89 -49.98 -9.74
N ASN E 288 2.93 -50.52 -9.04
CA ASN E 288 1.92 -51.31 -9.68
C ASN E 288 0.93 -50.43 -10.39
N LEU F 27 21.24 -51.21 5.45
CA LEU F 27 21.11 -50.36 6.69
C LEU F 27 19.69 -50.51 7.29
N MET F 28 18.76 -49.61 6.98
CA MET F 28 17.50 -49.51 7.76
C MET F 28 16.38 -48.73 7.06
N ASN F 29 15.19 -48.76 7.65
CA ASN F 29 14.15 -47.81 7.24
C ASN F 29 14.51 -46.43 7.75
N ILE F 30 14.49 -45.48 6.83
CA ILE F 30 14.83 -44.11 7.08
C ILE F 30 14.17 -43.62 8.38
N LYS F 31 12.92 -43.99 8.60
CA LYS F 31 12.16 -43.55 9.79
C LYS F 31 12.88 -43.77 11.13
N ASP F 32 13.91 -44.64 11.17
CA ASP F 32 14.53 -45.06 12.43
C ASP F 32 15.93 -44.51 12.66
N ILE F 33 16.48 -43.85 11.66
CA ILE F 33 17.73 -43.09 11.79
C ILE F 33 17.64 -42.12 12.98
N LYS F 34 18.66 -42.13 13.84
CA LYS F 34 18.80 -41.16 14.94
C LYS F 34 19.62 -39.97 14.41
N LEU F 35 19.00 -38.79 14.38
CA LEU F 35 19.68 -37.57 13.93
C LEU F 35 20.03 -36.71 15.14
N ASN F 36 21.29 -36.27 15.20
CA ASN F 36 21.76 -35.41 16.28
C ASN F 36 21.77 -33.98 15.78
N ALA F 37 20.80 -33.21 16.24
CA ALA F 37 20.64 -31.82 15.82
C ALA F 37 20.53 -30.92 17.05
N ASP F 38 21.30 -29.84 17.04
CA ASP F 38 21.37 -28.93 18.18
C ASP F 38 21.36 -27.47 17.74
N GLU F 39 20.52 -26.67 18.38
CA GLU F 39 20.39 -25.26 18.02
C GLU F 39 21.72 -24.51 18.00
N THR F 40 22.43 -24.52 19.12
CA THR F 40 23.68 -23.80 19.22
C THR F 40 24.70 -24.27 18.19
N LYS F 41 24.88 -25.58 18.05
CA LYS F 41 25.85 -26.07 17.07
C LYS F 41 25.47 -25.60 15.67
N THR F 42 24.18 -25.61 15.36
CA THR F 42 23.68 -25.17 14.05
C THR F 42 23.99 -23.69 13.85
N THR F 43 23.58 -22.87 14.82
CA THR F 43 23.77 -21.43 14.75
C THR F 43 25.26 -21.06 14.63
N LYS F 44 26.12 -21.66 15.43
CA LYS F 44 27.54 -21.35 15.40
C LYS F 44 28.23 -21.79 14.12
N ALA F 45 27.76 -22.88 13.51
CA ALA F 45 28.34 -23.35 12.27
C ALA F 45 28.07 -22.35 11.17
N ILE F 46 26.84 -21.88 11.10
CA ILE F 46 26.45 -20.87 10.12
C ILE F 46 27.21 -19.58 10.33
N LEU F 47 27.23 -19.10 11.58
CA LEU F 47 27.98 -17.88 11.89
C LEU F 47 29.43 -18.07 11.51
N LYS F 48 30.07 -19.11 12.00
CA LYS F 48 31.52 -19.30 11.77
C LYS F 48 31.86 -19.28 10.26
N ALA F 49 31.07 -20.00 9.47
CA ALA F 49 31.35 -20.14 8.06
C ALA F 49 31.08 -18.85 7.31
N SER F 50 30.06 -18.14 7.68
CA SER F 50 29.76 -16.88 7.04
C SER F 50 30.84 -15.87 7.26
N PHE F 51 31.34 -15.77 8.46
CA PHE F 51 32.42 -14.86 8.76
C PHE F 51 33.72 -15.12 8.05
N ASP F 52 34.09 -16.37 7.88
CA ASP F 52 35.25 -16.68 7.11
C ASP F 52 35.08 -16.27 5.70
N MET F 53 33.91 -16.51 5.17
CA MET F 53 33.51 -16.09 3.84
C MET F 53 33.54 -14.57 3.70
N TRP F 54 32.88 -13.85 4.60
CA TRP F 54 32.81 -12.39 4.53
C TRP F 54 34.17 -11.71 4.63
N LEU F 55 34.98 -12.12 5.61
CA LEU F 55 36.30 -11.50 5.79
C LEU F 55 37.16 -11.71 4.56
N ASP F 56 36.98 -12.85 3.90
CA ASP F 56 37.74 -13.15 2.70
C ASP F 56 37.22 -12.38 1.48
N ILE F 57 35.90 -12.25 1.37
CA ILE F 57 35.32 -11.83 0.11
C ILE F 57 35.41 -10.32 -0.15
N VAL F 58 35.65 -9.52 0.89
CA VAL F 58 35.56 -8.05 0.75
C VAL F 58 36.71 -7.43 -0.03
N GLU F 59 37.67 -8.26 -0.42
CA GLU F 59 38.65 -7.92 -1.45
C GLU F 59 38.60 -8.99 -2.51
N ALA F 60 38.47 -8.58 -3.77
CA ALA F 60 38.37 -9.52 -4.87
C ALA F 60 38.95 -8.93 -6.13
N ASP F 61 39.17 -9.76 -7.14
CA ASP F 61 39.70 -9.25 -8.41
C ASP F 61 38.58 -8.57 -9.18
N VAL F 62 37.47 -9.29 -9.35
CA VAL F 62 36.34 -8.78 -10.13
C VAL F 62 35.03 -8.92 -9.35
N VAL F 63 34.24 -7.84 -9.34
CA VAL F 63 32.87 -7.88 -8.88
C VAL F 63 31.94 -7.79 -10.08
N ILE F 64 31.02 -8.74 -10.20
CA ILE F 64 29.98 -8.66 -11.23
C ILE F 64 28.65 -8.32 -10.57
N VAL F 65 28.00 -7.26 -11.04
CA VAL F 65 26.71 -6.89 -10.48
C VAL F 65 25.59 -7.40 -11.35
N GLY F 66 24.86 -8.40 -10.86
CA GLY F 66 23.75 -9.00 -11.60
C GLY F 66 24.03 -10.46 -11.94
N ALA F 67 23.24 -11.35 -11.35
CA ALA F 67 23.37 -12.80 -11.61
C ALA F 67 22.44 -13.22 -12.74
N GLY F 68 22.33 -12.40 -13.77
CA GLY F 68 21.58 -12.73 -14.96
C GLY F 68 22.37 -13.61 -15.90
N PRO F 69 21.83 -13.87 -17.09
CA PRO F 69 22.54 -14.72 -18.03
C PRO F 69 23.89 -14.17 -18.46
N SER F 70 24.01 -12.87 -18.68
CA SER F 70 25.30 -12.31 -19.11
C SER F 70 26.32 -12.29 -17.96
N GLY F 71 25.89 -11.86 -16.79
CA GLY F 71 26.77 -11.81 -15.64
C GLY F 71 27.31 -13.16 -15.22
N LEU F 72 26.45 -14.18 -15.27
CA LEU F 72 26.86 -15.53 -14.85
C LEU F 72 27.77 -16.16 -15.90
N THR F 73 27.60 -15.77 -17.16
CA THR F 73 28.49 -16.27 -18.19
C THR F 73 29.86 -15.67 -17.98
N CYS F 74 29.90 -14.34 -17.89
CA CYS F 74 31.13 -13.64 -17.58
C CYS F 74 31.83 -14.27 -16.40
N ALA F 75 31.09 -14.52 -15.32
CA ALA F 75 31.66 -15.10 -14.09
C ALA F 75 32.31 -16.48 -14.32
N ARG F 76 31.67 -17.30 -15.14
CA ARG F 76 32.20 -18.61 -15.53
C ARG F 76 33.62 -18.43 -16.09
N TYR F 77 33.72 -17.61 -17.13
CA TYR F 77 34.96 -17.48 -17.88
C TYR F 77 36.09 -16.84 -17.05
N LEU F 78 35.77 -15.83 -16.26
CA LEU F 78 36.80 -15.22 -15.40
C LEU F 78 37.32 -16.17 -14.34
N ALA F 79 36.42 -16.96 -13.74
CA ALA F 79 36.83 -17.90 -12.71
C ALA F 79 37.67 -19.02 -13.30
N LYS F 80 37.32 -19.54 -14.49
CA LYS F 80 38.12 -20.59 -15.17
C LYS F 80 39.55 -20.10 -15.33
N GLU F 81 39.68 -18.79 -15.59
CA GLU F 81 40.97 -18.14 -15.75
C GLU F 81 41.74 -17.93 -14.44
N GLY F 82 41.19 -18.35 -13.30
CA GLY F 82 41.88 -18.22 -12.01
C GLY F 82 41.65 -16.93 -11.23
N PHE F 83 40.89 -16.00 -11.78
CA PHE F 83 40.54 -14.80 -11.02
C PHE F 83 39.58 -15.10 -9.87
N LYS F 84 39.66 -14.28 -8.84
CA LYS F 84 38.75 -14.31 -7.72
C LYS F 84 37.54 -13.42 -8.03
N VAL F 85 36.40 -14.06 -8.29
CA VAL F 85 35.19 -13.38 -8.78
C VAL F 85 34.04 -13.44 -7.78
N VAL F 86 33.37 -12.32 -7.56
CA VAL F 86 32.13 -12.31 -6.77
C VAL F 86 31.03 -11.81 -7.67
N VAL F 87 29.92 -12.52 -7.69
CA VAL F 87 28.69 -12.05 -8.32
C VAL F 87 27.74 -11.62 -7.23
N LEU F 88 27.20 -10.41 -7.37
CA LEU F 88 26.26 -9.84 -6.41
C LEU F 88 24.91 -9.70 -7.06
N GLU F 89 23.88 -10.17 -6.37
CA GLU F 89 22.51 -10.16 -6.86
C GLU F 89 21.57 -9.65 -5.76
N ARG F 90 20.70 -8.69 -6.09
CA ARG F 90 19.77 -8.12 -5.12
C ARG F 90 18.76 -9.15 -4.62
N HIS F 91 18.15 -9.90 -5.53
CA HIS F 91 17.13 -10.87 -5.15
C HIS F 91 17.78 -12.06 -4.46
N LEU F 92 16.99 -12.78 -3.66
CA LEU F 92 17.50 -13.98 -2.98
C LEU F 92 17.90 -15.09 -3.93
N ALA F 93 17.19 -15.21 -5.04
CA ALA F 93 17.55 -16.15 -6.10
C ALA F 93 18.33 -15.46 -7.23
N PHE F 94 19.32 -16.15 -7.78
CA PHE F 94 19.96 -15.71 -9.00
C PHE F 94 18.97 -15.85 -10.18
N GLY F 95 19.42 -15.47 -11.37
CA GLY F 95 18.71 -15.79 -12.60
C GLY F 95 18.31 -14.62 -13.48
N GLY F 96 18.07 -13.47 -12.85
CA GLY F 96 17.62 -12.29 -13.58
C GLY F 96 16.28 -12.56 -14.20
N GLY F 97 16.03 -11.97 -15.36
CA GLY F 97 14.77 -12.16 -16.06
C GLY F 97 14.93 -13.26 -17.07
N THR F 98 15.20 -14.47 -16.58
CA THR F 98 15.17 -15.64 -17.43
C THR F 98 13.95 -16.49 -17.07
N TRP F 99 13.62 -16.57 -15.78
CA TRP F 99 12.71 -17.61 -15.26
C TRP F 99 11.37 -17.65 -15.98
N GLY F 100 10.77 -16.48 -16.16
CA GLY F 100 9.46 -16.36 -16.80
C GLY F 100 9.45 -16.54 -18.31
N GLY F 101 10.63 -16.71 -18.91
CA GLY F 101 10.76 -16.88 -20.34
C GLY F 101 10.07 -15.74 -21.08
N GLY F 102 9.21 -16.10 -22.01
CA GLY F 102 8.53 -15.11 -22.83
C GLY F 102 7.08 -14.95 -22.42
N MET F 103 6.76 -13.84 -21.78
CA MET F 103 5.41 -13.51 -21.34
C MET F 103 4.81 -14.59 -20.44
N GLY F 104 5.67 -15.24 -19.65
CA GLY F 104 5.24 -16.31 -18.76
C GLY F 104 5.45 -17.72 -19.34
N PHE F 105 5.55 -17.84 -20.66
CA PHE F 105 5.74 -19.13 -21.31
C PHE F 105 7.18 -19.56 -21.07
N PRO F 106 7.39 -20.70 -20.40
CA PRO F 106 8.71 -20.98 -19.79
C PRO F 106 9.80 -21.61 -20.70
N TYR F 107 10.06 -20.93 -21.80
CA TYR F 107 11.16 -21.26 -22.70
C TYR F 107 11.86 -19.97 -23.16
N ILE F 108 13.17 -20.05 -23.30
CA ILE F 108 13.93 -18.95 -23.88
C ILE F 108 14.64 -19.45 -25.13
N VAL F 109 14.96 -18.51 -26.02
CA VAL F 109 15.55 -18.84 -27.32
C VAL F 109 17.04 -18.54 -27.35
N VAL F 110 17.78 -19.34 -28.09
CA VAL F 110 19.18 -19.06 -28.38
C VAL F 110 19.44 -19.41 -29.84
N GLU F 111 20.24 -18.60 -30.53
CA GLU F 111 20.50 -18.78 -31.96
C GLU F 111 21.95 -19.20 -32.22
N GLU F 112 22.18 -19.94 -33.31
CA GLU F 112 23.54 -20.35 -33.72
C GLU F 112 24.42 -19.08 -33.90
N PRO F 113 25.69 -19.12 -33.45
CA PRO F 113 26.43 -20.19 -32.78
C PRO F 113 26.44 -20.12 -31.24
N ALA F 114 25.67 -19.21 -30.65
CA ALA F 114 25.66 -19.02 -29.19
C ALA F 114 25.06 -20.19 -28.44
N ASP F 115 24.33 -21.06 -29.14
CA ASP F 115 23.85 -22.30 -28.57
C ASP F 115 24.95 -23.15 -27.94
N GLU F 116 26.17 -23.11 -28.49
CA GLU F 116 27.28 -23.85 -27.87
C GLU F 116 27.56 -23.39 -26.46
N LEU F 117 27.35 -22.10 -26.17
CA LEU F 117 27.56 -21.57 -24.83
C LEU F 117 26.59 -22.18 -23.80
N LEU F 118 25.48 -22.74 -24.28
CA LEU F 118 24.54 -23.45 -23.42
C LEU F 118 24.83 -24.96 -23.32
N ARG F 119 25.19 -25.55 -24.44
CA ARG F 119 25.47 -26.96 -24.53
C ARG F 119 26.63 -27.29 -23.64
N GLU F 120 27.59 -26.40 -23.59
CA GLU F 120 28.82 -26.64 -22.88
C GLU F 120 28.62 -26.67 -21.39
N VAL F 121 27.46 -26.23 -20.95
CA VAL F 121 27.13 -26.22 -19.53
C VAL F 121 26.07 -27.28 -19.17
N GLY F 122 25.72 -28.12 -20.14
CA GLY F 122 24.82 -29.23 -19.93
C GLY F 122 23.37 -28.93 -20.18
N ILE F 123 23.07 -27.78 -20.74
CA ILE F 123 21.67 -27.39 -20.93
C ILE F 123 21.12 -28.08 -22.15
N LYS F 124 19.99 -28.76 -21.99
CA LYS F 124 19.34 -29.42 -23.12
C LYS F 124 18.61 -28.42 -23.98
N LEU F 125 18.75 -28.58 -25.29
CA LEU F 125 18.15 -27.67 -26.27
C LEU F 125 17.21 -28.43 -27.18
N ILE F 126 16.17 -27.76 -27.65
CA ILE F 126 15.28 -28.31 -28.67
C ILE F 126 15.49 -27.49 -29.93
N ASP F 127 15.69 -28.18 -31.06
CA ASP F 127 15.90 -27.53 -32.36
C ASP F 127 14.54 -27.12 -32.91
N MET F 128 14.35 -25.82 -33.16
CA MET F 128 13.09 -25.32 -33.70
C MET F 128 13.25 -24.88 -35.16
N GLY F 129 14.43 -25.11 -35.74
CA GLY F 129 14.69 -24.78 -37.14
C GLY F 129 15.42 -23.45 -37.32
N ASP F 130 16.06 -23.31 -38.48
CA ASP F 130 16.73 -22.06 -38.90
C ASP F 130 17.81 -21.54 -37.95
N GLY F 131 18.42 -22.44 -37.18
CA GLY F 131 19.43 -22.06 -36.21
C GLY F 131 18.85 -21.53 -34.91
N TYR F 132 17.56 -21.76 -34.68
CA TYR F 132 16.87 -21.37 -33.42
C TYR F 132 16.69 -22.58 -32.50
N TYR F 133 17.12 -22.44 -31.25
CA TYR F 133 16.88 -23.46 -30.26
C TYR F 133 16.17 -22.85 -29.06
N VAL F 134 15.36 -23.64 -28.36
CA VAL F 134 14.78 -23.20 -27.09
C VAL F 134 15.33 -24.04 -25.97
N ALA F 135 15.24 -23.53 -24.74
CA ALA F 135 15.62 -24.26 -23.54
C ALA F 135 14.66 -23.90 -22.45
N ASP F 136 14.43 -24.86 -21.55
CA ASP F 136 13.56 -24.70 -20.37
C ASP F 136 14.06 -23.52 -19.55
N SER F 137 13.20 -22.51 -19.35
CA SER F 137 13.62 -21.24 -18.74
C SER F 137 14.01 -21.37 -17.25
N VAL F 138 13.69 -22.50 -16.64
CA VAL F 138 14.10 -22.79 -15.27
C VAL F 138 15.43 -23.56 -15.27
N GLU F 139 15.64 -24.42 -16.25
CA GLU F 139 16.91 -25.14 -16.39
C GLU F 139 18.11 -24.20 -16.59
N VAL F 140 17.92 -23.19 -17.42
CA VAL F 140 19.01 -22.33 -17.87
C VAL F 140 19.67 -21.62 -16.67
N PRO F 141 18.92 -20.80 -15.93
CA PRO F 141 19.60 -20.11 -14.85
C PRO F 141 20.25 -21.06 -13.87
N ALA F 142 19.61 -22.18 -13.57
CA ALA F 142 20.19 -23.15 -12.66
C ALA F 142 21.55 -23.62 -13.17
N LYS F 143 21.62 -23.98 -14.44
CA LYS F 143 22.86 -24.55 -14.96
C LYS F 143 23.97 -23.53 -15.17
N LEU F 144 23.59 -22.31 -15.52
CA LEU F 144 24.56 -21.20 -15.61
C LEU F 144 25.18 -20.88 -14.24
N ALA F 145 24.37 -20.96 -13.20
CA ALA F 145 24.81 -20.68 -11.85
C ALA F 145 25.74 -21.77 -11.39
N VAL F 146 25.36 -23.02 -11.63
CA VAL F 146 26.21 -24.15 -11.24
C VAL F 146 27.59 -24.08 -11.94
N ALA F 147 27.59 -23.84 -13.24
CA ALA F 147 28.83 -23.66 -13.98
C ALA F 147 29.73 -22.60 -13.35
N ALA F 148 29.16 -21.43 -13.07
CA ALA F 148 29.91 -20.34 -12.43
C ALA F 148 30.49 -20.78 -11.08
N MET F 149 29.65 -21.37 -10.24
CA MET F 149 30.09 -21.77 -8.92
C MET F 149 31.17 -22.85 -9.04
N ASP F 150 30.96 -23.83 -9.90
CA ASP F 150 31.94 -24.91 -10.07
C ASP F 150 33.24 -24.41 -10.71
N ALA F 151 33.17 -23.34 -11.48
CA ALA F 151 34.38 -22.74 -12.01
C ALA F 151 35.17 -21.98 -10.95
N GLY F 152 34.60 -21.77 -9.76
CA GLY F 152 35.26 -21.00 -8.72
C GLY F 152 34.58 -19.71 -8.31
N ALA F 153 33.63 -19.21 -9.10
CA ALA F 153 32.97 -17.93 -8.78
C ALA F 153 32.11 -18.04 -7.54
N LYS F 154 32.06 -16.96 -6.78
CA LYS F 154 31.19 -16.89 -5.60
C LYS F 154 29.97 -16.08 -5.95
N ILE F 155 28.79 -16.56 -5.58
CA ILE F 155 27.56 -15.82 -5.81
C ILE F 155 26.95 -15.46 -4.47
N LEU F 156 26.75 -14.17 -4.22
CA LEU F 156 26.06 -13.70 -3.03
C LEU F 156 24.74 -13.09 -3.45
N THR F 157 23.63 -13.66 -2.97
CA THR F 157 22.32 -13.10 -3.24
C THR F 157 21.83 -12.31 -2.05
N GLY F 158 20.73 -11.61 -2.24
CA GLY F 158 20.17 -10.77 -1.19
C GLY F 158 21.01 -9.53 -0.94
N ILE F 159 21.77 -9.13 -1.96
CA ILE F 159 22.75 -8.08 -1.80
C ILE F 159 22.68 -7.08 -2.91
N VAL F 160 22.49 -5.84 -2.49
CA VAL F 160 22.25 -4.70 -3.36
C VAL F 160 23.56 -3.89 -3.46
N VAL F 161 23.94 -3.51 -4.68
CA VAL F 161 25.01 -2.53 -4.85
C VAL F 161 24.34 -1.18 -4.92
N GLU F 162 24.65 -0.31 -3.96
CA GLU F 162 24.00 1.00 -3.87
C GLU F 162 24.90 2.11 -4.38
N ASP F 163 26.20 1.85 -4.51
CA ASP F 163 27.16 2.87 -4.94
C ASP F 163 28.46 2.23 -5.37
N LEU F 164 29.35 3.06 -5.92
CA LEU F 164 30.69 2.62 -6.30
C LEU F 164 31.75 3.15 -5.36
N ILE F 165 32.90 2.53 -5.38
CA ILE F 165 34.09 3.05 -4.72
C ILE F 165 34.99 3.65 -5.78
N LEU F 166 35.55 4.83 -5.52
CA LEU F 166 36.43 5.52 -6.46
C LEU F 166 37.85 5.73 -5.92
N ARG F 167 38.77 5.83 -6.88
CA ARG F 167 40.15 6.29 -6.71
C ARG F 167 40.47 7.18 -7.93
N GLU F 168 41.64 7.82 -7.95
CA GLU F 168 42.02 8.70 -9.09
C GLU F 168 42.14 7.86 -10.36
N ASP F 169 42.76 6.69 -10.17
CA ASP F 169 42.77 5.56 -11.09
C ASP F 169 41.44 5.25 -11.82
N GLY F 170 40.33 5.41 -11.12
CA GLY F 170 38.99 5.06 -11.62
C GLY F 170 38.24 4.21 -10.61
N VAL F 171 37.32 3.37 -11.08
CA VAL F 171 36.47 2.60 -10.19
C VAL F 171 37.27 1.54 -9.42
N ALA F 172 37.04 1.48 -8.10
CA ALA F 172 37.86 0.68 -7.18
C ALA F 172 37.09 -0.38 -6.39
N GLY F 173 35.80 -0.52 -6.70
CA GLY F 173 34.96 -1.50 -6.02
C GLY F 173 33.53 -1.05 -5.90
N VAL F 174 32.78 -1.69 -5.01
CA VAL F 174 31.36 -1.43 -4.86
C VAL F 174 30.98 -1.24 -3.40
N VAL F 175 29.91 -0.48 -3.21
CA VAL F 175 29.31 -0.23 -1.91
C VAL F 175 28.05 -1.07 -1.83
N ILE F 176 27.96 -1.91 -0.81
CA ILE F 176 26.91 -2.92 -0.74
C ILE F 176 26.04 -2.81 0.49
N ASN F 177 24.80 -3.27 0.32
CA ASN F 177 23.85 -3.38 1.40
C ASN F 177 22.95 -4.58 1.18
N SER F 178 22.10 -4.81 2.17
CA SER F 178 21.25 -5.99 2.15
C SER F 178 19.91 -5.61 1.49
N TYR F 179 19.44 -6.47 0.59
CA TYR F 179 18.14 -6.33 -0.03
C TYR F 179 17.05 -6.16 1.01
N ALA F 180 17.13 -6.94 2.08
CA ALA F 180 16.16 -6.85 3.17
C ALA F 180 16.10 -5.44 3.74
N ILE F 181 17.27 -4.88 4.02
CA ILE F 181 17.33 -3.53 4.54
C ILE F 181 16.72 -2.52 3.56
N GLU F 182 17.03 -2.69 2.29
CA GLU F 182 16.50 -1.80 1.27
C GLU F 182 14.97 -1.86 1.21
N ARG F 183 14.41 -3.06 1.03
CA ARG F 183 12.96 -3.25 0.99
C ARG F 183 12.27 -2.74 2.23
N ALA F 184 12.86 -3.00 3.39
CA ALA F 184 12.31 -2.60 4.66
C ALA F 184 12.30 -1.07 4.81
N GLY F 185 13.13 -0.38 4.03
CA GLY F 185 13.23 1.06 4.08
C GLY F 185 14.06 1.62 5.23
N LEU F 186 15.01 0.87 5.76
CA LEU F 186 15.75 1.33 6.93
C LEU F 186 16.97 2.17 6.56
N HIS F 187 17.30 3.14 7.40
CA HIS F 187 18.44 4.04 7.16
C HIS F 187 19.65 3.40 7.84
N ILE F 188 20.36 2.57 7.10
CA ILE F 188 21.49 1.84 7.64
C ILE F 188 22.68 1.94 6.71
N ASP F 189 23.85 2.24 7.25
CA ASP F 189 25.06 2.39 6.44
C ASP F 189 25.42 1.07 5.75
N PRO F 190 26.22 1.13 4.67
CA PRO F 190 26.65 -0.04 3.95
C PRO F 190 28.02 -0.60 4.36
N LEU F 191 28.43 -1.67 3.68
CA LEU F 191 29.81 -2.15 3.69
C LEU F 191 30.40 -2.07 2.28
N THR F 192 31.60 -2.59 2.10
CA THR F 192 32.30 -2.43 0.82
C THR F 192 32.95 -3.73 0.36
N ILE F 193 33.17 -3.80 -0.95
CA ILE F 193 34.02 -4.82 -1.54
C ILE F 193 34.94 -4.09 -2.52
N ARG F 194 36.25 -4.20 -2.27
CA ARG F 194 37.24 -3.62 -3.16
C ARG F 194 37.54 -4.61 -4.28
N SER F 195 37.70 -4.10 -5.49
CA SER F 195 38.02 -4.92 -6.63
C SER F 195 38.79 -4.13 -7.62
N LYS F 196 39.54 -4.84 -8.45
CA LYS F 196 40.28 -4.25 -9.56
C LYS F 196 39.32 -3.82 -10.65
N VAL F 197 38.25 -4.57 -10.83
CA VAL F 197 37.27 -4.29 -11.88
C VAL F 197 35.86 -4.47 -11.36
N VAL F 198 34.93 -3.69 -11.91
CA VAL F 198 33.51 -3.86 -11.64
C VAL F 198 32.79 -4.04 -12.98
N VAL F 199 31.81 -4.95 -13.01
CA VAL F 199 31.04 -5.21 -14.20
C VAL F 199 29.56 -4.93 -13.94
N ASP F 200 28.96 -4.07 -14.76
CA ASP F 200 27.53 -3.81 -14.66
C ASP F 200 26.84 -4.78 -15.59
N ALA F 201 26.22 -5.80 -15.00
CA ALA F 201 25.43 -6.78 -15.73
C ALA F 201 23.98 -6.79 -15.20
N THR F 202 23.45 -5.59 -14.96
CA THR F 202 22.16 -5.41 -14.27
C THR F 202 20.96 -5.29 -15.19
N GLY F 203 21.16 -5.58 -16.47
CA GLY F 203 20.06 -5.57 -17.43
C GLY F 203 19.76 -4.17 -17.92
N HIS F 204 18.51 -3.95 -18.35
CA HIS F 204 18.13 -2.71 -19.01
C HIS F 204 18.21 -1.50 -18.09
N GLU F 205 18.15 -1.75 -16.79
CA GLU F 205 18.34 -0.70 -15.79
C GLU F 205 19.71 0.01 -15.95
N ALA F 206 20.74 -0.76 -16.28
CA ALA F 206 22.13 -0.28 -16.29
C ALA F 206 22.41 0.54 -15.03
N SER F 207 22.08 -0.04 -13.90
CA SER F 207 21.93 0.72 -12.69
C SER F 207 23.27 1.18 -12.09
N ILE F 208 24.34 0.44 -12.34
CA ILE F 208 25.65 0.84 -11.83
C ILE F 208 26.25 2.00 -12.63
N VAL F 209 26.14 1.93 -13.94
CA VAL F 209 26.55 3.02 -14.83
C VAL F 209 25.75 4.29 -14.49
N ASN F 210 24.44 4.15 -14.30
CA ASN F 210 23.63 5.29 -13.92
C ASN F 210 24.04 5.93 -12.59
N ILE F 211 24.43 5.11 -11.63
CA ILE F 211 24.87 5.62 -10.36
C ILE F 211 26.12 6.47 -10.56
N LEU F 212 27.07 5.93 -11.31
CA LEU F 212 28.33 6.62 -11.59
C LEU F 212 28.08 8.00 -12.16
N VAL F 213 27.25 8.05 -13.20
CA VAL F 213 26.95 9.30 -13.88
C VAL F 213 26.18 10.29 -13.00
N LYS F 214 25.08 9.84 -12.38
CA LYS F 214 24.22 10.71 -11.59
C LYS F 214 24.96 11.28 -10.37
N LYS F 215 25.59 10.41 -9.57
CA LYS F 215 26.17 10.86 -8.31
C LYS F 215 27.44 11.64 -8.49
N ASN F 216 28.22 11.28 -9.49
CA ASN F 216 29.49 11.99 -9.73
C ASN F 216 29.36 13.09 -10.77
N LYS F 217 28.12 13.42 -11.12
CA LYS F 217 27.81 14.55 -11.98
C LYS F 217 28.71 14.56 -13.21
N LEU F 218 28.88 13.41 -13.84
CA LEU F 218 29.63 13.32 -15.10
C LEU F 218 28.78 13.89 -16.22
N GLU F 219 29.44 14.60 -17.14
CA GLU F 219 28.77 15.15 -18.29
C GLU F 219 28.64 14.02 -19.29
N ALA F 220 27.55 13.27 -19.19
CA ALA F 220 27.27 12.18 -20.12
C ALA F 220 25.90 11.69 -19.79
N ASP F 221 25.15 11.27 -20.81
CA ASP F 221 23.80 10.73 -20.61
C ASP F 221 23.86 9.22 -20.77
N VAL F 222 23.19 8.49 -19.89
CA VAL F 222 22.88 7.08 -20.11
C VAL F 222 21.54 7.09 -20.80
N PRO F 223 21.52 6.89 -22.14
CA PRO F 223 20.26 7.09 -22.88
C PRO F 223 19.17 6.06 -22.57
N GLY F 224 19.56 4.82 -22.27
CA GLY F 224 18.61 3.73 -22.11
C GLY F 224 18.26 3.06 -23.43
N GLU F 225 17.72 1.86 -23.34
CA GLU F 225 17.39 1.05 -24.50
C GLU F 225 16.40 1.76 -25.43
N LYS F 226 16.58 1.55 -26.72
CA LYS F 226 15.60 1.96 -27.71
C LYS F 226 14.51 0.88 -27.79
N SER F 227 13.61 0.99 -28.78
CA SER F 227 12.56 0.00 -28.99
C SER F 227 13.10 -1.32 -29.57
N MET F 228 12.21 -2.24 -29.92
CA MET F 228 12.67 -3.56 -30.33
C MET F 228 13.06 -3.62 -31.79
N TRP F 229 14.29 -4.09 -32.02
CA TRP F 229 14.77 -4.47 -33.35
C TRP F 229 15.78 -5.59 -33.13
N ALA F 230 15.28 -6.82 -33.01
CA ALA F 230 16.10 -7.92 -32.53
C ALA F 230 17.44 -8.05 -33.22
N GLU F 231 17.47 -7.95 -34.55
CA GLU F 231 18.72 -8.10 -35.27
C GLU F 231 19.72 -6.99 -34.94
N LYS F 232 19.33 -5.73 -35.15
CA LYS F 232 20.16 -4.59 -34.77
C LYS F 232 20.60 -4.70 -33.31
N GLY F 233 19.66 -5.08 -32.45
CA GLY F 233 19.92 -5.23 -31.02
C GLY F 233 20.96 -6.29 -30.68
N GLU F 234 20.78 -7.49 -31.21
CA GLU F 234 21.69 -8.60 -30.91
C GLU F 234 23.11 -8.33 -31.37
N ASN F 235 23.24 -7.67 -32.52
CA ASN F 235 24.58 -7.44 -33.08
C ASN F 235 25.31 -6.27 -32.44
N ALA F 236 24.56 -5.26 -32.02
CA ALA F 236 25.14 -4.10 -31.31
C ALA F 236 25.76 -4.45 -29.96
N LEU F 237 25.20 -5.49 -29.36
CA LEU F 237 25.58 -5.93 -28.03
C LEU F 237 27.08 -6.19 -27.92
N LEU F 238 27.65 -6.77 -28.96
CA LEU F 238 29.06 -7.16 -28.91
C LEU F 238 29.96 -5.94 -29.06
N ARG F 239 29.57 -5.05 -29.95
CA ARG F 239 30.23 -3.76 -30.12
C ARG F 239 30.11 -2.93 -28.81
N ASN F 240 28.95 -3.03 -28.14
CA ASN F 240 28.65 -2.23 -26.95
C ASN F 240 29.20 -2.80 -25.64
N THR F 241 29.75 -3.99 -25.70
CA THR F 241 30.29 -4.63 -24.52
C THR F 241 31.70 -4.18 -24.37
N ARG F 242 31.93 -3.25 -23.46
CA ARG F 242 33.26 -2.66 -23.34
C ARG F 242 33.48 -1.98 -22.01
N GLU F 243 34.69 -1.46 -21.82
CA GLU F 243 35.02 -0.66 -20.65
C GLU F 243 34.51 0.74 -20.89
N VAL F 244 33.55 1.21 -20.10
CA VAL F 244 32.93 2.51 -20.37
C VAL F 244 33.50 3.62 -19.50
N TYR F 245 34.23 3.23 -18.46
CA TYR F 245 34.87 4.20 -17.61
C TYR F 245 35.96 3.40 -16.93
N PRO F 246 37.07 4.03 -16.52
CA PRO F 246 38.18 3.17 -16.09
C PRO F 246 37.79 2.16 -15.03
N ASN F 247 38.05 0.88 -15.32
CA ASN F 247 37.73 -0.27 -14.45
C ASN F 247 36.27 -0.66 -14.37
N LEU F 248 35.42 -0.01 -15.15
CA LEU F 248 33.98 -0.34 -15.20
C LEU F 248 33.56 -0.85 -16.57
N PHE F 249 33.17 -2.13 -16.63
CA PHE F 249 32.70 -2.73 -17.87
C PHE F 249 31.21 -2.91 -17.83
N VAL F 250 30.58 -3.00 -19.01
CA VAL F 250 29.18 -3.38 -19.13
C VAL F 250 29.05 -4.61 -20.01
N CYS F 251 28.10 -5.48 -19.69
CA CYS F 251 27.70 -6.58 -20.58
C CYS F 251 26.21 -6.80 -20.48
N GLY F 252 25.69 -7.66 -21.35
CA GLY F 252 24.26 -7.93 -21.40
C GLY F 252 23.50 -6.71 -21.83
N MET F 253 22.22 -6.62 -21.47
CA MET F 253 21.39 -5.46 -21.85
C MET F 253 21.90 -4.14 -21.28
N ALA F 254 22.61 -4.19 -20.16
CA ALA F 254 23.24 -2.99 -19.63
C ALA F 254 24.12 -2.33 -20.69
N ALA F 255 24.79 -3.15 -21.51
CA ALA F 255 25.59 -2.62 -22.62
C ALA F 255 24.73 -1.83 -23.62
N ASN F 256 23.61 -2.39 -24.04
CA ASN F 256 22.77 -1.69 -25.00
C ASN F 256 22.04 -0.50 -24.38
N ALA F 257 21.69 -0.62 -23.11
CA ALA F 257 21.05 0.50 -22.43
C ALA F 257 22.02 1.67 -22.34
N SER F 258 23.26 1.37 -22.01
CA SER F 258 24.29 2.39 -21.90
C SER F 258 24.63 3.09 -23.20
N HIS F 259 24.40 2.43 -24.33
CA HIS F 259 24.82 2.97 -25.62
C HIS F 259 23.64 3.23 -26.54
N GLY F 260 22.44 3.25 -25.96
CA GLY F 260 21.23 3.50 -26.75
C GLY F 260 20.93 2.49 -27.83
N GLY F 261 21.30 1.23 -27.60
CA GLY F 261 21.05 0.13 -28.55
C GLY F 261 19.65 -0.42 -28.49
N TYR F 262 19.20 -1.03 -29.59
CA TYR F 262 17.85 -1.63 -29.67
C TYR F 262 17.75 -2.88 -28.79
N ARG F 263 16.52 -3.25 -28.43
CA ARG F 263 16.35 -4.50 -27.69
C ARG F 263 15.90 -5.67 -28.57
N MET F 264 16.03 -6.89 -28.04
CA MET F 264 15.80 -8.11 -28.82
C MET F 264 14.78 -9.11 -28.25
N GLY F 265 14.33 -8.86 -27.02
CA GLY F 265 13.33 -9.72 -26.41
C GLY F 265 13.96 -11.00 -25.90
N ALA F 266 13.17 -12.08 -25.91
CA ALA F 266 13.53 -13.31 -25.17
C ALA F 266 14.51 -14.21 -25.92
N ILE F 267 15.45 -13.60 -26.63
CA ILE F 267 16.50 -14.32 -27.33
C ILE F 267 17.84 -13.93 -26.69
N PHE F 268 18.65 -14.93 -26.36
CA PHE F 268 19.73 -14.75 -25.40
C PHE F 268 21.13 -15.02 -25.93
N GLY F 269 21.27 -15.29 -27.22
CA GLY F 269 22.60 -15.59 -27.79
C GLY F 269 23.61 -14.49 -27.55
N GLY F 270 23.21 -13.26 -27.85
CA GLY F 270 24.03 -12.08 -27.61
C GLY F 270 24.35 -11.85 -26.14
N MET F 271 23.42 -12.19 -25.24
CA MET F 271 23.68 -12.07 -23.82
C MET F 271 24.85 -12.93 -23.44
N TYR F 272 24.85 -14.17 -23.91
CA TYR F 272 25.87 -15.14 -23.53
C TYR F 272 27.23 -14.72 -24.12
N LEU F 273 27.21 -14.34 -25.39
CA LEU F 273 28.43 -13.89 -26.05
C LEU F 273 28.99 -12.62 -25.40
N SER F 274 28.09 -11.69 -25.07
CA SER F 274 28.48 -10.46 -24.39
C SER F 274 29.20 -10.77 -23.10
N GLY F 275 28.64 -11.66 -22.30
CA GLY F 275 29.29 -12.05 -21.07
C GLY F 275 30.67 -12.61 -21.29
N LYS F 276 30.81 -13.46 -22.32
CA LYS F 276 32.08 -14.09 -22.63
C LYS F 276 33.08 -13.06 -23.11
N LEU F 277 32.67 -12.25 -24.06
CA LEU F 277 33.51 -11.17 -24.55
C LEU F 277 34.00 -10.28 -23.41
N CYS F 278 33.09 -9.99 -22.48
CA CYS F 278 33.39 -9.13 -21.36
C CYS F 278 34.48 -9.76 -20.53
N ALA F 279 34.39 -11.07 -20.31
CA ALA F 279 35.43 -11.80 -19.57
C ALA F 279 36.76 -11.75 -20.30
N GLU F 280 36.75 -11.85 -21.63
CA GLU F 280 37.98 -11.78 -22.41
C GLU F 280 38.64 -10.42 -22.29
N LEU F 281 37.85 -9.35 -22.41
CA LEU F 281 38.38 -7.99 -22.27
C LEU F 281 39.01 -7.77 -20.89
N ILE F 282 38.38 -8.32 -19.87
CA ILE F 282 38.85 -8.12 -18.52
C ILE F 282 40.12 -8.91 -18.29
N THR F 283 40.13 -10.17 -18.74
CA THR F 283 41.31 -11.01 -18.66
C THR F 283 42.53 -10.31 -19.27
N GLU F 284 42.33 -9.72 -20.43
CA GLU F 284 43.41 -9.03 -21.09
C GLU F 284 43.95 -7.90 -20.22
N LYS F 285 43.06 -7.01 -19.80
CA LYS F 285 43.44 -5.88 -18.95
C LYS F 285 44.15 -6.30 -17.65
N LEU F 286 43.70 -7.40 -17.05
CA LEU F 286 44.18 -7.78 -15.73
C LEU F 286 45.41 -8.65 -15.73
N LYS F 287 45.66 -9.41 -16.79
CA LYS F 287 46.91 -10.19 -16.88
C LYS F 287 47.99 -9.15 -17.25
N ASN F 288 47.56 -7.91 -17.54
CA ASN F 288 48.45 -6.74 -17.61
C ASN F 288 48.27 -5.87 -16.36
N LEU G 27 46.80 20.46 18.78
CA LEU G 27 46.48 21.93 18.84
C LEU G 27 46.50 22.57 17.45
N MET G 28 45.35 22.61 16.81
CA MET G 28 45.26 23.05 15.43
C MET G 28 43.83 23.39 15.06
N ASN G 29 43.68 23.98 13.89
CA ASN G 29 42.38 24.15 13.28
C ASN G 29 41.85 22.76 12.89
N ILE G 30 40.68 22.41 13.44
CA ILE G 30 40.05 21.13 13.15
C ILE G 30 40.06 20.86 11.64
N LYS G 31 39.71 21.88 10.85
CA LYS G 31 39.70 21.78 9.39
C LYS G 31 40.99 21.18 8.80
N ASP G 32 42.10 21.21 9.55
CA ASP G 32 43.40 20.78 9.02
C ASP G 32 43.77 19.35 9.35
N ILE G 33 43.22 18.79 10.42
CA ILE G 33 43.43 17.38 10.81
C ILE G 33 43.44 16.43 9.58
N LYS G 34 44.47 15.58 9.49
CA LYS G 34 44.53 14.52 8.46
C LYS G 34 43.91 13.25 9.06
N LEU G 35 42.81 12.79 8.47
CA LEU G 35 42.12 11.57 8.92
C LEU G 35 42.44 10.44 7.96
N ASN G 36 42.87 9.29 8.52
CA ASN G 36 43.15 8.11 7.72
C ASN G 36 41.96 7.18 7.79
N ALA G 37 41.21 7.13 6.70
CA ALA G 37 40.01 6.31 6.62
C ALA G 37 40.07 5.42 5.37
N ASP G 38 39.79 4.14 5.55
CA ASP G 38 39.89 3.17 4.47
C ASP G 38 38.71 2.19 4.48
N GLU G 39 38.11 2.00 3.30
CA GLU G 39 36.92 1.15 3.17
C GLU G 39 37.13 -0.24 3.77
N THR G 40 38.15 -0.96 3.29
CA THR G 40 38.39 -2.32 3.74
C THR G 40 38.64 -2.37 5.24
N LYS G 41 39.50 -1.50 5.76
CA LYS G 41 39.78 -1.53 7.20
C LYS G 41 38.49 -1.30 7.99
N THR G 42 37.65 -0.38 7.50
CA THR G 42 36.38 -0.08 8.15
C THR G 42 35.49 -1.33 8.13
N THR G 43 35.28 -1.88 6.93
CA THR G 43 34.41 -3.03 6.76
C THR G 43 34.88 -4.23 7.60
N LYS G 44 36.17 -4.52 7.58
CA LYS G 44 36.69 -5.67 8.34
C LYS G 44 36.62 -5.49 9.85
N ALA G 45 36.75 -4.25 10.32
CA ALA G 45 36.65 -3.99 11.74
C ALA G 45 35.24 -4.28 12.23
N ILE G 46 34.25 -3.82 11.48
CA ILE G 46 32.85 -4.08 11.80
C ILE G 46 32.56 -5.57 11.75
N LEU G 47 32.96 -6.22 10.67
CA LEU G 47 32.74 -7.66 10.57
C LEU G 47 33.39 -8.36 11.75
N LYS G 48 34.67 -8.12 11.97
CA LYS G 48 35.42 -8.84 12.99
C LYS G 48 34.76 -8.72 14.38
N ALA G 49 34.37 -7.51 14.73
CA ALA G 49 33.79 -7.25 16.03
C ALA G 49 32.40 -7.83 16.17
N SER G 50 31.60 -7.76 15.13
CA SER G 50 30.28 -8.36 15.16
C SER G 50 30.33 -9.86 15.30
N PHE G 51 31.26 -10.43 14.59
CA PHE G 51 31.51 -11.84 14.53
C PHE G 51 31.89 -12.39 15.89
N ASP G 52 32.75 -11.69 16.61
CA ASP G 52 33.07 -12.07 17.96
C ASP G 52 31.90 -11.93 18.88
N MET G 53 31.15 -10.87 18.71
CA MET G 53 29.98 -10.63 19.52
C MET G 53 28.91 -11.65 19.36
N TRP G 54 28.63 -12.02 18.13
CA TRP G 54 27.61 -13.03 17.82
C TRP G 54 27.95 -14.41 18.35
N LEU G 55 29.18 -14.87 18.11
CA LEU G 55 29.58 -16.20 18.57
C LEU G 55 29.47 -16.32 20.07
N ASP G 56 29.74 -15.21 20.77
CA ASP G 56 29.65 -15.19 22.22
C ASP G 56 28.20 -15.11 22.72
N ILE G 57 27.36 -14.35 22.02
CA ILE G 57 26.08 -13.99 22.59
C ILE G 57 25.00 -15.09 22.50
N VAL G 58 25.20 -16.08 21.62
CA VAL G 58 24.14 -17.06 21.32
C VAL G 58 23.90 -18.08 22.43
N GLU G 59 24.72 -17.99 23.48
CA GLU G 59 24.44 -18.62 24.77
C GLU G 59 24.51 -17.56 25.85
N ALA G 60 23.46 -17.48 26.67
CA ALA G 60 23.39 -16.46 27.71
C ALA G 60 22.60 -16.97 28.90
N ASP G 61 22.69 -16.27 30.02
CA ASP G 61 21.92 -16.66 31.19
C ASP G 61 20.47 -16.27 31.00
N VAL G 62 20.25 -14.99 30.68
CA VAL G 62 18.89 -14.46 30.55
C VAL G 62 18.73 -13.71 29.22
N VAL G 63 17.63 -14.00 28.52
CA VAL G 63 17.20 -13.20 27.38
C VAL G 63 15.97 -12.40 27.77
N ILE G 64 16.03 -11.08 27.58
CA ILE G 64 14.87 -10.22 27.80
C ILE G 64 14.33 -9.78 26.45
N VAL G 65 13.05 -10.01 26.21
CA VAL G 65 12.46 -9.59 24.95
C VAL G 65 11.69 -8.29 25.12
N GLY G 66 12.23 -7.22 24.56
CA GLY G 66 11.63 -5.89 24.68
C GLY G 66 12.51 -4.93 25.43
N ALA G 67 12.98 -3.89 24.74
CA ALA G 67 13.83 -2.88 25.35
C ALA G 67 12.97 -1.70 25.80
N GLY G 68 11.82 -1.99 26.39
CA GLY G 68 10.97 -0.99 26.99
C GLY G 68 11.42 -0.65 28.41
N PRO G 69 10.64 0.18 29.10
CA PRO G 69 11.03 0.58 30.45
C PRO G 69 11.13 -0.60 31.41
N SER G 70 10.23 -1.58 31.34
CA SER G 70 10.31 -2.71 32.27
C SER G 70 11.47 -3.65 31.93
N GLY G 71 11.64 -3.95 30.66
CA GLY G 71 12.71 -4.83 30.23
C GLY G 71 14.10 -4.27 30.51
N LEU G 72 14.28 -2.97 30.30
CA LEU G 72 15.59 -2.36 30.54
C LEU G 72 15.87 -2.24 32.04
N THR G 73 14.82 -2.08 32.84
CA THR G 73 15.02 -2.05 34.27
C THR G 73 15.48 -3.42 34.73
N CYS G 74 14.70 -4.43 34.36
CA CYS G 74 15.07 -5.80 34.65
C CYS G 74 16.51 -6.08 34.27
N ALA G 75 16.89 -5.67 33.06
CA ALA G 75 18.25 -5.91 32.56
C ALA G 75 19.35 -5.27 33.42
N ARG G 76 19.08 -4.05 33.90
CA ARG G 76 19.98 -3.35 34.81
C ARG G 76 20.30 -4.26 36.01
N TYR G 77 19.24 -4.67 36.70
CA TYR G 77 19.38 -5.38 37.97
C TYR G 77 20.04 -6.75 37.79
N LEU G 78 19.65 -7.49 36.75
CA LEU G 78 20.27 -8.79 36.51
C LEU G 78 21.76 -8.67 36.19
N ALA G 79 22.13 -7.68 35.40
CA ALA G 79 23.52 -7.48 35.02
C ALA G 79 24.36 -7.07 36.22
N LYS G 80 23.84 -6.18 37.08
CA LYS G 80 24.54 -5.78 38.33
C LYS G 80 24.88 -7.02 39.14
N GLU G 81 23.97 -7.98 39.11
CA GLU G 81 24.14 -9.24 39.82
C GLU G 81 25.14 -10.20 39.18
N GLY G 82 25.75 -9.81 38.06
CA GLY G 82 26.76 -10.65 37.41
C GLY G 82 26.26 -11.63 36.36
N PHE G 83 24.96 -11.69 36.12
CA PHE G 83 24.43 -12.53 35.04
C PHE G 83 24.77 -11.98 33.66
N LYS G 84 24.87 -12.87 32.69
CA LYS G 84 25.06 -12.51 31.30
C LYS G 84 23.67 -12.31 30.66
N VAL G 85 23.34 -11.05 30.36
CA VAL G 85 22.00 -10.66 29.91
C VAL G 85 22.00 -10.11 28.49
N VAL G 86 21.05 -10.56 27.67
CA VAL G 86 20.83 -9.97 26.36
C VAL G 86 19.43 -9.44 26.33
N VAL G 87 19.29 -8.19 25.88
CA VAL G 87 17.99 -7.61 25.58
C VAL G 87 17.85 -7.60 24.07
N LEU G 88 16.70 -8.09 23.60
CA LEU G 88 16.39 -8.11 22.18
C LEU G 88 15.22 -7.20 21.90
N GLU G 89 15.38 -6.36 20.88
CA GLU G 89 14.37 -5.38 20.50
C GLU G 89 14.18 -5.41 18.98
N ARG G 90 12.92 -5.49 18.52
CA ARG G 90 12.61 -5.54 17.10
C ARG G 90 13.03 -4.26 16.39
N HIS G 91 12.69 -3.10 16.96
CA HIS G 91 12.98 -1.83 16.30
C HIS G 91 14.46 -1.53 16.39
N LEU G 92 14.96 -0.69 15.49
CA LEU G 92 16.39 -0.30 15.50
C LEU G 92 16.78 0.47 16.75
N ALA G 93 15.86 1.29 17.25
CA ALA G 93 16.04 1.99 18.53
C ALA G 93 15.37 1.25 19.69
N PHE G 94 16.02 1.25 20.84
CA PHE G 94 15.39 0.82 22.07
C PHE G 94 14.31 1.83 22.48
N GLY G 95 13.63 1.54 23.60
CA GLY G 95 12.76 2.52 24.24
C GLY G 95 11.30 2.14 24.43
N GLY G 96 10.80 1.29 23.53
CA GLY G 96 9.40 0.89 23.57
C GLY G 96 8.51 2.11 23.40
N GLY G 97 7.36 2.09 24.04
CA GLY G 97 6.41 3.20 23.92
C GLY G 97 6.63 4.16 25.06
N THR G 98 7.81 4.75 25.11
CA THR G 98 8.08 5.83 26.03
C THR G 98 8.21 7.14 25.28
N TRP G 99 8.81 7.12 24.08
CA TRP G 99 9.27 8.32 23.40
C TRP G 99 8.20 9.38 23.22
N GLY G 100 7.04 8.95 22.75
CA GLY G 100 5.91 9.85 22.49
C GLY G 100 5.16 10.34 23.73
N GLY G 101 5.57 9.86 24.91
CA GLY G 101 4.92 10.23 26.15
C GLY G 101 3.42 10.01 26.07
N GLY G 102 2.66 11.04 26.41
CA GLY G 102 1.22 10.95 26.45
C GLY G 102 0.58 11.67 25.28
N MET G 103 0.06 10.90 24.34
CA MET G 103 -0.59 11.44 23.13
C MET G 103 0.29 12.39 22.33
N GLY G 104 1.61 12.13 22.33
CA GLY G 104 2.56 13.00 21.65
C GLY G 104 3.26 14.01 22.56
N PHE G 105 2.64 14.34 23.70
CA PHE G 105 3.19 15.32 24.63
C PHE G 105 4.35 14.67 25.34
N PRO G 106 5.58 15.19 25.19
CA PRO G 106 6.80 14.42 25.52
C PRO G 106 7.24 14.41 27.00
N TYR G 107 6.33 13.98 27.87
CA TYR G 107 6.62 13.74 29.27
C TYR G 107 5.90 12.46 29.74
N ILE G 108 6.54 11.72 30.62
CA ILE G 108 5.92 10.55 31.23
C ILE G 108 5.90 10.76 32.72
N VAL G 109 4.99 10.08 33.40
CA VAL G 109 4.76 10.25 34.83
C VAL G 109 5.34 9.09 35.62
N VAL G 110 5.81 9.38 36.81
CA VAL G 110 6.20 8.35 37.77
C VAL G 110 5.75 8.79 39.16
N GLU G 111 5.27 7.85 39.95
CA GLU G 111 4.71 8.15 41.29
C GLU G 111 5.59 7.58 42.43
N GLU G 112 5.56 8.24 43.58
CA GLU G 112 6.31 7.75 44.77
C GLU G 112 5.86 6.31 45.09
N PRO G 113 6.80 5.41 45.45
CA PRO G 113 8.25 5.57 45.61
C PRO G 113 9.08 5.15 44.38
N ALA G 114 8.43 4.83 43.27
CA ALA G 114 9.12 4.35 42.06
C ALA G 114 10.00 5.43 41.41
N ASP G 115 9.76 6.70 41.76
CA ASP G 115 10.63 7.79 41.32
C ASP G 115 12.10 7.54 41.64
N GLU G 116 12.41 6.87 42.75
CA GLU G 116 13.81 6.55 43.06
C GLU G 116 14.44 5.70 41.99
N LEU G 117 13.66 4.83 41.34
CA LEU G 117 14.20 3.99 40.27
C LEU G 117 14.66 4.82 39.07
N LEU G 118 14.16 6.04 38.94
CA LEU G 118 14.62 6.96 37.90
C LEU G 118 15.79 7.83 38.36
N ARG G 119 15.74 8.29 39.59
CA ARG G 119 16.72 9.17 40.13
C ARG G 119 18.03 8.47 40.13
N GLU G 120 17.99 7.21 40.45
CA GLU G 120 19.19 6.43 40.65
C GLU G 120 19.95 6.23 39.36
N VAL G 121 19.31 6.54 38.26
CA VAL G 121 19.93 6.40 36.95
C VAL G 121 20.25 7.77 36.32
N GLY G 122 20.07 8.84 37.09
CA GLY G 122 20.43 10.18 36.65
C GLY G 122 19.34 10.93 35.94
N ILE G 123 18.12 10.43 35.97
CA ILE G 123 17.05 11.09 35.24
C ILE G 123 16.51 12.24 36.08
N LYS G 124 16.43 13.42 35.47
CA LYS G 124 15.89 14.59 36.15
C LYS G 124 14.37 14.50 36.18
N LEU G 125 13.81 14.84 37.34
CA LEU G 125 12.38 14.81 37.55
C LEU G 125 11.86 16.18 37.91
N ILE G 126 10.61 16.46 37.55
CA ILE G 126 9.92 17.67 37.99
C ILE G 126 8.78 17.24 38.92
N ASP G 127 8.71 17.88 40.08
CA ASP G 127 7.67 17.59 41.08
C ASP G 127 6.37 18.28 40.64
N MET G 128 5.32 17.51 40.43
CA MET G 128 4.02 18.07 40.04
C MET G 128 3.02 18.00 41.18
N GLY G 129 3.45 17.55 42.35
CA GLY G 129 2.59 17.46 43.53
C GLY G 129 2.02 16.06 43.77
N ASP G 130 1.61 15.83 45.02
CA ASP G 130 0.92 14.59 45.44
C ASP G 130 1.69 13.30 45.16
N GLY G 131 3.02 13.39 45.11
CA GLY G 131 3.85 12.23 44.82
C GLY G 131 3.94 11.89 43.35
N TYR G 132 3.54 12.84 42.48
CA TYR G 132 3.64 12.70 41.03
C TYR G 132 4.83 13.49 40.47
N TYR G 133 5.67 12.81 39.70
CA TYR G 133 6.75 13.47 39.01
C TYR G 133 6.66 13.20 37.51
N VAL G 134 7.15 14.13 36.69
CA VAL G 134 7.29 13.90 35.26
C VAL G 134 8.75 13.88 34.87
N ALA G 135 9.06 13.27 33.73
CA ALA G 135 10.40 13.28 33.17
C ALA G 135 10.28 13.39 31.69
N ASP G 136 11.27 14.03 31.07
CA ASP G 136 11.38 14.18 29.61
C ASP G 136 11.33 12.80 28.95
N SER G 137 10.35 12.58 28.08
CA SER G 137 10.12 11.22 27.53
C SER G 137 11.24 10.71 26.60
N VAL G 138 12.13 11.61 26.19
CA VAL G 138 13.30 11.24 25.42
C VAL G 138 14.49 10.93 26.33
N GLU G 139 14.60 11.66 27.45
CA GLU G 139 15.65 11.43 28.44
C GLU G 139 15.57 10.04 29.08
N VAL G 140 14.36 9.60 29.39
CA VAL G 140 14.13 8.36 30.14
C VAL G 140 14.70 7.15 29.40
N PRO G 141 14.20 6.86 28.18
CA PRO G 141 14.71 5.65 27.54
C PRO G 141 16.21 5.69 27.35
N ALA G 142 16.76 6.86 27.05
CA ALA G 142 18.22 6.98 26.87
C ALA G 142 18.94 6.57 28.15
N LYS G 143 18.49 7.10 29.28
CA LYS G 143 19.21 6.85 30.51
C LYS G 143 19.00 5.45 31.08
N LEU G 144 17.82 4.87 30.84
CA LEU G 144 17.58 3.46 31.20
C LEU G 144 18.49 2.51 30.38
N ALA G 145 18.69 2.83 29.12
CA ALA G 145 19.50 2.03 28.24
C ALA G 145 20.96 2.12 28.65
N VAL G 146 21.42 3.33 28.93
CA VAL G 146 22.79 3.51 29.37
C VAL G 146 23.08 2.77 30.68
N ALA G 147 22.19 2.88 31.64
CA ALA G 147 22.31 2.13 32.89
C ALA G 147 22.44 0.63 32.64
N ALA G 148 21.55 0.09 31.82
CA ALA G 148 21.61 -1.33 31.48
C ALA G 148 22.95 -1.70 30.85
N MET G 149 23.37 -0.93 29.84
CA MET G 149 24.61 -1.26 29.15
C MET G 149 25.79 -1.14 30.11
N ASP G 150 25.83 -0.07 30.90
CA ASP G 150 26.94 0.14 31.84
C ASP G 150 26.95 -0.91 32.96
N ALA G 151 25.79 -1.46 33.27
CA ALA G 151 25.74 -2.54 34.24
C ALA G 151 26.25 -3.88 33.66
N GLY G 152 26.51 -3.93 32.35
CA GLY G 152 26.94 -5.17 31.71
C GLY G 152 25.97 -5.77 30.69
N ALA G 153 24.71 -5.34 30.66
CA ALA G 153 23.74 -5.92 29.74
C ALA G 153 24.06 -5.60 28.29
N LYS G 154 23.76 -6.54 27.41
CA LYS G 154 23.92 -6.31 25.98
C LYS G 154 22.55 -6.04 25.36
N ILE G 155 22.46 -5.02 24.53
CA ILE G 155 21.21 -4.71 23.84
C ILE G 155 21.43 -4.89 22.34
N LEU G 156 20.64 -5.76 21.73
CA LEU G 156 20.66 -5.95 20.30
C LEU G 156 19.34 -5.45 19.73
N THR G 157 19.41 -4.43 18.89
CA THR G 157 18.20 -3.94 18.22
C THR G 157 18.13 -4.48 16.81
N GLY G 158 16.98 -4.25 16.17
CA GLY G 158 16.74 -4.76 14.83
C GLY G 158 16.53 -6.27 14.83
N ILE G 159 16.11 -6.80 15.97
CA ILE G 159 16.02 -8.25 16.15
C ILE G 159 14.72 -8.67 16.74
N VAL G 160 14.07 -9.56 16.00
CA VAL G 160 12.72 -10.04 16.29
C VAL G 160 12.82 -11.42 16.92
N VAL G 161 12.09 -11.66 18.01
CA VAL G 161 11.93 -13.02 18.52
C VAL G 161 10.67 -13.58 17.89
N GLU G 162 10.83 -14.64 17.09
CA GLU G 162 9.71 -15.20 16.34
C GLU G 162 9.16 -16.47 16.99
N ASP G 163 9.95 -17.07 17.89
CA ASP G 163 9.55 -18.33 18.52
C ASP G 163 10.40 -18.60 19.76
N LEU G 164 10.04 -19.65 20.49
CA LEU G 164 10.79 -20.09 21.65
C LEU G 164 11.53 -21.38 21.37
N ILE G 165 12.53 -21.66 22.19
CA ILE G 165 13.20 -22.96 22.20
C ILE G 165 12.70 -23.72 23.42
N LEU G 166 12.39 -25.00 23.24
CA LEU G 166 11.87 -25.84 24.32
C LEU G 166 12.78 -27.03 24.64
N ARG G 167 12.66 -27.47 25.90
CA ARG G 167 13.18 -28.73 26.41
C ARG G 167 12.10 -29.29 27.36
N GLU G 168 12.28 -30.50 27.90
CA GLU G 168 11.28 -31.12 28.80
C GLU G 168 11.17 -30.28 30.08
N ASP G 169 12.34 -29.87 30.54
CA ASP G 169 12.55 -28.83 31.54
C ASP G 169 11.64 -27.58 31.45
N GLY G 170 11.34 -27.15 30.22
CA GLY G 170 10.59 -25.93 29.97
C GLY G 170 11.30 -25.05 28.93
N VAL G 171 11.10 -23.74 29.00
CA VAL G 171 11.66 -22.85 27.98
C VAL G 171 13.18 -22.81 28.07
N ALA G 172 13.84 -22.89 26.91
CA ALA G 172 15.30 -23.05 26.85
C ALA G 172 16.00 -21.96 26.03
N GLY G 173 15.24 -20.97 25.58
CA GLY G 173 15.82 -19.87 24.81
C GLY G 173 14.84 -19.31 23.80
N VAL G 174 15.39 -18.58 22.83
CA VAL G 174 14.58 -17.89 21.85
C VAL G 174 15.07 -18.15 20.43
N VAL G 175 14.12 -18.06 19.50
CA VAL G 175 14.38 -18.16 18.07
C VAL G 175 14.29 -16.75 17.50
N ILE G 176 15.36 -16.33 16.84
CA ILE G 176 15.49 -14.93 16.42
C ILE G 176 15.64 -14.76 14.93
N ASN G 177 15.20 -13.58 14.49
CA ASN G 177 15.40 -13.15 13.12
C ASN G 177 15.56 -11.65 13.06
N SER G 178 15.83 -11.17 11.86
CA SER G 178 16.11 -9.75 11.67
C SER G 178 14.82 -9.02 11.36
N TYR G 179 14.61 -7.88 12.01
CA TYR G 179 13.50 -7.00 11.73
C TYR G 179 13.39 -6.67 10.23
N ALA G 180 14.55 -6.41 9.62
CA ALA G 180 14.60 -6.09 8.20
C ALA G 180 13.98 -7.21 7.38
N ILE G 181 14.37 -8.45 7.69
CA ILE G 181 13.84 -9.61 7.00
C ILE G 181 12.33 -9.71 7.18
N GLU G 182 11.88 -9.50 8.40
CA GLU G 182 10.47 -9.57 8.70
C GLU G 182 9.66 -8.54 7.90
N ARG G 183 10.01 -7.26 8.02
CA ARG G 183 9.35 -6.18 7.27
C ARG G 183 9.38 -6.42 5.77
N ALA G 184 10.52 -6.86 5.26
CA ALA G 184 10.68 -7.10 3.84
C ALA G 184 9.80 -8.26 3.36
N GLY G 185 9.37 -9.11 4.28
CA GLY G 185 8.51 -10.24 3.97
C GLY G 185 9.22 -11.45 3.41
N LEU G 186 10.50 -11.63 3.69
CA LEU G 186 11.25 -12.71 3.06
C LEU G 186 11.14 -14.02 3.85
N HIS G 187 11.17 -15.15 3.14
CA HIS G 187 11.06 -16.48 3.75
C HIS G 187 12.48 -16.96 4.05
N ILE G 188 12.97 -16.62 5.23
CA ILE G 188 14.33 -16.93 5.61
C ILE G 188 14.38 -17.54 6.99
N ASP G 189 15.10 -18.65 7.16
CA ASP G 189 15.18 -19.34 8.44
C ASP G 189 15.83 -18.44 9.51
N PRO G 190 15.61 -18.76 10.79
CA PRO G 190 16.17 -18.01 11.90
C PRO G 190 17.47 -18.56 12.47
N LEU G 191 17.98 -17.87 13.48
CA LEU G 191 19.02 -18.40 14.36
C LEU G 191 18.47 -18.48 15.79
N THR G 192 19.32 -18.83 16.75
CA THR G 192 18.86 -19.09 18.11
C THR G 192 19.77 -18.46 19.15
N ILE G 193 19.20 -18.22 20.32
CA ILE G 193 19.97 -17.90 21.51
C ILE G 193 19.46 -18.78 22.63
N ARG G 194 20.34 -19.61 23.18
CA ARG G 194 19.98 -20.44 24.31
C ARG G 194 20.14 -19.65 25.61
N SER G 195 19.21 -19.84 26.52
CA SER G 195 19.26 -19.19 27.79
C SER G 195 18.59 -20.01 28.85
N LYS G 196 18.99 -19.79 30.09
CA LYS G 196 18.37 -20.43 31.25
C LYS G 196 16.99 -19.88 31.48
N VAL G 197 16.81 -18.58 31.20
CA VAL G 197 15.51 -17.92 31.41
C VAL G 197 15.19 -17.02 30.24
N VAL G 198 13.90 -16.84 29.97
CA VAL G 198 13.42 -15.88 28.99
C VAL G 198 12.42 -14.98 29.69
N VAL G 199 12.45 -13.69 29.36
CA VAL G 199 11.53 -12.72 29.95
C VAL G 199 10.73 -12.05 28.85
N ASP G 200 9.41 -12.09 28.97
CA ASP G 200 8.56 -11.40 28.02
C ASP G 200 8.29 -10.01 28.59
N ALA G 201 8.95 -9.01 28.01
CA ALA G 201 8.75 -7.63 28.38
C ALA G 201 8.31 -6.83 27.17
N THR G 202 7.41 -7.42 26.37
CA THR G 202 7.01 -6.89 25.05
C THR G 202 5.79 -5.98 25.07
N GLY G 203 5.33 -5.60 26.26
CA GLY G 203 4.21 -4.68 26.39
C GLY G 203 2.87 -5.38 26.26
N HIS G 204 1.84 -4.63 25.87
CA HIS G 204 0.47 -5.16 25.89
C HIS G 204 0.25 -6.31 24.91
N GLU G 205 1.12 -6.39 23.92
CA GLU G 205 1.11 -7.52 22.98
C GLU G 205 1.28 -8.87 23.70
N ALA G 206 2.13 -8.90 24.74
CA ALA G 206 2.54 -10.14 25.41
C ALA G 206 2.89 -11.22 24.39
N SER G 207 3.70 -10.83 23.42
CA SER G 207 3.82 -11.59 22.21
C SER G 207 4.58 -12.93 22.39
N ILE G 208 5.48 -13.00 23.37
CA ILE G 208 6.20 -14.25 23.61
C ILE G 208 5.33 -15.29 24.30
N VAL G 209 4.56 -14.86 25.29
CA VAL G 209 3.57 -15.72 25.96
C VAL G 209 2.54 -16.23 24.95
N ASN G 210 2.05 -15.34 24.10
CA ASN G 210 1.10 -15.74 23.05
C ASN G 210 1.65 -16.76 22.09
N ILE G 211 2.93 -16.64 21.75
CA ILE G 211 3.55 -17.60 20.88
C ILE G 211 3.54 -18.97 21.54
N LEU G 212 3.97 -19.01 22.79
CA LEU G 212 4.02 -20.24 23.56
C LEU G 212 2.68 -20.96 23.53
N VAL G 213 1.63 -20.24 23.89
CA VAL G 213 0.31 -20.79 23.96
C VAL G 213 -0.24 -21.23 22.59
N LYS G 214 -0.20 -20.34 21.60
CA LYS G 214 -0.75 -20.62 20.27
C LYS G 214 -0.04 -21.79 19.59
N LYS G 215 1.29 -21.75 19.51
CA LYS G 215 2.03 -22.75 18.73
C LYS G 215 2.12 -24.11 19.42
N ASN G 216 2.17 -24.11 20.73
CA ASN G 216 2.24 -25.39 21.45
C ASN G 216 0.88 -25.85 21.97
N LYS G 217 -0.17 -25.21 21.44
CA LYS G 217 -1.54 -25.62 21.67
C LYS G 217 -1.75 -25.94 23.16
N LEU G 218 -1.29 -25.05 24.04
CA LEU G 218 -1.55 -25.17 25.48
C LEU G 218 -2.98 -24.79 25.76
N GLU G 219 -3.60 -25.50 26.69
CA GLU G 219 -4.95 -25.19 27.09
C GLU G 219 -4.87 -24.05 28.08
N ALA G 220 -4.91 -22.83 27.58
CA ALA G 220 -4.89 -21.62 28.41
C ALA G 220 -5.10 -20.47 27.48
N ASP G 221 -5.80 -19.44 27.97
CA ASP G 221 -6.05 -18.24 27.18
C ASP G 221 -5.16 -17.13 27.70
N VAL G 222 -4.53 -16.39 26.79
CA VAL G 222 -3.92 -15.10 27.13
C VAL G 222 -5.03 -14.08 26.92
N PRO G 223 -5.66 -13.61 28.01
CA PRO G 223 -6.84 -12.78 27.84
C PRO G 223 -6.58 -11.40 27.22
N GLY G 224 -5.41 -10.81 27.50
CA GLY G 224 -5.12 -9.44 27.09
C GLY G 224 -5.62 -8.41 28.10
N GLU G 225 -5.09 -7.20 28.00
CA GLU G 225 -5.41 -6.13 28.93
C GLU G 225 -6.90 -5.80 28.95
N LYS G 226 -7.40 -5.45 30.12
CA LYS G 226 -8.74 -4.88 30.26
C LYS G 226 -8.67 -3.39 29.95
N SER G 227 -9.76 -2.66 30.20
CA SER G 227 -9.79 -1.21 30.00
C SER G 227 -8.99 -0.46 31.07
N MET G 228 -9.06 0.87 31.07
CA MET G 228 -8.21 1.63 31.98
C MET G 228 -8.79 1.78 33.38
N TRP G 229 -7.98 1.38 34.37
CA TRP G 229 -8.23 1.67 35.76
C TRP G 229 -6.86 1.79 36.43
N ALA G 230 -6.28 2.99 36.36
CA ALA G 230 -4.87 3.15 36.69
C ALA G 230 -4.47 2.53 38.02
N GLU G 231 -5.26 2.78 39.07
CA GLU G 231 -4.92 2.25 40.38
C GLU G 231 -4.93 0.72 40.43
N LYS G 232 -6.05 0.11 40.08
CA LYS G 232 -6.13 -1.36 39.97
C LYS G 232 -5.01 -1.92 39.08
N GLY G 233 -4.76 -1.24 37.96
CA GLY G 233 -3.74 -1.64 37.02
C GLY G 233 -2.33 -1.60 37.57
N GLU G 234 -1.94 -0.47 38.17
CA GLU G 234 -0.59 -0.31 38.72
C GLU G 234 -0.29 -1.32 39.82
N ASN G 235 -1.29 -1.61 40.64
CA ASN G 235 -1.05 -2.49 41.78
C ASN G 235 -1.07 -3.96 41.41
N ALA G 236 -1.87 -4.32 40.40
CA ALA G 236 -1.89 -5.70 39.90
C ALA G 236 -0.57 -6.15 39.27
N LEU G 237 0.14 -5.20 38.72
CA LEU G 237 1.36 -5.43 37.98
C LEU G 237 2.37 -6.22 38.81
N LEU G 238 2.46 -5.92 40.09
CA LEU G 238 3.47 -6.55 40.95
C LEU G 238 3.08 -7.99 41.29
N ARG G 239 1.80 -8.17 41.56
CA ARG G 239 1.23 -9.51 41.76
C ARG G 239 1.38 -10.34 40.46
N ASN G 240 1.20 -9.68 39.30
CA ASN G 240 1.21 -10.34 38.00
C ASN G 240 2.59 -10.59 37.40
N THR G 241 3.61 -10.06 38.04
CA THR G 241 4.97 -10.22 37.55
C THR G 241 5.51 -11.49 38.12
N ARG G 242 5.55 -12.54 37.32
CA ARG G 242 5.93 -13.85 37.83
C ARG G 242 6.39 -14.79 36.74
N GLU G 243 6.78 -15.99 37.14
CA GLU G 243 7.10 -17.07 36.21
C GLU G 243 5.79 -17.71 35.79
N VAL G 244 5.42 -17.61 34.52
CA VAL G 244 4.12 -18.12 34.06
C VAL G 244 4.20 -19.51 33.45
N TYR G 245 5.41 -19.94 33.13
CA TYR G 245 5.60 -21.25 32.58
C TYR G 245 7.08 -21.51 32.85
N PRO G 246 7.48 -22.78 33.00
CA PRO G 246 8.86 -22.97 33.49
C PRO G 246 9.91 -22.24 32.66
N ASN G 247 10.70 -21.41 33.35
CA ASN G 247 11.74 -20.56 32.75
C ASN G 247 11.28 -19.34 31.96
N LEU G 248 9.98 -19.09 31.93
CA LEU G 248 9.41 -17.93 31.23
C LEU G 248 8.74 -16.96 32.20
N PHE G 249 9.31 -15.77 32.34
CA PHE G 249 8.76 -14.73 33.21
C PHE G 249 8.09 -13.66 32.37
N VAL G 250 7.18 -12.91 32.98
CA VAL G 250 6.63 -11.70 32.37
C VAL G 250 6.84 -10.53 33.29
N CYS G 251 7.08 -9.35 32.70
CA CYS G 251 7.08 -8.09 33.44
C CYS G 251 6.49 -6.98 32.57
N GLY G 252 6.28 -5.81 33.18
CA GLY G 252 5.68 -4.69 32.47
C GLY G 252 4.27 -5.01 32.08
N MET G 253 3.75 -4.35 31.05
CA MET G 253 2.35 -4.55 30.62
C MET G 253 2.09 -5.98 30.16
N ALA G 254 3.13 -6.66 29.69
CA ALA G 254 3.00 -8.07 29.34
C ALA G 254 2.43 -8.87 30.51
N ALA G 255 2.84 -8.52 31.72
CA ALA G 255 2.29 -9.15 32.93
C ALA G 255 0.77 -8.93 33.04
N ASN G 256 0.31 -7.70 32.88
CA ASN G 256 -1.12 -7.44 32.99
C ASN G 256 -1.92 -7.99 31.83
N ALA G 257 -1.31 -7.99 30.65
CA ALA G 257 -1.96 -8.56 29.49
C ALA G 257 -2.17 -10.05 29.68
N SER G 258 -1.14 -10.72 30.19
CA SER G 258 -1.18 -12.15 30.43
C SER G 258 -2.20 -12.56 31.48
N HIS G 259 -2.53 -11.66 32.41
CA HIS G 259 -3.38 -12.02 33.55
C HIS G 259 -4.67 -11.24 33.56
N GLY G 260 -4.99 -10.62 32.43
CA GLY G 260 -6.23 -9.85 32.31
C GLY G 260 -6.34 -8.67 33.25
N GLY G 261 -5.20 -8.04 33.55
CA GLY G 261 -5.18 -6.86 34.42
C GLY G 261 -5.54 -5.56 33.71
N TYR G 262 -5.99 -4.57 34.48
CA TYR G 262 -6.35 -3.25 33.94
C TYR G 262 -5.13 -2.48 33.47
N ARG G 263 -5.32 -1.51 32.59
CA ARG G 263 -4.20 -0.66 32.19
C ARG G 263 -4.18 0.70 32.92
N MET G 264 -3.04 1.37 32.87
CA MET G 264 -2.82 2.60 33.64
C MET G 264 -2.38 3.85 32.84
N GLY G 265 -2.10 3.67 31.55
CA GLY G 265 -1.73 4.79 30.71
C GLY G 265 -0.29 5.21 30.96
N ALA G 266 -0.02 6.51 30.79
CA ALA G 266 1.37 7.00 30.69
C ALA G 266 2.05 7.22 32.05
N ILE G 267 1.74 6.33 33.00
CA ILE G 267 2.36 6.35 34.31
C ILE G 267 3.19 5.05 34.46
N PHE G 268 4.43 5.18 34.88
CA PHE G 268 5.42 4.13 34.69
C PHE G 268 6.04 3.56 35.98
N GLY G 269 5.54 3.97 37.14
CA GLY G 269 6.11 3.49 38.39
C GLY G 269 6.06 1.99 38.52
N GLY G 270 4.89 1.42 38.23
CA GLY G 270 4.71 -0.03 38.23
C GLY G 270 5.56 -0.76 37.19
N MET G 271 5.81 -0.12 36.06
CA MET G 271 6.67 -0.71 35.04
C MET G 271 8.05 -0.93 35.62
N TYR G 272 8.57 0.10 36.27
CA TYR G 272 9.94 0.06 36.79
C TYR G 272 10.05 -0.96 37.92
N LEU G 273 9.07 -0.96 38.80
CA LEU G 273 9.05 -1.90 39.91
C LEU G 273 8.91 -3.33 39.42
N SER G 274 8.02 -3.53 38.45
CA SER G 274 7.81 -4.84 37.82
C SER G 274 9.12 -5.38 37.27
N GLY G 275 9.85 -4.54 36.55
CA GLY G 275 11.14 -4.96 36.01
C GLY G 275 12.09 -5.38 37.12
N LYS G 276 12.13 -4.61 38.19
CA LYS G 276 13.03 -4.89 39.31
C LYS G 276 12.62 -6.18 40.01
N LEU G 277 11.35 -6.28 40.35
CA LEU G 277 10.82 -7.50 40.94
C LEU G 277 11.15 -8.73 40.09
N CYS G 278 11.02 -8.57 38.78
CA CYS G 278 11.25 -9.66 37.86
C CYS G 278 12.70 -10.11 37.95
N ALA G 279 13.60 -9.14 38.06
CA ALA G 279 15.03 -9.44 38.24
C ALA G 279 15.29 -10.15 39.56
N GLU G 280 14.59 -9.76 40.62
CA GLU G 280 14.76 -10.41 41.92
C GLU G 280 14.31 -11.87 41.85
N LEU G 281 13.14 -12.12 41.27
CA LEU G 281 12.63 -13.48 41.12
C LEU G 281 13.58 -14.37 40.33
N ILE G 282 14.19 -13.80 39.31
CA ILE G 282 15.06 -14.57 38.45
C ILE G 282 16.38 -14.86 39.17
N THR G 283 16.93 -13.84 39.82
CA THR G 283 18.13 -14.00 40.63
C THR G 283 17.97 -15.15 41.64
N GLU G 284 16.83 -15.18 42.30
CA GLU G 284 16.59 -16.21 43.27
C GLU G 284 16.63 -17.58 42.62
N LYS G 285 15.83 -17.76 41.57
CA LYS G 285 15.77 -19.03 40.84
C LYS G 285 17.14 -19.48 40.32
N LEU G 286 17.95 -18.54 39.86
CA LEU G 286 19.20 -18.88 39.17
C LEU G 286 20.41 -19.03 40.07
N LYS G 287 20.43 -18.38 41.23
CA LYS G 287 21.51 -18.62 42.19
C LYS G 287 21.19 -19.98 42.86
N ASN G 288 19.99 -20.53 42.58
CA ASN G 288 19.63 -21.91 42.96
C ASN G 288 19.60 -22.81 41.73
N ASN H 29 -36.43 -31.70 -20.72
CA ASN H 29 -36.80 -31.43 -19.29
C ASN H 29 -35.58 -31.01 -18.46
N ILE H 30 -35.53 -29.71 -18.18
CA ILE H 30 -34.28 -29.04 -17.81
C ILE H 30 -33.65 -29.46 -16.47
N LYS H 31 -34.46 -29.87 -15.49
CA LYS H 31 -33.95 -30.34 -14.19
C LYS H 31 -33.19 -31.67 -14.26
N ASP H 32 -33.48 -32.49 -15.28
CA ASP H 32 -33.00 -33.88 -15.38
C ASP H 32 -31.94 -34.10 -16.47
N ILE H 33 -30.94 -33.24 -16.48
CA ILE H 33 -29.87 -33.31 -17.47
C ILE H 33 -28.58 -33.87 -16.87
N LYS H 34 -28.00 -34.88 -17.54
CA LYS H 34 -26.68 -35.41 -17.19
C LYS H 34 -25.63 -34.64 -17.98
N LEU H 35 -24.73 -33.94 -17.29
CA LEU H 35 -23.65 -33.19 -17.92
C LEU H 35 -22.35 -33.95 -17.74
N ASN H 36 -21.61 -34.13 -18.83
CA ASN H 36 -20.31 -34.80 -18.80
C ASN H 36 -19.21 -33.75 -18.82
N ALA H 37 -18.60 -33.53 -17.67
CA ALA H 37 -17.57 -32.51 -17.52
C ALA H 37 -16.34 -33.16 -16.92
N ASP H 38 -15.19 -32.88 -17.52
CA ASP H 38 -13.94 -33.49 -17.08
C ASP H 38 -12.81 -32.44 -17.10
N GLU H 39 -12.02 -32.43 -16.03
CA GLU H 39 -10.95 -31.46 -15.84
C GLU H 39 -9.96 -31.46 -17.01
N THR H 40 -9.36 -32.62 -17.29
CA THR H 40 -8.37 -32.70 -18.34
C THR H 40 -8.96 -32.28 -19.69
N LYS H 41 -10.14 -32.78 -20.05
CA LYS H 41 -10.72 -32.41 -21.33
C LYS H 41 -10.94 -30.91 -21.41
N THR H 42 -11.38 -30.31 -20.29
CA THR H 42 -11.58 -28.86 -20.22
C THR H 42 -10.28 -28.11 -20.42
N THR H 43 -9.27 -28.50 -19.66
CA THR H 43 -7.98 -27.86 -19.68
C THR H 43 -7.33 -27.96 -21.06
N LYS H 44 -7.35 -29.15 -21.65
CA LYS H 44 -6.73 -29.35 -22.96
C LYS H 44 -7.45 -28.58 -24.08
N ALA H 45 -8.76 -28.45 -23.98
CA ALA H 45 -9.51 -27.72 -24.98
C ALA H 45 -9.08 -26.27 -24.99
N ILE H 46 -9.01 -25.68 -23.81
CA ILE H 46 -8.60 -24.27 -23.67
C ILE H 46 -7.16 -24.10 -24.14
N LEU H 47 -6.27 -24.99 -23.71
CA LEU H 47 -4.89 -24.90 -24.16
C LEU H 47 -4.83 -25.00 -25.67
N LYS H 48 -5.42 -26.04 -26.25
CA LYS H 48 -5.32 -26.30 -27.68
C LYS H 48 -5.80 -25.09 -28.49
N ALA H 49 -6.93 -24.56 -28.11
CA ALA H 49 -7.48 -23.43 -28.78
C ALA H 49 -6.68 -22.16 -28.70
N SER H 50 -6.17 -21.85 -27.53
CA SER H 50 -5.34 -20.69 -27.31
C SER H 50 -4.06 -20.80 -28.07
N PHE H 51 -3.55 -22.02 -28.13
CA PHE H 51 -2.32 -22.33 -28.85
C PHE H 51 -2.47 -22.05 -30.33
N ASP H 52 -3.63 -22.40 -30.89
CA ASP H 52 -3.83 -22.15 -32.30
C ASP H 52 -4.01 -20.69 -32.62
N MET H 53 -4.81 -20.04 -31.81
CA MET H 53 -5.03 -18.61 -31.82
C MET H 53 -3.71 -17.83 -31.75
N TRP H 54 -2.90 -18.11 -30.75
CA TRP H 54 -1.64 -17.39 -30.57
C TRP H 54 -0.67 -17.54 -31.75
N LEU H 55 -0.42 -18.77 -32.18
CA LEU H 55 0.51 -18.98 -33.29
C LEU H 55 0.06 -18.25 -34.54
N ASP H 56 -1.24 -18.16 -34.74
CA ASP H 56 -1.77 -17.44 -35.88
C ASP H 56 -1.68 -15.91 -35.73
N ILE H 57 -1.92 -15.41 -34.53
CA ILE H 57 -2.19 -13.99 -34.33
C ILE H 57 -0.93 -13.13 -34.31
N VAL H 58 0.24 -13.74 -34.10
CA VAL H 58 1.47 -12.94 -33.91
C VAL H 58 2.03 -12.31 -35.18
N GLU H 59 1.35 -12.56 -36.30
CA GLU H 59 1.51 -11.77 -37.52
C GLU H 59 0.14 -11.32 -37.98
N ALA H 60 -0.01 -10.03 -38.20
CA ALA H 60 -1.29 -9.47 -38.60
C ALA H 60 -1.10 -8.25 -39.50
N ASP H 61 -2.17 -7.81 -40.13
CA ASP H 61 -2.09 -6.63 -40.98
C ASP H 61 -2.03 -5.39 -40.10
N VAL H 62 -3.01 -5.27 -39.20
CA VAL H 62 -3.14 -4.08 -38.37
C VAL H 62 -3.28 -4.46 -36.90
N VAL H 63 -2.53 -3.79 -36.05
CA VAL H 63 -2.71 -3.89 -34.61
C VAL H 63 -3.30 -2.58 -34.10
N ILE H 64 -4.44 -2.66 -33.43
CA ILE H 64 -5.02 -1.48 -32.79
C ILE H 64 -4.81 -1.54 -31.29
N VAL H 65 -4.19 -0.51 -30.71
CA VAL H 65 -3.95 -0.49 -29.27
C VAL H 65 -5.02 0.34 -28.57
N GLY H 66 -5.90 -0.35 -27.86
CA GLY H 66 -7.00 0.32 -27.16
C GLY H 66 -8.36 -0.11 -27.65
N ALA H 67 -9.10 -0.80 -26.80
CA ALA H 67 -10.44 -1.25 -27.16
C ALA H 67 -11.48 -0.22 -26.71
N GLY H 68 -11.16 1.05 -26.91
CA GLY H 68 -12.13 2.11 -26.64
C GLY H 68 -13.07 2.35 -27.83
N PRO H 69 -13.89 3.39 -27.73
CA PRO H 69 -14.83 3.65 -28.80
C PRO H 69 -14.18 3.91 -30.15
N SER H 70 -13.06 4.63 -30.18
CA SER H 70 -12.41 4.91 -31.47
C SER H 70 -11.72 3.65 -32.02
N GLY H 71 -10.98 2.95 -31.19
CA GLY H 71 -10.29 1.75 -31.61
C GLY H 71 -11.23 0.66 -32.11
N LEU H 72 -12.37 0.48 -31.45
CA LEU H 72 -13.29 -0.57 -31.86
C LEU H 72 -14.01 -0.20 -33.13
N THR H 73 -14.23 1.09 -33.34
CA THR H 73 -14.85 1.56 -34.57
C THR H 73 -13.89 1.33 -35.73
N CYS H 74 -12.65 1.80 -35.58
CA CYS H 74 -11.62 1.53 -36.55
C CYS H 74 -11.54 0.04 -36.88
N ALA H 75 -11.55 -0.82 -35.87
CA ALA H 75 -11.45 -2.26 -36.06
C ALA H 75 -12.61 -2.82 -36.90
N ARG H 76 -13.82 -2.35 -36.64
CA ARG H 76 -15.01 -2.71 -37.42
C ARG H 76 -14.75 -2.51 -38.92
N TYR H 77 -14.36 -1.29 -39.28
CA TYR H 77 -14.22 -0.91 -40.67
C TYR H 77 -13.08 -1.64 -41.36
N LEU H 78 -11.94 -1.76 -40.71
CA LEU H 78 -10.82 -2.49 -41.29
C LEU H 78 -11.13 -3.96 -41.52
N ALA H 79 -11.82 -4.59 -40.56
CA ALA H 79 -12.18 -5.99 -40.71
C ALA H 79 -13.20 -6.22 -41.82
N LYS H 80 -14.19 -5.33 -41.95
CA LYS H 80 -15.19 -5.42 -43.05
C LYS H 80 -14.44 -5.45 -44.38
N GLU H 81 -13.35 -4.69 -44.45
CA GLU H 81 -12.52 -4.60 -45.64
C GLU H 81 -11.65 -5.83 -45.89
N GLY H 82 -11.73 -6.85 -45.04
CA GLY H 82 -10.96 -8.06 -45.24
C GLY H 82 -9.55 -8.08 -44.69
N PHE H 83 -9.13 -7.03 -43.99
CA PHE H 83 -7.84 -7.06 -43.29
C PHE H 83 -7.89 -7.92 -42.04
N LYS H 84 -6.74 -8.47 -41.68
CA LYS H 84 -6.56 -9.21 -40.44
C LYS H 84 -6.18 -8.22 -39.33
N VAL H 85 -7.12 -8.00 -38.40
CA VAL H 85 -7.01 -6.99 -37.36
C VAL H 85 -6.96 -7.59 -35.96
N VAL H 86 -6.05 -7.12 -35.12
CA VAL H 86 -6.03 -7.45 -33.69
C VAL H 86 -6.20 -6.17 -32.90
N VAL H 87 -7.13 -6.18 -31.96
CA VAL H 87 -7.26 -5.12 -30.97
C VAL H 87 -6.68 -5.60 -29.65
N LEU H 88 -5.77 -4.81 -29.08
CA LEU H 88 -5.12 -5.16 -27.82
C LEU H 88 -5.54 -4.20 -26.74
N GLU H 89 -5.95 -4.75 -25.60
CA GLU H 89 -6.48 -3.97 -24.48
C GLU H 89 -5.85 -4.44 -23.18
N ARG H 90 -5.36 -3.51 -22.37
CA ARG H 90 -4.67 -3.86 -21.13
C ARG H 90 -5.63 -4.49 -20.11
N HIS H 91 -6.83 -3.90 -19.96
CA HIS H 91 -7.80 -4.38 -18.98
C HIS H 91 -8.43 -5.66 -19.48
N LEU H 92 -9.00 -6.46 -18.57
CA LEU H 92 -9.66 -7.71 -18.93
C LEU H 92 -10.93 -7.50 -19.72
N ALA H 93 -11.62 -6.39 -19.47
CA ALA H 93 -12.77 -5.97 -20.26
C ALA H 93 -12.40 -4.88 -21.28
N PHE H 94 -12.98 -4.98 -22.47
CA PHE H 94 -12.89 -3.90 -23.45
C PHE H 94 -13.70 -2.71 -22.97
N GLY H 95 -13.69 -1.63 -23.74
CA GLY H 95 -14.63 -0.54 -23.52
C GLY H 95 -14.02 0.82 -23.29
N GLY H 96 -12.80 0.85 -22.75
CA GLY H 96 -12.16 2.12 -22.42
C GLY H 96 -12.98 2.91 -21.40
N GLY H 97 -12.94 4.22 -21.51
CA GLY H 97 -13.68 5.09 -20.60
C GLY H 97 -15.01 5.41 -21.22
N THR H 98 -15.83 4.40 -21.42
CA THR H 98 -17.21 4.59 -21.80
C THR H 98 -18.16 4.22 -20.66
N TRP H 99 -17.82 3.16 -19.92
CA TRP H 99 -18.76 2.50 -19.00
C TRP H 99 -19.39 3.45 -17.99
N GLY H 100 -18.55 4.30 -17.38
CA GLY H 100 -18.99 5.22 -16.35
C GLY H 100 -19.78 6.41 -16.86
N GLY H 101 -19.85 6.55 -18.19
CA GLY H 101 -20.51 7.68 -18.78
C GLY H 101 -19.94 8.96 -18.25
N GLY H 102 -20.82 9.85 -17.81
CA GLY H 102 -20.43 11.17 -17.34
C GLY H 102 -20.49 11.22 -15.84
N MET H 103 -19.32 11.32 -15.21
CA MET H 103 -19.20 11.42 -13.76
C MET H 103 -19.99 10.33 -13.03
N GLY H 104 -20.06 9.14 -13.65
CA GLY H 104 -20.75 8.01 -13.03
C GLY H 104 -22.15 7.82 -13.56
N PHE H 105 -22.74 8.87 -14.13
CA PHE H 105 -24.09 8.82 -14.69
C PHE H 105 -24.06 8.05 -16.01
N PRO H 106 -24.78 6.92 -16.09
CA PRO H 106 -24.50 5.94 -17.14
C PRO H 106 -25.16 6.19 -18.52
N TYR H 107 -24.84 7.34 -19.10
CA TYR H 107 -25.22 7.68 -20.46
C TYR H 107 -24.10 8.47 -21.11
N ILE H 108 -23.89 8.25 -22.40
CA ILE H 108 -22.94 9.02 -23.17
C ILE H 108 -23.68 9.68 -24.32
N VAL H 109 -23.12 10.77 -24.82
CA VAL H 109 -23.77 11.60 -25.83
C VAL H 109 -23.14 11.38 -27.20
N VAL H 110 -23.98 11.45 -28.24
CA VAL H 110 -23.50 11.49 -29.61
C VAL H 110 -24.30 12.52 -30.40
N GLU H 111 -23.62 13.29 -31.25
CA GLU H 111 -24.26 14.37 -32.01
C GLU H 111 -24.36 14.04 -33.51
N GLU H 112 -25.36 14.56 -34.21
CA GLU H 112 -25.52 14.25 -35.62
C GLU H 112 -24.33 14.80 -36.34
N PRO H 113 -23.87 14.15 -37.39
CA PRO H 113 -24.40 12.92 -37.99
C PRO H 113 -23.72 11.62 -37.50
N ALA H 114 -22.86 11.72 -36.48
CA ALA H 114 -22.17 10.56 -35.95
C ALA H 114 -23.09 9.54 -35.28
N ASP H 115 -24.30 9.95 -34.92
CA ASP H 115 -25.31 9.03 -34.40
C ASP H 115 -25.59 7.84 -35.33
N GLU H 116 -25.44 8.01 -36.64
CA GLU H 116 -25.59 6.88 -37.56
C GLU H 116 -24.56 5.79 -37.25
N LEU H 117 -23.36 6.18 -36.83
CA LEU H 117 -22.32 5.19 -36.52
C LEU H 117 -22.69 4.30 -35.35
N LEU H 118 -23.67 4.73 -34.54
CA LEU H 118 -24.21 3.92 -33.45
C LEU H 118 -25.44 3.11 -33.86
N ARG H 119 -26.30 3.71 -34.64
CA ARG H 119 -27.51 3.07 -35.13
C ARG H 119 -27.11 1.89 -35.94
N GLU H 120 -25.98 2.04 -36.60
CA GLU H 120 -25.42 1.15 -37.56
C GLU H 120 -25.21 -0.17 -36.91
N VAL H 121 -25.00 -0.14 -35.63
CA VAL H 121 -24.53 -1.28 -34.85
C VAL H 121 -25.61 -1.77 -33.86
N GLY H 122 -26.82 -1.23 -33.97
CA GLY H 122 -27.96 -1.70 -33.18
C GLY H 122 -28.14 -0.97 -31.87
N ILE H 123 -27.39 0.11 -31.66
CA ILE H 123 -27.45 0.80 -30.39
C ILE H 123 -28.69 1.69 -30.35
N LYS H 124 -29.47 1.55 -29.29
CA LYS H 124 -30.65 2.38 -29.11
C LYS H 124 -30.27 3.77 -28.62
N LEU H 125 -30.90 4.78 -29.19
CA LEU H 125 -30.60 6.15 -28.87
C LEU H 125 -31.85 6.85 -28.39
N ILE H 126 -31.67 7.83 -27.52
CA ILE H 126 -32.75 8.68 -27.09
C ILE H 126 -32.47 10.09 -27.61
N ASP H 127 -33.48 10.69 -28.25
CA ASP H 127 -33.35 12.04 -28.82
C ASP H 127 -33.52 13.05 -27.70
N MET H 128 -32.50 13.86 -27.46
CA MET H 128 -32.57 14.88 -26.42
C MET H 128 -32.70 16.29 -27.00
N GLY H 129 -32.84 16.39 -28.31
CA GLY H 129 -33.02 17.67 -28.98
C GLY H 129 -31.75 18.21 -29.58
N ASP H 130 -31.90 19.11 -30.56
CA ASP H 130 -30.78 19.85 -31.18
C ASP H 130 -29.67 18.98 -31.79
N GLY H 131 -30.03 17.77 -32.20
CA GLY H 131 -29.08 16.84 -32.80
C GLY H 131 -28.25 16.10 -31.78
N TYR H 132 -28.67 16.14 -30.51
CA TYR H 132 -28.00 15.43 -29.41
C TYR H 132 -28.78 14.17 -29.08
N TYR H 133 -28.08 13.03 -29.04
CA TYR H 133 -28.65 11.76 -28.59
C TYR H 133 -27.83 11.18 -27.44
N VAL H 134 -28.48 10.44 -26.55
CA VAL H 134 -27.76 9.68 -25.52
C VAL H 134 -27.95 8.19 -25.74
N ALA H 135 -27.05 7.39 -25.18
CA ALA H 135 -27.14 5.94 -25.21
C ALA H 135 -26.63 5.41 -23.89
N ASP H 136 -27.21 4.28 -23.48
CA ASP H 136 -26.80 3.56 -22.31
C ASP H 136 -25.29 3.27 -22.39
N SER H 137 -24.54 3.74 -21.39
CA SER H 137 -23.07 3.67 -21.43
C SER H 137 -22.52 2.25 -21.29
N VAL H 138 -23.39 1.31 -20.92
CA VAL H 138 -23.04 -0.11 -20.88
C VAL H 138 -23.36 -0.77 -22.20
N GLU H 139 -24.46 -0.36 -22.83
CA GLU H 139 -24.87 -0.90 -24.13
C GLU H 139 -23.87 -0.59 -25.23
N VAL H 140 -23.29 0.60 -25.20
CA VAL H 140 -22.42 1.05 -26.28
C VAL H 140 -21.18 0.18 -26.44
N PRO H 141 -20.35 0.08 -25.38
CA PRO H 141 -19.13 -0.70 -25.57
C PRO H 141 -19.41 -2.14 -25.95
N ALA H 142 -20.47 -2.73 -25.40
CA ALA H 142 -20.85 -4.09 -25.73
C ALA H 142 -21.13 -4.24 -27.23
N LYS H 143 -21.93 -3.32 -27.76
CA LYS H 143 -22.34 -3.43 -29.15
C LYS H 143 -21.22 -3.07 -30.15
N LEU H 144 -20.37 -2.12 -29.77
CA LEU H 144 -19.18 -1.82 -30.57
C LEU H 144 -18.24 -3.01 -30.65
N ALA H 145 -18.14 -3.74 -29.56
CA ALA H 145 -17.25 -4.88 -29.49
C ALA H 145 -17.80 -6.02 -30.33
N VAL H 146 -19.10 -6.25 -30.21
CA VAL H 146 -19.74 -7.31 -30.97
C VAL H 146 -19.64 -7.06 -32.48
N ALA H 147 -19.90 -5.83 -32.89
CA ALA H 147 -19.71 -5.43 -34.28
C ALA H 147 -18.29 -5.75 -34.76
N ALA H 148 -17.30 -5.33 -34.00
CA ALA H 148 -15.92 -5.56 -34.39
C ALA H 148 -15.63 -7.05 -34.54
N MET H 149 -16.08 -7.82 -33.56
CA MET H 149 -15.79 -9.25 -33.58
C MET H 149 -16.54 -9.93 -34.74
N ASP H 150 -17.80 -9.56 -34.94
CA ASP H 150 -18.59 -10.13 -36.02
C ASP H 150 -18.07 -9.69 -37.40
N ALA H 151 -17.42 -8.53 -37.47
CA ALA H 151 -16.78 -8.12 -38.70
C ALA H 151 -15.47 -8.86 -38.97
N GLY H 152 -15.00 -9.66 -38.03
CA GLY H 152 -13.76 -10.40 -38.22
C GLY H 152 -12.61 -10.02 -37.30
N ALA H 153 -12.70 -8.87 -36.64
CA ALA H 153 -11.60 -8.42 -35.78
C ALA H 153 -11.44 -9.30 -34.54
N LYS H 154 -10.20 -9.48 -34.12
CA LYS H 154 -9.91 -10.23 -32.93
C LYS H 154 -9.59 -9.25 -31.83
N ILE H 155 -10.18 -9.47 -30.64
CA ILE H 155 -9.90 -8.63 -29.49
C ILE H 155 -9.22 -9.46 -28.43
N LEU H 156 -8.02 -9.04 -28.03
CA LEU H 156 -7.31 -9.69 -26.95
C LEU H 156 -7.24 -8.74 -25.77
N THR H 157 -7.85 -9.13 -24.65
CA THR H 157 -7.77 -8.32 -23.43
C THR H 157 -6.74 -8.89 -22.45
N GLY H 158 -6.45 -8.11 -21.42
CA GLY H 158 -5.44 -8.51 -20.47
C GLY H 158 -4.04 -8.38 -21.05
N ILE H 159 -3.89 -7.53 -22.06
CA ILE H 159 -2.64 -7.46 -22.79
C ILE H 159 -2.18 -6.02 -22.99
N VAL H 160 -0.96 -5.80 -22.56
CA VAL H 160 -0.35 -4.49 -22.49
C VAL H 160 0.62 -4.39 -23.65
N VAL H 161 0.60 -3.28 -24.38
CA VAL H 161 1.68 -2.98 -25.33
C VAL H 161 2.71 -2.16 -24.59
N GLU H 162 3.92 -2.69 -24.46
CA GLU H 162 4.97 -2.02 -23.66
C GLU H 162 6.01 -1.32 -24.54
N ASP H 163 6.03 -1.65 -25.83
CA ASP H 163 7.02 -1.09 -26.76
C ASP H 163 6.61 -1.34 -28.20
N LEU H 164 7.37 -0.76 -29.13
CA LEU H 164 7.14 -0.93 -30.55
C LEU H 164 8.26 -1.76 -31.15
N ILE H 165 7.95 -2.32 -32.32
CA ILE H 165 8.95 -2.96 -33.16
C ILE H 165 9.28 -2.01 -34.30
N LEU H 166 10.56 -1.87 -34.59
CA LEU H 166 11.01 -0.99 -35.65
C LEU H 166 11.78 -1.71 -36.77
N ARG H 167 11.70 -1.10 -37.95
CA ARG H 167 12.54 -1.41 -39.11
C ARG H 167 12.93 -0.05 -39.74
N GLU H 168 13.79 -0.05 -40.76
CA GLU H 168 14.20 1.22 -41.43
C GLU H 168 13.00 1.92 -42.08
N ASP H 169 12.18 1.09 -42.71
CA ASP H 169 10.83 1.39 -43.16
C ASP H 169 9.98 2.24 -42.19
N GLY H 170 10.11 1.99 -40.88
CA GLY H 170 9.27 2.60 -39.84
C GLY H 170 8.73 1.58 -38.85
N VAL H 171 7.56 1.84 -38.28
CA VAL H 171 7.00 0.92 -37.28
C VAL H 171 6.58 -0.41 -37.88
N ALA H 172 6.96 -1.50 -37.23
CA ALA H 172 6.79 -2.85 -37.76
C ALA H 172 5.96 -3.80 -36.88
N GLY H 173 5.39 -3.27 -35.79
CA GLY H 173 4.58 -4.07 -34.90
C GLY H 173 4.73 -3.62 -33.47
N VAL H 174 4.26 -4.46 -32.55
CA VAL H 174 4.20 -4.11 -31.14
C VAL H 174 4.85 -5.18 -30.28
N VAL H 175 5.34 -4.73 -29.13
CA VAL H 175 5.91 -5.59 -28.10
C VAL H 175 4.89 -5.70 -26.98
N ILE H 176 4.49 -6.93 -26.67
CA ILE H 176 3.38 -7.18 -25.77
C ILE H 176 3.75 -7.93 -24.52
N ASN H 177 2.96 -7.69 -23.48
CA ASN H 177 3.05 -8.44 -22.27
C ASN H 177 1.65 -8.57 -21.63
N SER H 178 1.60 -9.32 -20.54
CA SER H 178 0.36 -9.57 -19.82
C SER H 178 0.13 -8.48 -18.77
N TYR H 179 -1.09 -7.97 -18.71
CA TYR H 179 -1.52 -7.04 -17.68
C TYR H 179 -1.19 -7.60 -16.30
N ALA H 180 -1.43 -8.90 -16.12
CA ALA H 180 -1.21 -9.53 -14.83
C ALA H 180 0.23 -9.40 -14.41
N ILE H 181 1.12 -9.67 -15.36
CA ILE H 181 2.54 -9.53 -15.10
C ILE H 181 2.91 -8.10 -14.74
N GLU H 182 2.36 -7.14 -15.47
CA GLU H 182 2.63 -5.74 -15.22
C GLU H 182 2.18 -5.34 -13.81
N ARG H 183 0.91 -5.56 -13.49
CA ARG H 183 0.37 -5.24 -12.17
C ARG H 183 1.17 -5.90 -11.08
N ALA H 184 1.50 -7.17 -11.28
CA ALA H 184 2.23 -7.96 -10.28
C ALA H 184 3.66 -7.47 -10.08
N GLY H 185 4.16 -6.69 -11.03
CA GLY H 185 5.48 -6.08 -10.94
C GLY H 185 6.63 -7.01 -11.24
N LEU H 186 6.39 -8.05 -12.04
CA LEU H 186 7.43 -9.06 -12.28
C LEU H 186 8.31 -8.70 -13.48
N HIS H 187 9.59 -9.06 -13.38
CA HIS H 187 10.57 -8.77 -14.41
C HIS H 187 10.58 -9.94 -15.38
N ILE H 188 9.71 -9.87 -16.38
CA ILE H 188 9.55 -10.93 -17.36
C ILE H 188 9.58 -10.37 -18.77
N ASP H 189 10.34 -11.01 -19.66
CA ASP H 189 10.45 -10.56 -21.04
C ASP H 189 9.10 -10.66 -21.78
N PRO H 190 8.95 -9.92 -22.89
CA PRO H 190 7.73 -9.89 -23.66
C PRO H 190 7.72 -10.82 -24.87
N LEU H 191 6.60 -10.81 -25.58
CA LEU H 191 6.49 -11.40 -26.92
C LEU H 191 6.15 -10.30 -27.93
N THR H 192 5.89 -10.68 -29.17
CA THR H 192 5.70 -9.70 -30.23
C THR H 192 4.52 -10.04 -31.13
N ILE H 193 4.00 -9.01 -31.80
CA ILE H 193 3.10 -9.17 -32.91
C ILE H 193 3.57 -8.25 -34.00
N ARG H 194 3.93 -8.82 -35.14
CA ARG H 194 4.34 -8.05 -36.30
C ARG H 194 3.11 -7.59 -37.07
N SER H 195 3.16 -6.37 -37.56
CA SER H 195 2.06 -5.85 -38.34
C SER H 195 2.57 -4.84 -39.35
N LYS H 196 1.78 -4.63 -40.39
CA LYS H 196 2.06 -3.61 -41.38
C LYS H 196 1.81 -2.22 -40.83
N VAL H 197 0.79 -2.13 -39.97
CA VAL H 197 0.40 -0.86 -39.36
C VAL H 197 0.11 -1.05 -37.86
N VAL H 198 0.37 0.01 -37.09
CA VAL H 198 -0.04 0.08 -35.69
C VAL H 198 -0.92 1.32 -35.50
N VAL H 199 -1.95 1.19 -34.68
CA VAL H 199 -2.82 2.33 -34.39
C VAL H 199 -2.81 2.59 -32.89
N ASP H 200 -2.52 3.84 -32.51
CA ASP H 200 -2.60 4.26 -31.13
C ASP H 200 -4.02 4.79 -30.92
N ALA H 201 -4.83 4.00 -30.23
CA ALA H 201 -6.16 4.38 -29.84
C ALA H 201 -6.32 4.29 -28.32
N THR H 202 -5.30 4.74 -27.60
CA THR H 202 -5.18 4.57 -26.14
C THR H 202 -5.73 5.72 -25.30
N GLY H 203 -6.46 6.63 -25.94
CA GLY H 203 -7.06 7.77 -25.22
C GLY H 203 -6.08 8.91 -24.99
N HIS H 204 -6.35 9.70 -23.96
CA HIS H 204 -5.58 10.91 -23.70
C HIS H 204 -4.13 10.60 -23.34
N GLU H 205 -3.88 9.40 -22.87
CA GLU H 205 -2.52 8.97 -22.56
C GLU H 205 -1.62 9.10 -23.81
N ALA H 206 -2.16 8.77 -24.98
CA ALA H 206 -1.38 8.62 -26.23
C ALA H 206 -0.10 7.81 -25.98
N SER H 207 -0.27 6.65 -25.35
CA SER H 207 0.86 5.98 -24.73
C SER H 207 1.80 5.33 -25.72
N ILE H 208 1.31 4.94 -26.88
CA ILE H 208 2.18 4.33 -27.91
C ILE H 208 3.05 5.38 -28.61
N VAL H 209 2.43 6.50 -28.98
CA VAL H 209 3.18 7.64 -29.51
C VAL H 209 4.25 8.11 -28.51
N ASN H 210 3.88 8.20 -27.24
CA ASN H 210 4.86 8.60 -26.21
C ASN H 210 6.03 7.67 -26.08
N ILE H 211 5.75 6.37 -26.21
CA ILE H 211 6.81 5.37 -26.15
C ILE H 211 7.79 5.56 -27.29
N LEU H 212 7.26 5.70 -28.49
CA LEU H 212 8.08 5.96 -29.68
C LEU H 212 9.01 7.15 -29.47
N VAL H 213 8.46 8.28 -29.07
CA VAL H 213 9.24 9.49 -28.88
C VAL H 213 10.25 9.36 -27.75
N LYS H 214 9.82 8.91 -26.56
CA LYS H 214 10.72 8.84 -25.40
C LYS H 214 11.87 7.85 -25.64
N LYS H 215 11.55 6.62 -25.98
CA LYS H 215 12.59 5.56 -26.06
C LYS H 215 13.54 5.71 -27.23
N ASN H 216 13.05 6.22 -28.36
CA ASN H 216 13.89 6.42 -29.54
C ASN H 216 14.44 7.84 -29.66
N LYS H 217 14.29 8.61 -28.57
CA LYS H 217 14.88 9.93 -28.43
C LYS H 217 14.63 10.78 -29.70
N LEU H 218 13.39 10.77 -30.20
CA LEU H 218 13.03 11.63 -31.33
C LEU H 218 12.93 13.06 -30.87
N GLU H 219 13.35 13.99 -31.72
CA GLU H 219 13.22 15.41 -31.43
C GLU H 219 11.80 15.81 -31.79
N ALA H 220 10.90 15.67 -30.82
CA ALA H 220 9.50 16.05 -30.95
C ALA H 220 8.85 15.89 -29.58
N ASP H 221 7.90 16.77 -29.27
CA ASP H 221 7.17 16.72 -27.99
C ASP H 221 5.77 16.20 -28.26
N VAL H 222 5.31 15.26 -27.45
CA VAL H 222 3.89 14.92 -27.41
C VAL H 222 3.30 15.87 -26.39
N PRO H 223 2.62 16.94 -26.84
CA PRO H 223 2.19 17.99 -25.88
C PRO H 223 1.12 17.55 -24.88
N GLY H 224 0.24 16.65 -25.29
CA GLY H 224 -0.91 16.26 -24.48
C GLY H 224 -2.11 17.17 -24.71
N GLU H 225 -3.28 16.69 -24.27
CA GLU H 225 -4.52 17.44 -24.43
C GLU H 225 -4.45 18.79 -23.75
N LYS H 226 -5.12 19.77 -24.36
CA LYS H 226 -5.38 21.06 -23.73
C LYS H 226 -6.64 20.94 -22.83
N SER H 227 -7.11 22.07 -22.31
CA SER H 227 -8.34 22.09 -21.50
C SER H 227 -9.58 21.86 -22.35
N MET H 228 -10.75 21.95 -21.75
CA MET H 228 -11.98 21.62 -22.47
C MET H 228 -12.49 22.78 -23.33
N TRP H 229 -12.71 22.46 -24.60
CA TRP H 229 -13.45 23.31 -25.52
C TRP H 229 -14.14 22.38 -26.51
N ALA H 230 -15.33 21.89 -26.16
CA ALA H 230 -15.92 20.76 -26.88
C ALA H 230 -15.97 20.94 -28.41
N GLU H 231 -16.39 22.11 -28.86
CA GLU H 231 -16.48 22.35 -30.30
C GLU H 231 -15.12 22.33 -31.00
N LYS H 232 -14.20 23.18 -30.58
CA LYS H 232 -12.83 23.13 -31.09
C LYS H 232 -12.24 21.70 -31.04
N GLY H 233 -12.48 21.01 -29.92
CA GLY H 233 -11.99 19.66 -29.70
C GLY H 233 -12.56 18.61 -30.64
N GLU H 234 -13.89 18.58 -30.75
CA GLU H 234 -14.53 17.61 -31.65
C GLU H 234 -14.11 17.77 -33.11
N ASN H 235 -13.96 19.00 -33.56
CA ASN H 235 -13.62 19.25 -34.97
C ASN H 235 -12.14 19.04 -35.30
N ALA H 236 -11.26 19.31 -34.35
CA ALA H 236 -9.83 19.08 -34.52
C ALA H 236 -9.50 17.59 -34.68
N LEU H 237 -10.34 16.76 -34.08
CA LEU H 237 -10.13 15.33 -34.02
C LEU H 237 -9.94 14.73 -35.41
N LEU H 238 -10.72 15.21 -36.37
CA LEU H 238 -10.70 14.65 -37.72
C LEU H 238 -9.46 15.09 -38.47
N ARG H 239 -9.08 16.35 -38.28
CA ARG H 239 -7.85 16.87 -38.82
C ARG H 239 -6.66 16.15 -38.19
N ASN H 240 -6.76 15.81 -36.91
CA ASN H 240 -5.63 15.24 -36.13
C ASN H 240 -5.49 13.73 -36.26
N THR H 241 -6.45 13.10 -36.89
CA THR H 241 -6.46 11.66 -37.09
C THR H 241 -5.65 11.35 -38.33
N ARG H 242 -4.41 10.91 -38.14
CA ARG H 242 -3.51 10.74 -39.28
C ARG H 242 -2.35 9.82 -38.94
N GLU H 243 -1.51 9.59 -39.95
CA GLU H 243 -0.27 8.84 -39.77
C GLU H 243 0.75 9.83 -39.25
N VAL H 244 1.22 9.63 -38.01
CA VAL H 244 2.14 10.58 -37.39
C VAL H 244 3.60 10.19 -37.54
N TYR H 245 3.86 8.94 -37.89
CA TYR H 245 5.20 8.46 -38.09
C TYR H 245 4.99 7.23 -38.97
N PRO H 246 5.97 6.88 -39.81
CA PRO H 246 5.65 5.82 -40.78
C PRO H 246 5.06 4.55 -40.18
N ASN H 247 3.88 4.17 -40.66
CA ASN H 247 3.10 3.01 -40.20
C ASN H 247 2.42 3.15 -38.83
N LEU H 248 2.52 4.34 -38.22
CA LEU H 248 1.86 4.59 -36.94
C LEU H 248 0.78 5.63 -37.06
N PHE H 249 -0.47 5.23 -36.86
CA PHE H 249 -1.61 6.14 -36.92
C PHE H 249 -2.13 6.45 -35.51
N VAL H 250 -2.84 7.56 -35.35
CA VAL H 250 -3.54 7.86 -34.12
C VAL H 250 -5.00 8.12 -34.43
N CYS H 251 -5.89 7.71 -33.51
CA CYS H 251 -7.30 8.07 -33.58
C CYS H 251 -7.85 8.26 -32.19
N GLY H 252 -9.08 8.76 -32.09
CA GLY H 252 -9.67 9.09 -30.79
C GLY H 252 -8.88 10.17 -30.08
N MET H 253 -9.01 10.24 -28.74
CA MET H 253 -8.32 11.29 -27.97
C MET H 253 -6.82 11.23 -28.09
N ALA H 254 -6.27 10.07 -28.41
CA ALA H 254 -4.84 9.99 -28.69
C ALA H 254 -4.44 10.96 -29.81
N ALA H 255 -5.30 11.12 -30.82
CA ALA H 255 -5.04 12.10 -31.87
C ALA H 255 -4.93 13.52 -31.30
N ASN H 256 -5.90 13.96 -30.49
CA ASN H 256 -5.84 15.32 -29.93
C ASN H 256 -4.70 15.49 -28.92
N ALA H 257 -4.42 14.45 -28.15
CA ALA H 257 -3.32 14.50 -27.20
C ALA H 257 -2.00 14.68 -27.94
N SER H 258 -1.86 13.95 -29.04
CA SER H 258 -0.65 14.02 -29.86
C SER H 258 -0.44 15.38 -30.55
N HIS H 259 -1.53 16.11 -30.79
CA HIS H 259 -1.43 17.36 -31.53
C HIS H 259 -1.83 18.58 -30.70
N GLY H 260 -1.89 18.40 -29.38
CA GLY H 260 -2.25 19.50 -28.48
C GLY H 260 -3.65 20.05 -28.69
N GLY H 261 -4.59 19.20 -29.08
CA GLY H 261 -5.97 19.61 -29.29
C GLY H 261 -6.80 19.67 -27.99
N TYR H 262 -7.87 20.46 -28.03
CA TYR H 262 -8.77 20.62 -26.87
C TYR H 262 -9.56 19.34 -26.63
N ARG H 263 -10.08 19.16 -25.42
CA ARG H 263 -10.93 18.00 -25.14
C ARG H 263 -12.40 18.36 -25.14
N MET H 264 -13.27 17.36 -25.19
CA MET H 264 -14.71 17.58 -25.37
C MET H 264 -15.62 16.90 -24.34
N GLY H 265 -15.05 16.07 -23.46
CA GLY H 265 -15.83 15.41 -22.43
C GLY H 265 -16.62 14.24 -22.96
N ALA H 266 -17.78 13.97 -22.36
CA ALA H 266 -18.49 12.72 -22.60
C ALA H 266 -19.35 12.73 -23.87
N ILE H 267 -18.85 13.36 -24.93
CA ILE H 267 -19.50 13.37 -26.23
C ILE H 267 -18.59 12.63 -27.21
N PHE H 268 -19.16 11.70 -27.97
CA PHE H 268 -18.36 10.67 -28.63
C PHE H 268 -18.47 10.63 -30.17
N GLY H 269 -19.17 11.61 -30.77
CA GLY H 269 -19.34 11.64 -32.21
C GLY H 269 -18.02 11.67 -32.95
N GLY H 270 -17.14 12.57 -32.53
CA GLY H 270 -15.81 12.67 -33.11
C GLY H 270 -14.96 11.43 -32.90
N MET H 271 -15.15 10.73 -31.77
CA MET H 271 -14.42 9.50 -31.52
C MET H 271 -14.74 8.47 -32.58
N TYR H 272 -16.04 8.32 -32.86
CA TYR H 272 -16.50 7.32 -33.80
C TYR H 272 -16.03 7.68 -35.20
N LEU H 273 -16.17 8.94 -35.58
CA LEU H 273 -15.73 9.39 -36.88
C LEU H 273 -14.22 9.26 -37.05
N SER H 274 -13.47 9.59 -35.99
CA SER H 274 -12.02 9.45 -36.03
C SER H 274 -11.63 8.01 -36.31
N GLY H 275 -12.26 7.08 -35.61
CA GLY H 275 -11.98 5.67 -35.82
C GLY H 275 -12.23 5.25 -37.26
N LYS H 276 -13.35 5.70 -37.81
CA LYS H 276 -13.73 5.39 -39.18
C LYS H 276 -12.74 6.01 -40.16
N LEU H 277 -12.48 7.30 -40.01
CA LEU H 277 -11.50 7.98 -40.85
C LEU H 277 -10.15 7.25 -40.80
N CYS H 278 -9.76 6.83 -39.61
CA CYS H 278 -8.48 6.14 -39.42
C CYS H 278 -8.46 4.85 -40.23
N ALA H 279 -9.58 4.14 -40.24
CA ALA H 279 -9.69 2.93 -41.06
C ALA H 279 -9.58 3.25 -42.55
N GLU H 280 -10.22 4.33 -42.99
CA GLU H 280 -10.15 4.72 -44.39
C GLU H 280 -8.73 5.07 -44.83
N LEU H 281 -8.02 5.83 -44.01
CA LEU H 281 -6.62 6.17 -44.29
C LEU H 281 -5.74 4.93 -44.39
N ILE H 282 -5.99 3.96 -43.53
CA ILE H 282 -5.16 2.76 -43.47
C ILE H 282 -5.48 1.86 -44.67
N THR H 283 -6.77 1.71 -44.96
CA THR H 283 -7.23 0.99 -46.15
C THR H 283 -6.54 1.50 -47.42
N GLU H 284 -6.50 2.80 -47.57
CA GLU H 284 -5.86 3.41 -48.72
C GLU H 284 -4.37 3.02 -48.79
N LYS H 285 -3.65 3.28 -47.71
CA LYS H 285 -2.23 2.96 -47.65
C LYS H 285 -1.94 1.49 -47.92
N LEU H 286 -2.80 0.60 -47.44
CA LEU H 286 -2.52 -0.83 -47.49
C LEU H 286 -2.96 -1.54 -48.75
N LYS H 287 -3.99 -1.04 -49.43
CA LYS H 287 -4.43 -1.68 -50.67
C LYS H 287 -3.31 -1.51 -51.70
#